data_2KIC
#
_entry.id   2KIC
#
_entity_poly.entity_id   1
_entity_poly.type   'polypeptide(L)'
_entity_poly.pdbx_seq_one_letter_code
;GHMVTPVNMSRETALRIALAARALPGTTVGQLLEILHQRIEGPLTEESLQGVSVTDLKIGLAGSEEDVDMLDTPMSALKD
AVRILWGEAEVDSLPQPV
;
_entity_poly.pdbx_strand_id   A
#
# COMPACT_ATOMS: atom_id res chain seq x y z
N MET A 3 -28.22 2.93 -4.98
CA MET A 3 -26.82 2.43 -5.09
C MET A 3 -25.86 3.42 -4.44
N VAL A 4 -24.59 3.08 -4.41
CA VAL A 4 -23.57 3.94 -3.81
C VAL A 4 -22.18 3.47 -4.19
N THR A 5 -22.10 2.30 -4.81
CA THR A 5 -20.81 1.75 -5.22
C THR A 5 -19.89 1.58 -4.00
N PRO A 6 -20.15 0.58 -3.19
CA PRO A 6 -19.33 0.31 -1.98
C PRO A 6 -18.02 -0.40 -2.31
N VAL A 7 -16.91 0.22 -1.93
CA VAL A 7 -15.60 -0.36 -2.20
C VAL A 7 -15.24 -1.40 -1.13
N ASN A 8 -15.67 -1.13 0.11
CA ASN A 8 -15.39 -2.04 1.22
C ASN A 8 -16.55 -2.02 2.22
N MET A 9 -16.58 -3.01 3.09
CA MET A 9 -17.64 -3.09 4.10
C MET A 9 -17.41 -2.07 5.21
N SER A 10 -16.15 -1.86 5.57
CA SER A 10 -15.80 -0.90 6.63
C SER A 10 -14.89 0.19 6.07
N ARG A 11 -15.13 1.43 6.49
CA ARG A 11 -14.32 2.54 6.03
C ARG A 11 -12.92 2.45 6.63
N GLU A 12 -12.84 1.96 7.86
CA GLU A 12 -11.56 1.83 8.53
C GLU A 12 -10.54 1.15 7.59
N THR A 13 -11.03 0.26 6.73
CA THR A 13 -10.15 -0.42 5.78
C THR A 13 -9.70 0.58 4.74
N ALA A 14 -10.53 1.59 4.59
CA ALA A 14 -10.28 2.67 3.65
C ALA A 14 -9.34 3.71 4.29
N LEU A 15 -9.87 4.41 5.27
CA LEU A 15 -9.12 5.44 5.99
C LEU A 15 -7.65 5.04 6.19
N ARG A 16 -7.40 3.75 6.32
CA ARG A 16 -6.04 3.26 6.57
C ARG A 16 -5.20 3.18 5.30
N ILE A 17 -5.79 2.75 4.19
CA ILE A 17 -5.04 2.62 2.95
C ILE A 17 -4.51 3.97 2.48
N ALA A 18 -5.04 5.06 3.05
CA ALA A 18 -4.62 6.39 2.65
C ALA A 18 -3.64 6.98 3.64
N LEU A 19 -3.55 6.40 4.82
CA LEU A 19 -2.60 6.88 5.81
C LEU A 19 -1.19 6.48 5.35
N ALA A 20 -1.12 5.35 4.67
CA ALA A 20 0.15 4.85 4.16
C ALA A 20 0.81 5.90 3.28
N ALA A 21 0.02 6.54 2.43
CA ALA A 21 0.55 7.57 1.54
C ALA A 21 1.59 8.43 2.30
N ARG A 22 1.35 8.63 3.59
CA ARG A 22 2.26 9.41 4.41
C ARG A 22 3.59 8.66 4.57
N ALA A 23 3.52 7.35 4.77
CA ALA A 23 4.71 6.53 4.93
C ALA A 23 5.64 6.72 3.75
N LEU A 24 5.16 7.44 2.74
CA LEU A 24 5.93 7.68 1.53
C LEU A 24 6.22 9.18 1.41
N PRO A 25 7.32 9.56 0.81
CA PRO A 25 7.67 11.00 0.64
C PRO A 25 6.59 11.79 -0.11
N GLY A 26 6.59 11.68 -1.44
CA GLY A 26 5.61 12.41 -2.26
C GLY A 26 4.68 11.48 -3.03
N THR A 27 4.75 10.18 -2.74
CA THR A 27 3.88 9.23 -3.43
C THR A 27 2.45 9.35 -2.92
N THR A 28 1.51 9.54 -3.84
CA THR A 28 0.11 9.69 -3.47
C THR A 28 -0.52 8.33 -3.16
N VAL A 29 -1.71 8.38 -2.59
CA VAL A 29 -2.44 7.17 -2.21
C VAL A 29 -2.74 6.31 -3.43
N GLY A 30 -3.51 6.88 -4.35
CA GLY A 30 -3.90 6.15 -5.55
C GLY A 30 -2.72 5.97 -6.52
N GLN A 31 -1.51 6.28 -6.07
CA GLN A 31 -0.33 6.14 -6.94
C GLN A 31 0.38 4.82 -6.64
N LEU A 32 0.22 4.32 -5.42
CA LEU A 32 0.88 3.07 -5.02
C LEU A 32 -0.05 1.87 -5.19
N LEU A 33 -1.36 2.11 -5.30
CA LEU A 33 -2.33 1.02 -5.47
C LEU A 33 -2.54 0.69 -6.95
N GLU A 34 -2.73 1.73 -7.75
CA GLU A 34 -2.95 1.54 -9.19
C GLU A 34 -1.98 0.53 -9.78
N ILE A 35 -0.83 0.35 -9.13
CA ILE A 35 0.18 -0.58 -9.62
C ILE A 35 -0.43 -1.95 -9.92
N LEU A 36 -1.45 -2.34 -9.16
CA LEU A 36 -2.09 -3.63 -9.39
C LEU A 36 -2.59 -3.73 -10.83
N HIS A 37 -2.64 -2.58 -11.50
CA HIS A 37 -3.09 -2.54 -12.88
C HIS A 37 -4.55 -2.99 -12.98
N GLN A 38 -4.81 -3.95 -13.86
CA GLN A 38 -6.17 -4.45 -14.04
C GLN A 38 -7.13 -3.31 -14.31
N ARG A 39 -7.56 -3.18 -15.56
CA ARG A 39 -8.48 -2.12 -15.95
C ARG A 39 -9.67 -2.07 -15.00
N ILE A 40 -10.46 -3.13 -14.98
CA ILE A 40 -11.65 -3.19 -14.11
C ILE A 40 -11.29 -2.72 -12.70
N GLU A 41 -12.25 -2.05 -12.07
CA GLU A 41 -12.04 -1.53 -10.72
C GLU A 41 -12.24 -2.64 -9.68
N GLY A 42 -13.49 -2.99 -9.42
CA GLY A 42 -13.79 -4.02 -8.44
C GLY A 42 -13.47 -3.54 -7.02
N PRO A 43 -14.02 -4.18 -6.02
CA PRO A 43 -13.78 -3.79 -4.59
C PRO A 43 -12.39 -4.24 -4.11
N LEU A 44 -11.64 -3.31 -3.54
CA LEU A 44 -10.31 -3.62 -3.03
C LEU A 44 -10.40 -4.14 -1.59
N THR A 45 -10.45 -5.46 -1.45
CA THR A 45 -10.55 -6.08 -0.13
C THR A 45 -9.19 -6.17 0.54
N GLU A 46 -9.16 -6.79 1.71
CA GLU A 46 -7.92 -6.95 2.46
C GLU A 46 -7.06 -8.04 1.84
N GLU A 47 -7.70 -8.98 1.16
CA GLU A 47 -6.99 -10.08 0.51
C GLU A 47 -6.43 -9.63 -0.85
N SER A 48 -7.17 -8.75 -1.51
CA SER A 48 -6.74 -8.25 -2.82
C SER A 48 -5.35 -7.64 -2.72
N LEU A 49 -5.14 -6.80 -1.70
CA LEU A 49 -3.84 -6.16 -1.52
C LEU A 49 -2.74 -7.19 -1.31
N GLN A 50 -3.08 -8.28 -0.61
CA GLN A 50 -2.11 -9.33 -0.35
C GLN A 50 -1.96 -10.24 -1.56
N GLY A 51 -1.33 -9.72 -2.61
CA GLY A 51 -1.13 -10.49 -3.83
C GLY A 51 0.10 -9.99 -4.58
N VAL A 52 0.76 -8.97 -4.02
CA VAL A 52 1.96 -8.40 -4.64
C VAL A 52 3.12 -8.46 -3.64
N SER A 53 4.31 -8.05 -4.08
CA SER A 53 5.50 -8.04 -3.21
C SER A 53 5.97 -6.62 -3.04
N VAL A 54 6.80 -6.36 -2.03
CA VAL A 54 7.30 -5.01 -1.79
C VAL A 54 8.00 -4.46 -3.04
N THR A 55 8.82 -5.29 -3.67
CA THR A 55 9.56 -4.85 -4.86
C THR A 55 8.63 -4.33 -5.96
N ASP A 56 7.38 -4.77 -5.96
CA ASP A 56 6.45 -4.33 -6.99
C ASP A 56 6.00 -2.89 -6.74
N LEU A 57 5.94 -2.51 -5.47
CA LEU A 57 5.48 -1.17 -5.09
C LEU A 57 6.41 -0.07 -5.58
N LYS A 58 7.64 -0.05 -5.06
CA LYS A 58 8.61 1.00 -5.44
C LYS A 58 8.79 1.10 -6.95
N ILE A 59 8.78 -0.03 -7.64
CA ILE A 59 8.97 -0.02 -9.09
C ILE A 59 7.68 0.41 -9.78
N GLY A 60 6.57 0.32 -9.05
CA GLY A 60 5.27 0.69 -9.58
C GLY A 60 5.20 2.19 -9.87
N LEU A 61 5.78 2.99 -9.00
CA LEU A 61 5.76 4.45 -9.18
C LEU A 61 6.71 4.84 -10.30
N ALA A 62 7.98 4.48 -10.17
CA ALA A 62 8.96 4.81 -11.20
C ALA A 62 8.68 3.98 -12.45
N GLY A 63 8.24 2.73 -12.24
CA GLY A 63 7.91 1.83 -13.35
C GLY A 63 9.00 0.79 -13.57
N SER A 64 10.26 1.16 -13.32
CA SER A 64 11.38 0.22 -13.51
C SER A 64 12.36 0.30 -12.35
N GLU A 65 12.65 -0.86 -11.77
CA GLU A 65 13.59 -0.94 -10.66
C GLU A 65 14.94 -0.38 -11.06
N GLU A 66 15.05 0.04 -12.31
CA GLU A 66 16.31 0.59 -12.81
C GLU A 66 16.48 2.04 -12.37
N ASP A 67 15.41 2.84 -12.49
CA ASP A 67 15.48 4.25 -12.14
C ASP A 67 14.90 4.55 -10.75
N VAL A 68 14.28 3.57 -10.10
CA VAL A 68 13.71 3.82 -8.78
C VAL A 68 14.74 4.51 -7.88
N ASP A 69 16.01 4.27 -8.14
CA ASP A 69 17.08 4.86 -7.34
C ASP A 69 16.89 6.38 -7.21
N MET A 70 16.39 7.00 -8.28
CA MET A 70 16.19 8.45 -8.27
C MET A 70 14.88 8.79 -7.57
N LEU A 71 13.99 7.81 -7.45
CA LEU A 71 12.71 8.02 -6.81
C LEU A 71 12.90 8.34 -5.33
N ASP A 72 12.32 9.46 -4.90
CA ASP A 72 12.44 9.89 -3.51
C ASP A 72 12.04 8.76 -2.55
N THR A 73 11.26 7.82 -3.06
CA THR A 73 10.82 6.69 -2.23
C THR A 73 12.02 5.83 -1.83
N PRO A 74 12.35 5.73 -0.55
CA PRO A 74 13.51 4.90 -0.12
C PRO A 74 13.19 3.40 -0.21
N MET A 75 13.86 2.60 0.59
CA MET A 75 13.64 1.14 0.60
C MET A 75 13.01 0.72 1.91
N SER A 76 12.74 1.69 2.78
CA SER A 76 12.14 1.42 4.08
C SER A 76 10.70 1.93 4.13
N ALA A 77 10.36 2.82 3.21
CA ALA A 77 9.02 3.38 3.15
C ALA A 77 8.03 2.31 2.68
N LEU A 78 8.49 1.43 1.80
CA LEU A 78 7.62 0.38 1.30
C LEU A 78 7.27 -0.56 2.45
N LYS A 79 8.29 -0.96 3.21
CA LYS A 79 8.05 -1.84 4.35
C LYS A 79 7.03 -1.20 5.28
N ASP A 80 7.10 0.13 5.38
CA ASP A 80 6.19 0.87 6.23
C ASP A 80 4.78 0.82 5.63
N ALA A 81 4.64 1.31 4.40
CA ALA A 81 3.34 1.32 3.73
C ALA A 81 2.81 -0.08 3.51
N VAL A 82 3.53 -0.89 2.71
CA VAL A 82 3.10 -2.26 2.39
C VAL A 82 2.40 -2.91 3.59
N ARG A 83 2.76 -2.46 4.79
CA ARG A 83 2.17 -3.00 6.01
C ARG A 83 0.76 -2.46 6.21
N ILE A 84 0.66 -1.15 6.27
CA ILE A 84 -0.62 -0.49 6.50
C ILE A 84 -1.74 -1.04 5.59
N LEU A 85 -1.46 -1.30 4.31
CA LEU A 85 -2.52 -1.84 3.44
C LEU A 85 -2.67 -3.34 3.68
N TRP A 86 -1.57 -4.00 4.01
CA TRP A 86 -1.63 -5.44 4.26
C TRP A 86 -2.77 -5.76 5.24
N GLY A 87 -3.12 -4.79 6.07
CA GLY A 87 -4.18 -4.96 7.06
C GLY A 87 -3.58 -5.38 8.40
N GLU A 88 -2.27 -5.24 8.52
CA GLU A 88 -1.56 -5.58 9.76
C GLU A 88 -0.97 -4.33 10.39
N ALA A 89 -1.36 -3.18 9.84
CA ALA A 89 -0.89 -1.87 10.32
C ALA A 89 -0.54 -1.90 11.81
N GLU A 90 -1.31 -2.64 12.59
CA GLU A 90 -1.05 -2.74 14.03
C GLU A 90 0.26 -3.46 14.29
N VAL A 91 0.99 -2.99 15.30
CA VAL A 91 2.27 -3.60 15.65
C VAL A 91 2.08 -5.00 16.20
N ASP A 92 3.10 -5.85 16.05
CA ASP A 92 3.04 -7.23 16.54
C ASP A 92 3.43 -7.28 18.01
N SER A 93 4.14 -8.34 18.39
CA SER A 93 4.58 -8.51 19.76
C SER A 93 5.57 -7.43 20.16
N LEU A 94 6.15 -7.56 21.35
CA LEU A 94 7.12 -6.58 21.85
C LEU A 94 8.50 -6.85 21.23
N PRO A 95 9.32 -5.83 21.06
CA PRO A 95 10.69 -5.99 20.48
C PRO A 95 11.36 -7.28 20.96
N GLN A 96 11.72 -7.34 22.23
CA GLN A 96 12.38 -8.50 22.79
C GLN A 96 11.50 -9.74 22.64
N PRO A 97 12.08 -10.93 22.53
CA PRO A 97 11.30 -12.19 22.39
C PRO A 97 10.66 -12.61 23.71
N VAL A 98 9.33 -12.58 23.75
CA VAL A 98 8.61 -12.96 24.96
C VAL A 98 8.54 -14.47 25.09
N MET A 3 -30.06 -11.72 2.49
CA MET A 3 -29.59 -12.02 3.88
C MET A 3 -28.96 -13.42 3.91
N VAL A 4 -27.76 -13.53 3.34
CA VAL A 4 -27.06 -14.81 3.31
C VAL A 4 -25.59 -14.59 2.98
N THR A 5 -25.28 -13.39 2.51
CA THR A 5 -23.90 -13.05 2.14
C THR A 5 -23.69 -11.53 2.21
N PRO A 6 -23.91 -10.95 3.36
CA PRO A 6 -23.75 -9.48 3.55
C PRO A 6 -22.28 -9.05 3.57
N VAL A 7 -21.81 -8.57 2.41
CA VAL A 7 -20.42 -8.14 2.29
C VAL A 7 -20.24 -6.72 2.81
N ASN A 8 -21.03 -6.37 3.84
CA ASN A 8 -20.96 -5.03 4.43
C ASN A 8 -19.50 -4.57 4.58
N MET A 9 -19.04 -3.78 3.62
CA MET A 9 -17.67 -3.27 3.64
C MET A 9 -17.47 -2.36 4.85
N SER A 10 -16.28 -2.42 5.44
CA SER A 10 -15.98 -1.58 6.60
C SER A 10 -15.43 -0.24 6.14
N ARG A 11 -14.56 0.37 6.96
CA ARG A 11 -13.96 1.64 6.62
C ARG A 11 -12.52 1.67 7.11
N GLU A 12 -12.32 1.39 8.40
CA GLU A 12 -10.97 1.36 8.96
C GLU A 12 -10.03 0.63 8.00
N THR A 13 -10.60 -0.23 7.16
CA THR A 13 -9.82 -0.96 6.19
C THR A 13 -9.45 0.01 5.08
N ALA A 14 -10.47 0.69 4.58
CA ALA A 14 -10.30 1.68 3.54
C ALA A 14 -9.37 2.79 4.02
N LEU A 15 -9.88 3.60 4.93
CA LEU A 15 -9.13 4.72 5.51
C LEU A 15 -7.62 4.43 5.57
N ARG A 16 -7.26 3.28 6.14
CA ARG A 16 -5.86 2.90 6.30
C ARG A 16 -5.09 2.88 4.98
N ILE A 17 -5.77 2.59 3.87
CA ILE A 17 -5.09 2.54 2.58
C ILE A 17 -4.57 3.92 2.17
N ALA A 18 -5.09 4.97 2.79
CA ALA A 18 -4.66 6.34 2.47
C ALA A 18 -3.67 6.89 3.47
N LEU A 19 -3.61 6.28 4.64
CA LEU A 19 -2.65 6.73 5.64
C LEU A 19 -1.24 6.36 5.18
N ALA A 20 -1.16 5.29 4.40
CA ALA A 20 0.11 4.83 3.87
C ALA A 20 0.77 5.94 3.06
N ALA A 21 0.00 6.64 2.25
CA ALA A 21 0.54 7.72 1.44
C ALA A 21 1.55 8.53 2.27
N ARG A 22 1.29 8.64 3.57
CA ARG A 22 2.20 9.36 4.46
C ARG A 22 3.52 8.59 4.60
N ALA A 23 3.42 7.27 4.76
CA ALA A 23 4.61 6.43 4.90
C ALA A 23 5.53 6.64 3.72
N LEU A 24 5.06 7.40 2.76
CA LEU A 24 5.81 7.69 1.54
C LEU A 24 6.10 9.19 1.47
N PRO A 25 7.19 9.60 0.87
CA PRO A 25 7.54 11.04 0.75
C PRO A 25 6.49 11.85 -0.02
N GLY A 26 6.65 11.90 -1.33
CA GLY A 26 5.72 12.67 -2.18
C GLY A 26 4.70 11.77 -2.87
N THR A 27 4.87 10.45 -2.77
CA THR A 27 3.94 9.53 -3.40
C THR A 27 2.53 9.73 -2.84
N THR A 28 1.56 9.82 -3.75
CA THR A 28 0.17 10.02 -3.36
C THR A 28 -0.53 8.66 -3.17
N VAL A 29 -1.68 8.70 -2.53
CA VAL A 29 -2.46 7.48 -2.29
C VAL A 29 -2.77 6.75 -3.58
N GLY A 30 -3.40 7.45 -4.50
CA GLY A 30 -3.79 6.86 -5.77
C GLY A 30 -2.61 6.63 -6.70
N GLN A 31 -1.38 6.82 -6.22
CA GLN A 31 -0.22 6.61 -7.08
C GLN A 31 0.37 5.22 -6.87
N LEU A 32 0.04 4.59 -5.74
CA LEU A 32 0.56 3.26 -5.45
C LEU A 32 -0.28 2.16 -6.10
N LEU A 33 -1.60 2.34 -6.12
CA LEU A 33 -2.48 1.34 -6.71
C LEU A 33 -2.48 1.43 -8.23
N GLU A 34 -2.33 2.66 -8.74
CA GLU A 34 -2.31 2.89 -10.18
C GLU A 34 -1.65 1.74 -10.95
N ILE A 35 -0.73 1.04 -10.29
CA ILE A 35 -0.04 -0.08 -10.92
C ILE A 35 -1.04 -1.12 -11.44
N LEU A 36 -2.07 -1.38 -10.64
CA LEU A 36 -3.08 -2.36 -11.02
C LEU A 36 -4.08 -1.74 -12.00
N HIS A 37 -5.02 -0.96 -11.48
CA HIS A 37 -6.02 -0.31 -12.32
C HIS A 37 -6.85 -1.35 -13.06
N GLN A 38 -7.04 -1.14 -14.36
CA GLN A 38 -7.81 -2.07 -15.18
C GLN A 38 -9.17 -2.34 -14.55
N ARG A 39 -9.97 -3.16 -15.23
CA ARG A 39 -11.30 -3.50 -14.74
C ARG A 39 -11.21 -4.42 -13.53
N ILE A 40 -12.04 -4.15 -12.52
CA ILE A 40 -12.04 -4.97 -11.31
C ILE A 40 -12.30 -6.43 -11.65
N GLU A 41 -11.42 -7.31 -11.17
CA GLU A 41 -11.57 -8.74 -11.42
C GLU A 41 -12.73 -9.31 -10.62
N GLY A 42 -12.84 -8.88 -9.36
CA GLY A 42 -13.92 -9.35 -8.50
C GLY A 42 -13.75 -8.82 -7.07
N PRO A 43 -12.95 -9.50 -6.27
CA PRO A 43 -12.71 -9.07 -4.85
C PRO A 43 -11.92 -7.76 -4.79
N LEU A 44 -12.26 -6.90 -3.84
CA LEU A 44 -11.59 -5.61 -3.68
C LEU A 44 -11.38 -5.29 -2.21
N THR A 45 -11.14 -6.33 -1.41
CA THR A 45 -10.91 -6.16 0.03
C THR A 45 -9.41 -6.19 0.33
N GLU A 46 -9.06 -5.99 1.58
CA GLU A 46 -7.65 -5.99 1.97
C GLU A 46 -6.98 -7.30 1.55
N GLU A 47 -7.75 -8.37 1.57
CA GLU A 47 -7.22 -9.68 1.19
C GLU A 47 -6.72 -9.65 -0.25
N SER A 48 -7.44 -8.93 -1.11
CA SER A 48 -7.07 -8.83 -2.51
C SER A 48 -5.72 -8.14 -2.67
N LEU A 49 -5.44 -7.18 -1.79
CA LEU A 49 -4.18 -6.45 -1.86
C LEU A 49 -3.01 -7.34 -1.45
N GLN A 50 -3.27 -8.26 -0.53
CA GLN A 50 -2.23 -9.17 -0.07
C GLN A 50 -1.93 -10.22 -1.13
N GLY A 51 -1.35 -9.78 -2.25
CA GLY A 51 -1.01 -10.68 -3.34
C GLY A 51 0.18 -10.14 -4.13
N VAL A 52 0.88 -9.17 -3.55
CA VAL A 52 2.05 -8.56 -4.19
C VAL A 52 3.25 -8.61 -3.22
N SER A 53 4.40 -8.15 -3.68
CA SER A 53 5.61 -8.12 -2.85
C SER A 53 6.07 -6.68 -2.70
N VAL A 54 6.94 -6.41 -1.73
CA VAL A 54 7.43 -5.04 -1.52
C VAL A 54 8.08 -4.50 -2.80
N THR A 55 8.92 -5.31 -3.44
CA THR A 55 9.62 -4.89 -4.65
C THR A 55 8.64 -4.38 -5.72
N ASP A 56 7.41 -4.85 -5.66
CA ASP A 56 6.42 -4.43 -6.66
C ASP A 56 5.95 -3.00 -6.41
N LEU A 57 5.93 -2.61 -5.15
CA LEU A 57 5.45 -1.28 -4.77
C LEU A 57 6.36 -0.16 -5.31
N LYS A 58 7.61 -0.12 -4.86
CA LYS A 58 8.53 0.93 -5.28
C LYS A 58 8.66 1.04 -6.80
N ILE A 59 8.61 -0.09 -7.48
CA ILE A 59 8.74 -0.08 -8.93
C ILE A 59 7.43 0.35 -9.57
N GLY A 60 6.35 0.25 -8.79
CA GLY A 60 5.03 0.64 -9.27
C GLY A 60 4.95 2.15 -9.53
N LEU A 61 5.65 2.93 -8.70
CA LEU A 61 5.63 4.38 -8.87
C LEU A 61 6.52 4.80 -10.02
N ALA A 62 7.80 4.43 -9.98
CA ALA A 62 8.71 4.79 -11.05
C ALA A 62 8.39 3.97 -12.30
N GLY A 63 7.93 2.74 -12.09
CA GLY A 63 7.59 1.88 -13.22
C GLY A 63 8.82 1.14 -13.74
N SER A 64 10.00 1.51 -13.25
CA SER A 64 11.24 0.86 -13.70
C SER A 64 12.19 0.58 -12.55
N GLU A 65 12.31 -0.69 -12.20
CA GLU A 65 13.21 -1.12 -11.13
C GLU A 65 14.63 -0.65 -11.44
N GLU A 66 14.80 -0.05 -12.61
CA GLU A 66 16.11 0.45 -13.00
C GLU A 66 16.32 1.87 -12.49
N ASP A 67 15.30 2.71 -12.60
CA ASP A 67 15.41 4.11 -12.17
C ASP A 67 14.96 4.33 -10.73
N VAL A 68 14.30 3.35 -10.12
CA VAL A 68 13.85 3.53 -8.74
C VAL A 68 15.00 4.02 -7.87
N ASP A 69 16.21 3.69 -8.26
CA ASP A 69 17.39 4.10 -7.51
C ASP A 69 17.41 5.62 -7.36
N MET A 70 16.62 6.31 -8.18
CA MET A 70 16.55 7.77 -8.15
C MET A 70 15.29 8.23 -7.42
N LEU A 71 14.22 7.44 -7.55
CA LEU A 71 12.96 7.77 -6.90
C LEU A 71 13.19 8.11 -5.43
N ASP A 72 12.62 9.23 -4.99
CA ASP A 72 12.78 9.66 -3.60
C ASP A 72 12.31 8.59 -2.62
N THR A 73 11.31 7.82 -3.02
CA THR A 73 10.77 6.75 -2.17
C THR A 73 11.91 5.92 -1.57
N PRO A 74 12.23 6.07 -0.30
CA PRO A 74 13.34 5.27 0.30
C PRO A 74 13.12 3.77 0.10
N MET A 75 13.83 2.96 0.88
CA MET A 75 13.69 1.51 0.81
C MET A 75 12.97 1.02 2.06
N SER A 76 12.72 1.96 2.97
CA SER A 76 12.04 1.66 4.23
C SER A 76 10.57 2.10 4.17
N ALA A 77 10.30 3.10 3.34
CA ALA A 77 8.94 3.61 3.20
C ALA A 77 8.01 2.49 2.74
N LEU A 78 8.54 1.59 1.93
CA LEU A 78 7.74 0.47 1.44
C LEU A 78 7.38 -0.43 2.61
N LYS A 79 8.39 -0.86 3.35
CA LYS A 79 8.16 -1.72 4.50
C LYS A 79 7.11 -1.09 5.40
N ASP A 80 7.15 0.24 5.47
CA ASP A 80 6.22 0.99 6.29
C ASP A 80 4.81 0.88 5.71
N ALA A 81 4.66 1.32 4.46
CA ALA A 81 3.35 1.28 3.79
C ALA A 81 2.86 -0.16 3.61
N VAL A 82 3.62 -0.98 2.87
CA VAL A 82 3.23 -2.38 2.61
C VAL A 82 2.51 -2.99 3.79
N ARG A 83 2.78 -2.47 4.98
CA ARG A 83 2.15 -2.97 6.19
C ARG A 83 0.75 -2.43 6.31
N ILE A 84 0.66 -1.10 6.29
CA ILE A 84 -0.62 -0.43 6.41
C ILE A 84 -1.68 -1.03 5.49
N LEU A 85 -1.34 -1.32 4.23
CA LEU A 85 -2.35 -1.89 3.33
C LEU A 85 -2.60 -3.34 3.69
N TRP A 86 -1.54 -4.05 4.07
CA TRP A 86 -1.69 -5.46 4.45
C TRP A 86 -2.88 -5.63 5.38
N GLY A 87 -3.31 -4.53 5.99
CA GLY A 87 -4.43 -4.56 6.92
C GLY A 87 -3.97 -4.98 8.31
N GLU A 88 -2.64 -4.97 8.51
CA GLU A 88 -2.05 -5.34 9.80
C GLU A 88 -1.62 -4.09 10.55
N ALA A 89 -1.78 -2.92 9.90
CA ALA A 89 -1.41 -1.64 10.49
C ALA A 89 -1.59 -1.65 12.02
N GLU A 90 -2.59 -2.40 12.48
CA GLU A 90 -2.87 -2.49 13.91
C GLU A 90 -1.59 -2.60 14.73
N VAL A 91 -0.73 -3.55 14.36
CA VAL A 91 0.52 -3.75 15.09
C VAL A 91 1.31 -2.44 15.16
N ASP A 92 1.75 -2.09 16.37
CA ASP A 92 2.52 -0.86 16.56
C ASP A 92 3.98 -1.09 16.20
N SER A 93 4.85 -1.12 17.22
CA SER A 93 6.27 -1.32 16.99
C SER A 93 6.56 -2.78 16.69
N LEU A 94 7.80 -3.08 16.31
CA LEU A 94 8.19 -4.44 15.99
C LEU A 94 8.41 -5.23 17.29
N PRO A 95 8.19 -6.53 17.28
CA PRO A 95 8.38 -7.39 18.48
C PRO A 95 9.57 -6.94 19.32
N GLN A 96 10.76 -7.09 18.77
CA GLN A 96 11.98 -6.70 19.47
C GLN A 96 11.95 -5.20 19.78
N PRO A 97 12.62 -4.76 20.83
CA PRO A 97 12.65 -3.31 21.19
C PRO A 97 12.70 -2.40 19.97
N VAL A 98 12.34 -1.14 20.18
CA VAL A 98 12.36 -0.17 19.08
C VAL A 98 13.79 0.15 18.65
N MET A 3 -18.49 -18.37 4.23
CA MET A 3 -18.95 -17.50 5.34
C MET A 3 -19.59 -16.23 4.77
N VAL A 4 -19.86 -15.26 5.63
CA VAL A 4 -20.47 -14.01 5.20
C VAL A 4 -20.30 -12.94 6.27
N THR A 5 -20.27 -13.36 7.52
CA THR A 5 -20.11 -12.44 8.64
C THR A 5 -21.26 -11.42 8.65
N PRO A 6 -21.68 -10.94 9.81
CA PRO A 6 -22.78 -9.94 9.90
C PRO A 6 -22.33 -8.55 9.45
N VAL A 7 -21.02 -8.38 9.29
CA VAL A 7 -20.47 -7.10 8.86
C VAL A 7 -19.03 -7.26 8.40
N ASN A 8 -18.68 -6.59 7.31
CA ASN A 8 -17.33 -6.67 6.77
C ASN A 8 -17.08 -5.55 5.76
N MET A 9 -15.82 -5.35 5.40
CA MET A 9 -15.46 -4.30 4.44
C MET A 9 -15.89 -2.94 4.96
N SER A 10 -15.38 -2.57 6.14
CA SER A 10 -15.71 -1.28 6.74
C SER A 10 -14.82 -0.18 6.17
N ARG A 11 -15.04 1.06 6.60
CA ARG A 11 -14.26 2.18 6.12
C ARG A 11 -12.91 2.22 6.82
N GLU A 12 -12.90 1.94 8.12
CA GLU A 12 -11.66 1.96 8.89
C GLU A 12 -10.55 1.27 8.10
N THR A 13 -10.93 0.34 7.25
CA THR A 13 -9.96 -0.36 6.42
C THR A 13 -9.57 0.57 5.28
N ALA A 14 -10.58 1.12 4.63
CA ALA A 14 -10.36 2.06 3.55
C ALA A 14 -9.42 3.16 4.01
N LEU A 15 -9.92 3.99 4.90
CA LEU A 15 -9.16 5.10 5.47
C LEU A 15 -7.68 4.75 5.61
N ARG A 16 -7.39 3.60 6.23
CA ARG A 16 -6.02 3.16 6.45
C ARG A 16 -5.22 3.11 5.15
N ILE A 17 -5.87 2.77 4.04
CA ILE A 17 -5.18 2.69 2.76
C ILE A 17 -4.61 4.03 2.34
N ALA A 18 -5.09 5.11 2.95
CA ALA A 18 -4.61 6.45 2.60
C ALA A 18 -3.58 6.96 3.59
N LEU A 19 -3.50 6.32 4.75
CA LEU A 19 -2.52 6.73 5.73
C LEU A 19 -1.14 6.35 5.21
N ALA A 20 -1.11 5.27 4.44
CA ALA A 20 0.13 4.78 3.85
C ALA A 20 0.78 5.88 3.02
N ALA A 21 -0.03 6.57 2.21
CA ALA A 21 0.50 7.65 1.38
C ALA A 21 1.51 8.48 2.18
N ARG A 22 1.21 8.66 3.46
CA ARG A 22 2.08 9.42 4.34
C ARG A 22 3.41 8.69 4.50
N ALA A 23 3.35 7.36 4.63
CA ALA A 23 4.55 6.56 4.77
C ALA A 23 5.48 6.75 3.59
N LEU A 24 5.02 7.52 2.62
CA LEU A 24 5.80 7.77 1.40
C LEU A 24 6.11 9.26 1.27
N PRO A 25 7.30 9.63 0.85
CA PRO A 25 7.67 11.07 0.70
C PRO A 25 6.55 11.92 0.13
N GLY A 26 6.24 11.74 -1.16
CA GLY A 26 5.19 12.51 -1.82
C GLY A 26 4.29 11.61 -2.66
N THR A 27 4.57 10.31 -2.66
CA THR A 27 3.75 9.39 -3.44
C THR A 27 2.29 9.49 -2.98
N THR A 28 1.40 9.62 -3.94
CA THR A 28 -0.01 9.76 -3.66
C THR A 28 -0.66 8.42 -3.32
N VAL A 29 -1.82 8.50 -2.68
CA VAL A 29 -2.56 7.30 -2.30
C VAL A 29 -2.88 6.47 -3.54
N GLY A 30 -3.54 7.09 -4.50
CA GLY A 30 -3.92 6.40 -5.72
C GLY A 30 -2.73 6.14 -6.64
N GLN A 31 -1.52 6.39 -6.16
CA GLN A 31 -0.33 6.15 -6.99
C GLN A 31 0.33 4.83 -6.60
N LEU A 32 0.02 4.37 -5.40
CA LEU A 32 0.59 3.11 -4.90
C LEU A 32 -0.39 1.96 -5.07
N LEU A 33 -1.70 2.26 -5.16
CA LEU A 33 -2.70 1.21 -5.32
C LEU A 33 -3.01 0.98 -6.80
N GLU A 34 -3.21 2.06 -7.54
CA GLU A 34 -3.52 1.97 -8.97
C GLU A 34 -2.72 0.87 -9.65
N ILE A 35 -1.56 0.53 -9.08
CA ILE A 35 -0.72 -0.51 -9.65
C ILE A 35 -1.53 -1.74 -10.00
N LEU A 36 -2.76 -1.81 -9.49
CA LEU A 36 -3.63 -2.96 -9.76
C LEU A 36 -4.11 -2.92 -11.20
N HIS A 37 -4.64 -1.77 -11.62
CA HIS A 37 -5.13 -1.61 -12.98
C HIS A 37 -6.29 -2.56 -13.26
N GLN A 38 -7.51 -2.01 -13.27
CA GLN A 38 -8.70 -2.81 -13.52
C GLN A 38 -9.81 -1.94 -14.13
N ARG A 39 -10.88 -2.59 -14.58
CA ARG A 39 -11.99 -1.85 -15.19
C ARG A 39 -13.28 -2.68 -15.13
N ILE A 40 -13.24 -3.88 -15.67
CA ILE A 40 -14.43 -4.74 -15.67
C ILE A 40 -15.06 -4.77 -14.28
N GLU A 41 -14.34 -5.34 -13.32
CA GLU A 41 -14.84 -5.43 -11.95
C GLU A 41 -14.47 -4.16 -11.17
N GLY A 42 -14.42 -4.28 -9.85
CA GLY A 42 -14.08 -3.13 -9.00
C GLY A 42 -14.02 -3.52 -7.54
N PRO A 43 -13.08 -4.36 -7.17
CA PRO A 43 -12.90 -4.82 -5.76
C PRO A 43 -12.08 -3.82 -4.95
N LEU A 44 -12.07 -4.01 -3.63
CA LEU A 44 -11.32 -3.14 -2.74
C LEU A 44 -11.26 -3.72 -1.33
N THR A 45 -10.40 -4.73 -1.14
CA THR A 45 -10.24 -5.37 0.16
C THR A 45 -8.78 -5.38 0.59
N GLU A 46 -8.54 -5.56 1.88
CA GLU A 46 -7.17 -5.60 2.40
C GLU A 46 -6.54 -6.96 2.11
N GLU A 47 -7.38 -7.96 1.89
CA GLU A 47 -6.89 -9.31 1.61
C GLU A 47 -6.47 -9.46 0.15
N SER A 48 -7.28 -8.93 -0.76
CA SER A 48 -6.98 -9.02 -2.19
C SER A 48 -5.62 -8.42 -2.50
N LEU A 49 -5.25 -7.36 -1.79
CA LEU A 49 -3.97 -6.71 -2.01
C LEU A 49 -2.82 -7.70 -1.76
N GLN A 50 -2.99 -8.54 -0.74
CA GLN A 50 -1.98 -9.53 -0.40
C GLN A 50 -1.76 -10.49 -1.56
N GLY A 51 -1.13 -9.99 -2.63
CA GLY A 51 -0.86 -10.80 -3.81
C GLY A 51 0.34 -10.25 -4.59
N VAL A 52 0.97 -9.22 -4.01
CA VAL A 52 2.15 -8.60 -4.64
C VAL A 52 3.31 -8.64 -3.65
N SER A 53 4.48 -8.16 -4.08
CA SER A 53 5.67 -8.14 -3.23
C SER A 53 6.11 -6.70 -3.05
N VAL A 54 6.93 -6.42 -2.03
CA VAL A 54 7.41 -5.06 -1.79
C VAL A 54 8.10 -4.51 -3.05
N THR A 55 8.91 -5.33 -3.69
CA THR A 55 9.66 -4.91 -4.88
C THR A 55 8.73 -4.40 -5.98
N ASP A 56 7.49 -4.84 -5.98
CA ASP A 56 6.55 -4.41 -7.01
C ASP A 56 6.08 -2.98 -6.76
N LEU A 57 6.03 -2.60 -5.49
CA LEU A 57 5.57 -1.27 -5.10
C LEU A 57 6.50 -0.16 -5.60
N LYS A 58 7.73 -0.13 -5.09
CA LYS A 58 8.69 0.92 -5.46
C LYS A 58 8.86 1.05 -6.98
N ILE A 59 8.83 -0.08 -7.68
CA ILE A 59 9.00 -0.06 -9.12
C ILE A 59 7.70 0.38 -9.78
N GLY A 60 6.60 0.27 -9.03
CA GLY A 60 5.30 0.65 -9.54
C GLY A 60 5.21 2.17 -9.75
N LEU A 61 5.82 2.94 -8.85
CA LEU A 61 5.80 4.40 -8.99
C LEU A 61 6.75 4.84 -10.08
N ALA A 62 8.02 4.47 -9.97
CA ALA A 62 8.99 4.84 -10.98
C ALA A 62 8.68 4.10 -12.28
N GLY A 63 8.21 2.86 -12.14
CA GLY A 63 7.85 2.05 -13.31
C GLY A 63 9.01 1.17 -13.75
N SER A 64 10.23 1.54 -13.35
CA SER A 64 11.42 0.76 -13.73
C SER A 64 12.38 0.59 -12.57
N GLU A 65 12.58 -0.67 -12.17
CA GLU A 65 13.49 -0.97 -11.08
C GLU A 65 14.90 -0.49 -11.40
N GLU A 66 15.05 0.19 -12.53
CA GLU A 66 16.35 0.73 -12.94
C GLU A 66 16.52 2.15 -12.40
N ASP A 67 15.48 2.98 -12.56
CA ASP A 67 15.55 4.37 -12.12
C ASP A 67 15.08 4.55 -10.67
N VAL A 68 14.47 3.52 -10.08
CA VAL A 68 14.01 3.65 -8.69
C VAL A 68 15.15 4.13 -7.80
N ASP A 69 16.38 3.81 -8.20
CA ASP A 69 17.54 4.22 -7.43
C ASP A 69 17.56 5.73 -7.25
N MET A 70 16.70 6.42 -8.01
CA MET A 70 16.60 7.88 -7.93
C MET A 70 15.33 8.31 -7.19
N LEU A 71 14.28 7.51 -7.34
CA LEU A 71 13.01 7.83 -6.69
C LEU A 71 13.22 8.17 -5.22
N ASP A 72 12.77 9.35 -4.82
CA ASP A 72 12.94 9.80 -3.44
C ASP A 72 12.50 8.72 -2.47
N THR A 73 11.61 7.83 -2.92
CA THR A 73 11.11 6.74 -2.09
C THR A 73 12.27 5.91 -1.54
N PRO A 74 12.57 5.96 -0.25
CA PRO A 74 13.68 5.14 0.32
C PRO A 74 13.46 3.65 0.03
N MET A 75 13.91 2.81 0.95
CA MET A 75 13.74 1.36 0.83
C MET A 75 13.01 0.85 2.05
N SER A 76 12.70 1.78 2.95
CA SER A 76 11.99 1.46 4.19
C SER A 76 10.54 1.93 4.12
N ALA A 77 10.29 2.97 3.32
CA ALA A 77 8.95 3.49 3.17
C ALA A 77 8.03 2.40 2.62
N LEU A 78 8.59 1.53 1.78
CA LEU A 78 7.81 0.46 1.21
C LEU A 78 7.38 -0.49 2.32
N LYS A 79 8.35 -0.88 3.14
CA LYS A 79 8.08 -1.78 4.26
C LYS A 79 7.02 -1.15 5.16
N ASP A 80 7.04 0.17 5.24
CA ASP A 80 6.08 0.90 6.06
C ASP A 80 4.69 0.83 5.45
N ALA A 81 4.58 1.31 4.21
CA ALA A 81 3.29 1.31 3.52
C ALA A 81 2.76 -0.12 3.33
N VAL A 82 3.49 -0.93 2.56
CA VAL A 82 3.08 -2.32 2.27
C VAL A 82 2.37 -2.96 3.47
N ARG A 83 2.67 -2.46 4.66
CA ARG A 83 2.05 -2.99 5.87
C ARG A 83 0.63 -2.48 6.01
N ILE A 84 0.52 -1.16 6.09
CA ILE A 84 -0.77 -0.51 6.23
C ILE A 84 -1.84 -1.09 5.28
N LEU A 85 -1.48 -1.37 4.02
CA LEU A 85 -2.48 -1.92 3.10
C LEU A 85 -2.68 -3.39 3.40
N TRP A 86 -1.61 -4.08 3.78
CA TRP A 86 -1.70 -5.50 4.10
C TRP A 86 -2.88 -5.74 5.05
N GLY A 87 -3.31 -4.67 5.73
CA GLY A 87 -4.41 -4.78 6.69
C GLY A 87 -3.90 -5.19 8.06
N GLU A 88 -2.60 -5.01 8.26
CA GLU A 88 -1.96 -5.37 9.54
C GLU A 88 -1.50 -4.11 10.27
N ALA A 89 -1.77 -2.94 9.67
CA ALA A 89 -1.38 -1.66 10.25
C ALA A 89 -1.35 -1.70 11.78
N GLU A 90 -2.32 -2.39 12.37
CA GLU A 90 -2.38 -2.49 13.82
C GLU A 90 -1.35 -3.47 14.36
N VAL A 91 -0.07 -3.17 14.09
CA VAL A 91 1.02 -4.03 14.55
C VAL A 91 1.42 -3.66 15.97
N ASP A 92 1.77 -4.65 16.77
CA ASP A 92 2.17 -4.42 18.15
C ASP A 92 3.35 -3.45 18.21
N SER A 93 3.18 -2.35 18.94
CA SER A 93 4.24 -1.36 19.07
C SER A 93 5.47 -1.96 19.73
N LEU A 94 6.60 -1.26 19.64
CA LEU A 94 7.84 -1.74 20.24
C LEU A 94 7.89 -1.37 21.72
N PRO A 95 8.55 -2.15 22.55
CA PRO A 95 8.66 -1.86 24.01
C PRO A 95 9.60 -0.69 24.30
N GLN A 96 9.72 0.22 23.33
CA GLN A 96 10.59 1.37 23.48
C GLN A 96 10.22 2.15 24.75
N PRO A 97 11.15 2.84 25.36
CA PRO A 97 10.89 3.64 26.59
C PRO A 97 9.51 4.29 26.58
N VAL A 98 8.95 4.51 27.77
CA VAL A 98 7.65 5.13 27.88
C VAL A 98 7.71 6.61 27.54
N MET A 3 -27.51 2.88 1.84
CA MET A 3 -26.96 1.54 2.19
C MET A 3 -27.03 0.64 0.96
N VAL A 4 -28.24 0.43 0.46
CA VAL A 4 -28.45 -0.42 -0.72
C VAL A 4 -27.57 -1.67 -0.63
N THR A 5 -28.10 -2.73 -0.04
CA THR A 5 -27.37 -3.98 0.09
C THR A 5 -26.13 -3.77 0.99
N PRO A 6 -25.64 -4.82 1.60
CA PRO A 6 -24.43 -4.74 2.48
C PRO A 6 -23.17 -4.40 1.68
N VAL A 7 -22.03 -4.38 2.35
CA VAL A 7 -20.75 -4.07 1.70
C VAL A 7 -19.62 -4.89 2.31
N ASN A 8 -18.64 -5.23 1.48
CA ASN A 8 -17.49 -6.00 1.94
C ASN A 8 -16.52 -5.13 2.71
N MET A 9 -16.20 -5.54 3.93
CA MET A 9 -15.26 -4.79 4.77
C MET A 9 -15.84 -3.40 5.07
N SER A 10 -15.33 -2.77 6.13
CA SER A 10 -15.79 -1.45 6.52
C SER A 10 -14.98 -0.38 5.80
N ARG A 11 -15.22 0.89 6.16
CA ARG A 11 -14.49 1.99 5.57
C ARG A 11 -13.17 2.15 6.32
N GLU A 12 -13.20 1.75 7.60
CA GLU A 12 -12.02 1.82 8.45
C GLU A 12 -10.81 1.26 7.72
N THR A 13 -11.07 0.39 6.75
CA THR A 13 -10.01 -0.19 5.95
C THR A 13 -9.59 0.83 4.91
N ALA A 14 -10.60 1.46 4.33
CA ALA A 14 -10.39 2.48 3.33
C ALA A 14 -9.43 3.56 3.85
N LEU A 15 -9.92 4.35 4.79
CA LEU A 15 -9.12 5.44 5.38
C LEU A 15 -7.69 4.96 5.69
N ARG A 16 -7.57 3.76 6.22
CA ARG A 16 -6.26 3.22 6.58
C ARG A 16 -5.38 3.05 5.34
N ILE A 17 -5.97 2.57 4.25
CA ILE A 17 -5.22 2.37 3.04
C ILE A 17 -4.68 3.70 2.50
N ALA A 18 -5.17 4.80 3.08
CA ALA A 18 -4.75 6.14 2.67
C ALA A 18 -3.78 6.75 3.67
N LEU A 19 -3.70 6.18 4.86
CA LEU A 19 -2.78 6.70 5.86
C LEU A 19 -1.37 6.30 5.45
N ALA A 20 -1.28 5.18 4.74
CA ALA A 20 0.02 4.69 4.28
C ALA A 20 0.69 5.73 3.40
N ALA A 21 -0.09 6.39 2.55
CA ALA A 21 0.47 7.42 1.66
C ALA A 21 1.53 8.25 2.38
N ARG A 22 1.33 8.48 3.68
CA ARG A 22 2.30 9.24 4.47
C ARG A 22 3.62 8.49 4.57
N ALA A 23 3.54 7.17 4.70
CA ALA A 23 4.72 6.33 4.80
C ALA A 23 5.63 6.53 3.60
N LEU A 24 5.14 7.30 2.64
CA LEU A 24 5.89 7.57 1.41
C LEU A 24 6.21 9.05 1.31
N PRO A 25 7.31 9.42 0.68
CA PRO A 25 7.69 10.85 0.53
C PRO A 25 6.61 11.68 -0.20
N GLY A 26 6.68 11.73 -1.52
CA GLY A 26 5.72 12.50 -2.31
C GLY A 26 4.69 11.63 -3.01
N THR A 27 4.76 10.31 -2.77
CA THR A 27 3.80 9.40 -3.40
C THR A 27 2.42 9.55 -2.78
N THR A 28 1.41 9.71 -3.63
CA THR A 28 0.03 9.87 -3.16
C THR A 28 -0.61 8.50 -2.97
N VAL A 29 -1.80 8.49 -2.36
CA VAL A 29 -2.52 7.25 -2.10
C VAL A 29 -2.82 6.51 -3.40
N GLY A 30 -3.52 7.20 -4.30
CA GLY A 30 -3.90 6.61 -5.57
C GLY A 30 -2.72 6.43 -6.51
N GLN A 31 -1.50 6.72 -6.04
CA GLN A 31 -0.32 6.56 -6.89
C GLN A 31 0.32 5.19 -6.68
N LEU A 32 0.14 4.63 -5.48
CA LEU A 32 0.71 3.33 -5.17
C LEU A 32 -0.16 2.21 -5.74
N LEU A 33 -1.41 2.54 -6.06
CA LEU A 33 -2.34 1.55 -6.61
C LEU A 33 -2.25 1.52 -8.13
N GLU A 34 -2.07 2.69 -8.73
CA GLU A 34 -1.99 2.79 -10.19
C GLU A 34 -1.22 1.61 -10.81
N ILE A 35 -0.39 0.95 -10.00
CA ILE A 35 0.38 -0.17 -10.49
C ILE A 35 -0.51 -1.18 -11.20
N LEU A 36 -1.79 -1.20 -10.83
CA LEU A 36 -2.75 -2.11 -11.45
C LEU A 36 -3.25 -1.57 -12.78
N HIS A 37 -4.21 -0.65 -12.72
CA HIS A 37 -4.78 -0.06 -13.92
C HIS A 37 -5.32 -1.15 -14.85
N GLN A 38 -6.50 -1.66 -14.54
CA GLN A 38 -7.11 -2.70 -15.35
C GLN A 38 -8.61 -2.78 -15.11
N ARG A 39 -9.22 -3.87 -15.55
CA ARG A 39 -10.66 -4.06 -15.39
C ARG A 39 -11.03 -4.30 -13.93
N ILE A 40 -11.09 -3.21 -13.16
CA ILE A 40 -11.43 -3.32 -11.75
C ILE A 40 -12.80 -4.00 -11.59
N GLU A 41 -13.25 -4.11 -10.35
CA GLU A 41 -14.55 -4.75 -10.09
C GLU A 41 -15.00 -4.47 -8.66
N GLY A 42 -14.06 -4.07 -7.80
CA GLY A 42 -14.38 -3.77 -6.41
C GLY A 42 -13.34 -2.85 -5.79
N PRO A 43 -13.57 -2.43 -4.58
CA PRO A 43 -12.64 -1.51 -3.85
C PRO A 43 -11.38 -2.24 -3.39
N LEU A 44 -11.35 -3.55 -3.57
CA LEU A 44 -10.20 -4.35 -3.18
C LEU A 44 -9.96 -4.25 -1.67
N THR A 45 -10.12 -5.37 -0.98
CA THR A 45 -9.92 -5.40 0.48
C THR A 45 -8.45 -5.55 0.83
N GLU A 46 -8.11 -5.19 2.06
CA GLU A 46 -6.75 -5.29 2.53
C GLU A 46 -6.18 -6.68 2.26
N GLU A 47 -7.07 -7.66 2.14
CA GLU A 47 -6.66 -9.04 1.88
C GLU A 47 -6.40 -9.24 0.38
N SER A 48 -7.25 -8.65 -0.44
CA SER A 48 -7.11 -8.78 -1.89
C SER A 48 -5.74 -8.28 -2.34
N LEU A 49 -5.23 -7.25 -1.67
CA LEU A 49 -3.93 -6.68 -2.02
C LEU A 49 -2.82 -7.69 -1.73
N GLN A 50 -3.03 -8.55 -0.73
CA GLN A 50 -2.02 -9.55 -0.38
C GLN A 50 -1.81 -10.52 -1.53
N GLY A 51 -1.18 -10.04 -2.59
CA GLY A 51 -0.90 -10.86 -3.77
C GLY A 51 0.33 -10.34 -4.50
N VAL A 52 1.01 -9.37 -3.90
CA VAL A 52 2.22 -8.79 -4.50
C VAL A 52 3.35 -8.76 -3.46
N SER A 53 4.53 -8.31 -3.87
CA SER A 53 5.69 -8.21 -2.98
C SER A 53 6.11 -6.76 -2.87
N VAL A 54 6.94 -6.43 -1.88
CA VAL A 54 7.41 -5.06 -1.70
C VAL A 54 8.07 -4.53 -2.98
N THR A 55 8.95 -5.33 -3.58
CA THR A 55 9.66 -4.90 -4.78
C THR A 55 8.71 -4.42 -5.88
N ASP A 56 7.48 -4.88 -5.88
CA ASP A 56 6.54 -4.49 -6.91
C ASP A 56 6.01 -3.07 -6.67
N LEU A 57 5.93 -2.68 -5.40
CA LEU A 57 5.41 -1.37 -5.05
C LEU A 57 6.30 -0.22 -5.53
N LYS A 58 7.54 -0.18 -5.02
CA LYS A 58 8.47 0.90 -5.38
C LYS A 58 8.67 1.03 -6.89
N ILE A 59 8.68 -0.09 -7.59
CA ILE A 59 8.88 -0.08 -9.04
C ILE A 59 7.58 0.35 -9.72
N GLY A 60 6.48 0.24 -8.99
CA GLY A 60 5.18 0.60 -9.53
C GLY A 60 5.07 2.12 -9.74
N LEU A 61 5.67 2.89 -8.84
CA LEU A 61 5.63 4.35 -8.96
C LEU A 61 6.56 4.80 -10.08
N ALA A 62 7.83 4.44 -9.98
CA ALA A 62 8.79 4.83 -11.02
C ALA A 62 8.49 4.02 -12.29
N GLY A 63 8.05 2.78 -12.09
CA GLY A 63 7.72 1.91 -13.23
C GLY A 63 8.66 0.71 -13.31
N SER A 64 9.96 0.97 -13.22
CA SER A 64 10.96 -0.10 -13.31
C SER A 64 12.05 0.07 -12.26
N GLU A 65 12.51 -1.06 -11.73
CA GLU A 65 13.54 -1.08 -10.71
C GLU A 65 14.82 -0.42 -11.20
N GLU A 66 14.78 0.21 -12.36
CA GLU A 66 15.95 0.87 -12.90
C GLU A 66 16.08 2.30 -12.36
N ASP A 67 15.02 3.10 -12.54
CA ASP A 67 15.05 4.50 -12.11
C ASP A 67 14.62 4.67 -10.65
N VAL A 68 14.04 3.65 -10.03
CA VAL A 68 13.63 3.79 -8.64
C VAL A 68 14.76 4.38 -7.80
N ASP A 69 15.97 4.26 -8.32
CA ASP A 69 17.15 4.77 -7.62
C ASP A 69 17.01 6.26 -7.33
N MET A 70 16.34 6.98 -8.23
CA MET A 70 16.15 8.43 -8.05
C MET A 70 14.84 8.72 -7.32
N LEU A 71 13.87 7.81 -7.48
CA LEU A 71 12.57 7.99 -6.84
C LEU A 71 12.75 8.27 -5.34
N ASP A 72 12.31 9.45 -4.92
CA ASP A 72 12.42 9.86 -3.51
C ASP A 72 12.16 8.68 -2.57
N THR A 73 11.40 7.69 -3.05
CA THR A 73 11.10 6.52 -2.25
C THR A 73 12.38 5.71 -2.01
N PRO A 74 12.85 5.56 -0.79
CA PRO A 74 14.10 4.79 -0.52
C PRO A 74 13.83 3.27 -0.56
N MET A 75 13.86 2.62 0.61
CA MET A 75 13.61 1.19 0.68
C MET A 75 12.99 0.80 2.01
N SER A 76 12.70 1.80 2.84
CA SER A 76 12.11 1.56 4.16
C SER A 76 10.65 2.01 4.16
N ALA A 77 10.32 2.93 3.25
CA ALA A 77 8.97 3.44 3.15
C ALA A 77 8.02 2.34 2.69
N LEU A 78 8.51 1.44 1.85
CA LEU A 78 7.67 0.34 1.38
C LEU A 78 7.31 -0.57 2.54
N LYS A 79 8.33 -1.02 3.26
CA LYS A 79 8.11 -1.89 4.41
C LYS A 79 7.08 -1.25 5.32
N ASP A 80 7.15 0.08 5.42
CA ASP A 80 6.23 0.83 6.25
C ASP A 80 4.82 0.75 5.67
N ALA A 81 4.67 1.21 4.43
CA ALA A 81 3.36 1.21 3.77
C ALA A 81 2.82 -0.22 3.60
N VAL A 82 3.52 -1.02 2.79
CA VAL A 82 3.11 -2.41 2.50
C VAL A 82 2.45 -3.06 3.71
N ARG A 83 2.76 -2.58 4.90
CA ARG A 83 2.18 -3.13 6.11
C ARG A 83 0.76 -2.64 6.29
N ILE A 84 0.62 -1.33 6.40
CA ILE A 84 -0.67 -0.70 6.61
C ILE A 84 -1.75 -1.27 5.67
N LEU A 85 -1.40 -1.54 4.41
CA LEU A 85 -2.42 -2.10 3.49
C LEU A 85 -2.60 -3.58 3.77
N TRP A 86 -1.51 -4.24 4.12
CA TRP A 86 -1.58 -5.68 4.41
C TRP A 86 -2.70 -5.95 5.41
N GLY A 87 -3.12 -4.91 6.12
CA GLY A 87 -4.18 -5.05 7.12
C GLY A 87 -3.58 -5.47 8.46
N GLU A 88 -2.25 -5.40 8.55
CA GLU A 88 -1.52 -5.76 9.77
C GLU A 88 -1.11 -4.49 10.50
N ALA A 89 -1.49 -3.34 9.93
CA ALA A 89 -1.17 -2.04 10.50
C ALA A 89 -1.09 -2.09 12.03
N GLU A 90 -2.00 -2.85 12.63
CA GLU A 90 -2.02 -2.99 14.09
C GLU A 90 -0.64 -3.32 14.62
N VAL A 91 -0.44 -3.08 15.92
CA VAL A 91 0.85 -3.38 16.54
C VAL A 91 1.05 -4.88 16.68
N ASP A 92 2.28 -5.33 16.50
CA ASP A 92 2.60 -6.75 16.59
C ASP A 92 2.73 -7.19 18.04
N SER A 93 3.18 -8.42 18.25
CA SER A 93 3.35 -8.96 19.58
C SER A 93 4.38 -8.15 20.38
N LEU A 94 4.66 -8.60 21.59
CA LEU A 94 5.63 -7.91 22.45
C LEU A 94 7.05 -8.34 22.09
N PRO A 95 8.04 -7.47 22.23
CA PRO A 95 9.46 -7.81 21.91
C PRO A 95 9.82 -9.24 22.33
N GLN A 96 10.20 -10.06 21.36
CA GLN A 96 10.57 -11.44 21.63
C GLN A 96 11.91 -11.48 22.38
N PRO A 97 12.14 -12.48 23.21
CA PRO A 97 13.41 -12.60 23.97
C PRO A 97 14.62 -12.14 23.17
N VAL A 98 15.56 -11.48 23.84
CA VAL A 98 16.76 -10.98 23.18
C VAL A 98 17.67 -12.14 22.80
N MET A 3 -25.16 -1.73 -13.22
CA MET A 3 -24.63 -0.43 -12.76
C MET A 3 -24.05 -0.58 -11.36
N VAL A 4 -23.79 -1.83 -10.96
CA VAL A 4 -23.24 -2.12 -9.64
C VAL A 4 -21.71 -2.13 -9.68
N THR A 5 -21.14 -1.43 -10.66
CA THR A 5 -19.68 -1.38 -10.79
C THR A 5 -19.06 -0.89 -9.48
N PRO A 6 -19.35 0.31 -9.04
CA PRO A 6 -18.79 0.88 -7.77
C PRO A 6 -19.32 0.12 -6.55
N VAL A 7 -18.39 -0.35 -5.72
CA VAL A 7 -18.77 -1.08 -4.52
C VAL A 7 -17.60 -1.15 -3.54
N ASN A 8 -17.92 -1.33 -2.26
CA ASN A 8 -16.90 -1.42 -1.22
C ASN A 8 -17.35 -2.33 -0.09
N MET A 9 -16.43 -3.13 0.43
CA MET A 9 -16.75 -4.06 1.51
C MET A 9 -17.03 -3.29 2.80
N SER A 10 -15.97 -2.75 3.41
CA SER A 10 -16.09 -1.99 4.66
C SER A 10 -15.64 -0.54 4.44
N ARG A 11 -15.01 0.03 5.47
CA ARG A 11 -14.50 1.39 5.40
C ARG A 11 -13.18 1.48 6.15
N GLU A 12 -13.17 1.02 7.39
CA GLU A 12 -11.95 1.04 8.20
C GLU A 12 -10.74 0.65 7.36
N THR A 13 -10.99 -0.10 6.29
CA THR A 13 -9.94 -0.54 5.39
C THR A 13 -9.62 0.56 4.38
N ALA A 14 -10.67 1.23 3.92
CA ALA A 14 -10.54 2.31 2.96
C ALA A 14 -10.16 3.62 3.64
N LEU A 15 -9.88 3.52 4.92
CA LEU A 15 -9.52 4.69 5.73
C LEU A 15 -8.02 4.65 6.09
N ARG A 16 -7.50 3.44 6.32
CA ARG A 16 -6.09 3.29 6.70
C ARG A 16 -5.16 3.23 5.48
N ILE A 17 -5.66 2.78 4.34
CA ILE A 17 -4.82 2.69 3.15
C ILE A 17 -4.34 4.07 2.70
N ALA A 18 -4.95 5.12 3.23
CA ALA A 18 -4.57 6.48 2.87
C ALA A 18 -3.51 7.04 3.80
N LEU A 19 -3.33 6.42 4.94
CA LEU A 19 -2.31 6.87 5.87
C LEU A 19 -0.95 6.48 5.30
N ALA A 20 -0.94 5.38 4.57
CA ALA A 20 0.28 4.90 3.94
C ALA A 20 0.88 5.99 3.08
N ALA A 21 0.04 6.72 2.36
CA ALA A 21 0.53 7.80 1.51
C ALA A 21 1.56 8.62 2.29
N ARG A 22 1.33 8.78 3.59
CA ARG A 22 2.25 9.53 4.44
C ARG A 22 3.58 8.78 4.57
N ALA A 23 3.52 7.46 4.74
CA ALA A 23 4.72 6.64 4.88
C ALA A 23 5.63 6.80 3.67
N LEU A 24 5.15 7.48 2.64
CA LEU A 24 5.91 7.68 1.41
C LEU A 24 6.28 9.15 1.24
N PRO A 25 7.43 9.45 0.66
CA PRO A 25 7.88 10.86 0.46
C PRO A 25 6.96 11.64 -0.50
N GLY A 26 7.06 11.34 -1.79
CA GLY A 26 6.26 12.05 -2.81
C GLY A 26 5.33 11.11 -3.57
N THR A 27 4.68 10.20 -2.85
CA THR A 27 3.74 9.25 -3.49
C THR A 27 2.34 9.45 -2.94
N THR A 28 1.37 9.51 -3.84
CA THR A 28 -0.03 9.71 -3.44
C THR A 28 -0.67 8.38 -3.04
N VAL A 29 -1.85 8.47 -2.46
CA VAL A 29 -2.59 7.29 -2.01
C VAL A 29 -2.91 6.37 -3.19
N GLY A 30 -3.63 6.89 -4.15
CA GLY A 30 -4.04 6.11 -5.32
C GLY A 30 -2.88 5.83 -6.26
N GLN A 31 -1.64 6.15 -5.85
CA GLN A 31 -0.48 5.91 -6.71
C GLN A 31 0.24 4.63 -6.30
N LEU A 32 -0.11 4.08 -5.14
CA LEU A 32 0.53 2.85 -4.66
C LEU A 32 -0.32 1.62 -4.97
N LEU A 33 -1.60 1.84 -5.29
CA LEU A 33 -2.52 0.73 -5.59
C LEU A 33 -2.90 0.72 -7.07
N GLU A 34 -3.46 1.83 -7.55
CA GLU A 34 -3.89 1.95 -8.94
C GLU A 34 -2.90 1.26 -9.89
N ILE A 35 -1.65 1.15 -9.48
CA ILE A 35 -0.64 0.51 -10.29
C ILE A 35 -0.95 -0.99 -10.44
N LEU A 36 -1.24 -1.64 -9.33
CA LEU A 36 -1.55 -3.06 -9.33
C LEU A 36 -2.87 -3.32 -10.05
N HIS A 37 -3.93 -2.69 -9.56
CA HIS A 37 -5.26 -2.85 -10.14
C HIS A 37 -5.56 -4.32 -10.40
N GLN A 38 -5.82 -4.67 -11.66
CA GLN A 38 -6.13 -6.05 -12.02
C GLN A 38 -7.35 -6.53 -11.25
N ARG A 39 -7.15 -6.90 -9.99
CA ARG A 39 -8.25 -7.37 -9.16
C ARG A 39 -9.32 -6.28 -9.08
N ILE A 40 -10.59 -6.70 -9.15
CA ILE A 40 -11.69 -5.74 -9.11
C ILE A 40 -12.99 -6.43 -8.72
N GLU A 41 -13.00 -7.77 -8.79
CA GLU A 41 -14.19 -8.54 -8.45
C GLU A 41 -14.81 -8.02 -7.14
N GLY A 42 -15.73 -7.07 -7.27
CA GLY A 42 -16.39 -6.51 -6.09
C GLY A 42 -15.47 -5.53 -5.37
N PRO A 43 -15.93 -4.99 -4.27
CA PRO A 43 -15.14 -4.01 -3.47
C PRO A 43 -13.73 -4.52 -3.17
N LEU A 44 -12.73 -3.74 -3.55
CA LEU A 44 -11.34 -4.13 -3.31
C LEU A 44 -11.11 -4.35 -1.82
N THR A 45 -11.14 -5.60 -1.41
CA THR A 45 -10.96 -5.94 0.00
C THR A 45 -9.48 -5.92 0.38
N GLU A 46 -9.22 -6.17 1.67
CA GLU A 46 -7.85 -6.19 2.17
C GLU A 46 -7.09 -7.39 1.61
N GLU A 47 -7.84 -8.42 1.20
CA GLU A 47 -7.22 -9.61 0.65
C GLU A 47 -6.67 -9.33 -0.74
N SER A 48 -7.43 -8.56 -1.52
CA SER A 48 -7.00 -8.21 -2.87
C SER A 48 -5.61 -7.58 -2.84
N LEU A 49 -5.36 -6.76 -1.83
CA LEU A 49 -4.06 -6.10 -1.71
C LEU A 49 -2.96 -7.12 -1.43
N GLN A 50 -3.21 -8.02 -0.48
CA GLN A 50 -2.23 -9.04 -0.12
C GLN A 50 -2.04 -10.02 -1.29
N GLY A 51 -1.42 -9.54 -2.36
CA GLY A 51 -1.18 -10.37 -3.53
C GLY A 51 0.07 -9.91 -4.28
N VAL A 52 0.75 -8.89 -3.74
CA VAL A 52 1.96 -8.35 -4.37
C VAL A 52 3.12 -8.40 -3.37
N SER A 53 4.33 -8.05 -3.84
CA SER A 53 5.51 -8.05 -2.99
C SER A 53 6.02 -6.62 -2.85
N VAL A 54 6.86 -6.36 -1.86
CA VAL A 54 7.40 -5.01 -1.64
C VAL A 54 8.10 -4.47 -2.89
N THR A 55 8.87 -5.33 -3.56
CA THR A 55 9.61 -4.91 -4.75
C THR A 55 8.69 -4.36 -5.85
N ASP A 56 7.44 -4.76 -5.84
CA ASP A 56 6.51 -4.30 -6.87
C ASP A 56 6.10 -2.86 -6.60
N LEU A 57 6.03 -2.49 -5.33
CA LEU A 57 5.61 -1.15 -4.94
C LEU A 57 6.57 -0.06 -5.43
N LYS A 58 7.80 -0.06 -4.92
CA LYS A 58 8.77 0.97 -5.30
C LYS A 58 8.93 1.10 -6.81
N ILE A 59 8.89 -0.02 -7.52
CA ILE A 59 9.03 0.00 -8.97
C ILE A 59 7.73 0.41 -9.61
N GLY A 60 6.64 0.31 -8.84
CA GLY A 60 5.31 0.67 -9.33
C GLY A 60 5.22 2.16 -9.63
N LEU A 61 5.78 2.99 -8.76
CA LEU A 61 5.73 4.43 -8.96
C LEU A 61 6.69 4.83 -10.07
N ALA A 62 7.96 4.50 -9.94
CA ALA A 62 8.94 4.82 -10.97
C ALA A 62 8.60 4.05 -12.23
N GLY A 63 8.16 2.80 -12.04
CA GLY A 63 7.79 1.94 -13.15
C GLY A 63 8.85 0.87 -13.44
N SER A 64 10.12 1.22 -13.22
CA SER A 64 11.22 0.28 -13.46
C SER A 64 12.25 0.35 -12.35
N GLU A 65 12.59 -0.83 -11.82
CA GLU A 65 13.57 -0.93 -10.76
C GLU A 65 14.92 -0.37 -11.20
N GLU A 66 14.97 0.15 -12.42
CA GLU A 66 16.21 0.73 -12.94
C GLU A 66 16.37 2.17 -12.47
N ASP A 67 15.31 2.96 -12.60
CA ASP A 67 15.36 4.37 -12.21
C ASP A 67 14.89 4.62 -10.77
N VAL A 68 14.37 3.60 -10.10
CA VAL A 68 13.92 3.80 -8.72
C VAL A 68 15.07 4.36 -7.87
N ASP A 69 16.28 4.21 -8.39
CA ASP A 69 17.48 4.68 -7.70
C ASP A 69 17.35 6.15 -7.31
N MET A 70 16.63 6.93 -8.14
CA MET A 70 16.46 8.36 -7.87
C MET A 70 15.09 8.66 -7.24
N LEU A 71 14.14 7.75 -7.40
CA LEU A 71 12.81 7.97 -6.82
C LEU A 71 12.92 8.29 -5.33
N ASP A 72 12.36 9.43 -4.94
CA ASP A 72 12.40 9.86 -3.54
C ASP A 72 12.17 8.68 -2.60
N THR A 73 11.51 7.64 -3.11
CA THR A 73 11.23 6.46 -2.31
C THR A 73 12.52 5.63 -2.12
N PRO A 74 13.00 5.44 -0.91
CA PRO A 74 14.23 4.65 -0.66
C PRO A 74 13.98 3.15 -0.70
N MET A 75 13.93 2.51 0.46
CA MET A 75 13.68 1.07 0.53
C MET A 75 13.06 0.69 1.88
N SER A 76 12.82 1.69 2.73
CA SER A 76 12.23 1.45 4.06
C SER A 76 10.80 1.95 4.08
N ALA A 77 10.46 2.83 3.13
CA ALA A 77 9.11 3.37 3.06
C ALA A 77 8.12 2.32 2.60
N LEU A 78 8.56 1.42 1.72
CA LEU A 78 7.68 0.37 1.26
C LEU A 78 7.30 -0.52 2.44
N LYS A 79 8.31 -0.87 3.23
CA LYS A 79 8.08 -1.71 4.40
C LYS A 79 7.05 -1.03 5.31
N ASP A 80 7.14 0.30 5.38
CA ASP A 80 6.21 1.05 6.20
C ASP A 80 4.81 0.97 5.60
N ALA A 81 4.69 1.36 4.34
CA ALA A 81 3.40 1.33 3.66
C ALA A 81 2.88 -0.10 3.51
N VAL A 82 3.60 -0.93 2.75
CA VAL A 82 3.18 -2.32 2.50
C VAL A 82 2.51 -2.91 3.73
N ARG A 83 2.88 -2.42 4.91
CA ARG A 83 2.31 -2.90 6.15
C ARG A 83 0.90 -2.34 6.34
N ILE A 84 0.83 -1.02 6.34
CA ILE A 84 -0.43 -0.33 6.54
C ILE A 84 -1.57 -0.91 5.70
N LEU A 85 -1.32 -1.26 4.42
CA LEU A 85 -2.40 -1.83 3.61
C LEU A 85 -2.58 -3.31 3.94
N TRP A 86 -1.49 -3.97 4.28
CA TRP A 86 -1.56 -5.39 4.63
C TRP A 86 -2.67 -5.62 5.66
N GLY A 87 -3.03 -4.56 6.38
CA GLY A 87 -4.07 -4.66 7.39
C GLY A 87 -3.48 -5.03 8.75
N GLU A 88 -2.17 -4.85 8.88
CA GLU A 88 -1.47 -5.17 10.13
C GLU A 88 -0.94 -3.89 10.79
N ALA A 89 -1.24 -2.75 10.16
CA ALA A 89 -0.81 -1.44 10.67
C ALA A 89 -0.71 -1.43 12.20
N GLU A 90 -1.62 -2.14 12.86
CA GLU A 90 -1.63 -2.19 14.32
C GLU A 90 -0.29 -2.72 14.84
N VAL A 91 -0.30 -3.96 15.32
CA VAL A 91 0.92 -4.57 15.86
C VAL A 91 2.04 -4.54 14.82
N ASP A 92 3.26 -4.28 15.28
CA ASP A 92 4.41 -4.21 14.39
C ASP A 92 5.00 -5.60 14.17
N SER A 93 6.32 -5.68 14.07
CA SER A 93 7.00 -6.95 13.86
C SER A 93 6.76 -7.89 15.04
N LEU A 94 7.82 -8.62 15.43
CA LEU A 94 7.72 -9.55 16.54
C LEU A 94 7.88 -8.82 17.87
N PRO A 95 7.29 -9.29 18.94
CA PRO A 95 7.38 -8.64 20.28
C PRO A 95 8.77 -8.83 20.91
N GLN A 96 8.87 -8.55 22.21
CA GLN A 96 10.13 -8.70 22.91
C GLN A 96 10.61 -10.15 22.85
N PRO A 97 11.87 -10.40 22.53
CA PRO A 97 12.39 -11.80 22.45
C PRO A 97 12.62 -12.40 23.83
N VAL A 98 11.65 -13.16 24.31
CA VAL A 98 11.75 -13.79 25.63
C VAL A 98 12.68 -14.99 25.57
N MET A 3 -29.99 4.49 -7.02
CA MET A 3 -29.19 3.53 -6.21
C MET A 3 -28.20 2.80 -7.12
N VAL A 4 -27.32 3.55 -7.76
CA VAL A 4 -26.33 2.95 -8.65
C VAL A 4 -25.20 2.29 -7.85
N THR A 5 -24.84 2.92 -6.74
CA THR A 5 -23.78 2.39 -5.89
C THR A 5 -23.94 2.89 -4.46
N PRO A 6 -24.89 2.37 -3.74
CA PRO A 6 -25.15 2.77 -2.33
C PRO A 6 -23.87 2.72 -1.49
N VAL A 7 -23.33 1.52 -1.34
CA VAL A 7 -22.11 1.33 -0.56
C VAL A 7 -21.64 -0.12 -0.69
N ASN A 8 -20.32 -0.32 -0.69
CA ASN A 8 -19.75 -1.66 -0.80
C ASN A 8 -18.54 -1.82 0.12
N MET A 9 -17.36 -1.41 -0.36
CA MET A 9 -16.15 -1.51 0.44
C MET A 9 -16.39 -0.98 1.84
N SER A 10 -15.65 -1.51 2.81
CA SER A 10 -15.77 -1.05 4.18
C SER A 10 -15.38 0.41 4.28
N ARG A 11 -14.84 0.80 5.43
CA ARG A 11 -14.39 2.17 5.63
C ARG A 11 -13.04 2.16 6.34
N GLU A 12 -13.00 1.56 7.53
CA GLU A 12 -11.75 1.48 8.29
C GLU A 12 -10.57 1.19 7.35
N THR A 13 -10.89 0.56 6.22
CA THR A 13 -9.89 0.21 5.22
C THR A 13 -9.58 1.43 4.36
N ALA A 14 -10.62 2.02 3.82
CA ALA A 14 -10.49 3.21 2.99
C ALA A 14 -10.05 4.40 3.82
N LEU A 15 -9.77 4.12 5.09
CA LEU A 15 -9.34 5.15 6.04
C LEU A 15 -7.87 4.96 6.39
N ARG A 16 -7.47 3.70 6.58
CA ARG A 16 -6.08 3.38 6.95
C ARG A 16 -5.16 3.20 5.74
N ILE A 17 -5.71 2.66 4.66
CA ILE A 17 -4.91 2.42 3.45
C ILE A 17 -4.39 3.74 2.89
N ALA A 18 -4.90 4.87 3.40
CA ALA A 18 -4.48 6.18 2.93
C ALA A 18 -3.38 6.77 3.81
N LEU A 19 -3.22 6.22 5.00
CA LEU A 19 -2.17 6.69 5.89
C LEU A 19 -0.83 6.28 5.30
N ALA A 20 -0.85 5.18 4.56
CA ALA A 20 0.35 4.67 3.93
C ALA A 20 0.97 5.76 3.06
N ALA A 21 0.14 6.43 2.27
CA ALA A 21 0.62 7.51 1.40
C ALA A 21 1.64 8.36 2.17
N ARG A 22 1.38 8.52 3.47
CA ARG A 22 2.27 9.29 4.32
C ARG A 22 3.62 8.58 4.44
N ALA A 23 3.56 7.26 4.61
CA ALA A 23 4.76 6.45 4.74
C ALA A 23 5.64 6.60 3.51
N LEU A 24 5.13 7.30 2.51
CA LEU A 24 5.85 7.50 1.26
C LEU A 24 6.11 9.01 1.05
N PRO A 25 7.35 9.44 0.92
CA PRO A 25 7.65 10.89 0.72
C PRO A 25 7.44 11.34 -0.72
N GLY A 26 6.18 11.45 -1.14
CA GLY A 26 5.87 11.88 -2.50
C GLY A 26 4.70 11.09 -3.09
N THR A 27 4.82 9.77 -3.06
CA THR A 27 3.79 8.90 -3.61
C THR A 27 2.45 9.13 -2.92
N THR A 28 1.39 9.27 -3.73
CA THR A 28 0.05 9.49 -3.21
C THR A 28 -0.63 8.15 -2.92
N VAL A 29 -1.81 8.21 -2.32
CA VAL A 29 -2.57 7.01 -1.99
C VAL A 29 -2.91 6.23 -3.24
N GLY A 30 -3.64 6.87 -4.14
CA GLY A 30 -4.07 6.22 -5.38
C GLY A 30 -2.92 6.01 -6.35
N GLN A 31 -1.69 6.29 -5.93
CA GLN A 31 -0.54 6.10 -6.82
C GLN A 31 0.13 4.76 -6.53
N LEU A 32 -0.08 4.24 -5.34
CA LEU A 32 0.51 2.96 -4.94
C LEU A 32 -0.43 1.81 -5.28
N LEU A 33 -1.71 2.10 -5.47
CA LEU A 33 -2.70 1.07 -5.81
C LEU A 33 -2.99 1.06 -7.31
N GLU A 34 -3.30 2.24 -7.85
CA GLU A 34 -3.61 2.39 -9.27
C GLU A 34 -2.64 1.61 -10.15
N ILE A 35 -1.50 1.21 -9.61
CA ILE A 35 -0.52 0.46 -10.40
C ILE A 35 -1.02 -0.96 -10.67
N LEU A 36 -1.65 -1.59 -9.68
CA LEU A 36 -2.17 -2.94 -9.84
C LEU A 36 -3.62 -2.91 -10.30
N HIS A 37 -4.09 -1.72 -10.67
CA HIS A 37 -5.47 -1.57 -11.13
C HIS A 37 -5.85 -2.67 -12.11
N GLN A 38 -6.37 -3.77 -11.58
CA GLN A 38 -6.77 -4.89 -12.42
C GLN A 38 -7.54 -5.93 -11.61
N ARG A 39 -8.62 -6.45 -12.18
CA ARG A 39 -9.44 -7.44 -11.50
C ARG A 39 -9.95 -6.91 -10.16
N ILE A 40 -10.27 -5.63 -10.12
CA ILE A 40 -10.75 -5.01 -8.88
C ILE A 40 -12.27 -5.14 -8.77
N GLU A 41 -12.95 -5.01 -9.90
CA GLU A 41 -14.41 -5.13 -9.90
C GLU A 41 -14.86 -6.36 -9.12
N GLY A 42 -15.27 -6.13 -7.88
CA GLY A 42 -15.72 -7.23 -7.01
C GLY A 42 -15.51 -6.89 -5.54
N PRO A 43 -15.87 -7.80 -4.66
CA PRO A 43 -15.72 -7.59 -3.19
C PRO A 43 -14.26 -7.70 -2.75
N LEU A 44 -13.37 -7.03 -3.50
CA LEU A 44 -11.95 -7.06 -3.19
C LEU A 44 -11.62 -6.08 -2.07
N THR A 45 -11.06 -6.60 -0.98
CA THR A 45 -10.68 -5.78 0.18
C THR A 45 -9.16 -5.75 0.30
N GLU A 46 -8.67 -5.11 1.36
CA GLU A 46 -7.23 -5.03 1.57
C GLU A 46 -6.63 -6.43 1.44
N GLU A 47 -7.37 -7.42 1.91
CA GLU A 47 -6.92 -8.81 1.84
C GLU A 47 -6.63 -9.19 0.40
N SER A 48 -7.44 -8.68 -0.52
CA SER A 48 -7.27 -8.97 -1.94
C SER A 48 -5.95 -8.43 -2.48
N LEU A 49 -5.47 -7.34 -1.90
CA LEU A 49 -4.22 -6.72 -2.36
C LEU A 49 -3.03 -7.59 -1.98
N GLN A 50 -3.14 -8.29 -0.86
CA GLN A 50 -2.08 -9.15 -0.38
C GLN A 50 -1.80 -10.26 -1.38
N GLY A 51 -1.18 -9.88 -2.50
CA GLY A 51 -0.84 -10.83 -3.56
C GLY A 51 0.37 -10.36 -4.34
N VAL A 52 1.04 -9.34 -3.81
CA VAL A 52 2.24 -8.78 -4.46
C VAL A 52 3.41 -8.75 -3.47
N SER A 53 4.60 -8.36 -3.94
CA SER A 53 5.79 -8.30 -3.09
C SER A 53 6.22 -6.84 -2.96
N VAL A 54 7.03 -6.54 -1.95
CA VAL A 54 7.49 -5.17 -1.74
C VAL A 54 8.18 -4.62 -3.00
N THR A 55 9.02 -5.44 -3.62
CA THR A 55 9.75 -5.01 -4.82
C THR A 55 8.81 -4.53 -5.93
N ASP A 56 7.58 -4.99 -5.92
CA ASP A 56 6.63 -4.61 -6.96
C ASP A 56 6.13 -3.19 -6.73
N LEU A 57 6.05 -2.78 -5.48
CA LEU A 57 5.54 -1.46 -5.12
C LEU A 57 6.45 -0.34 -5.62
N LYS A 58 7.66 -0.26 -5.08
CA LYS A 58 8.59 0.82 -5.45
C LYS A 58 8.80 0.93 -6.95
N ILE A 59 8.78 -0.20 -7.65
CA ILE A 59 8.97 -0.20 -9.10
C ILE A 59 7.66 0.18 -9.78
N GLY A 60 6.56 0.03 -9.05
CA GLY A 60 5.25 0.35 -9.59
C GLY A 60 5.08 1.84 -9.83
N LEU A 61 5.63 2.67 -8.94
CA LEU A 61 5.53 4.12 -9.09
C LEU A 61 6.47 4.60 -10.18
N ALA A 62 7.75 4.24 -10.06
CA ALA A 62 8.73 4.66 -11.07
C ALA A 62 8.52 3.86 -12.34
N GLY A 63 8.10 2.60 -12.21
CA GLY A 63 7.87 1.76 -13.38
C GLY A 63 9.17 1.12 -13.87
N SER A 64 10.30 1.57 -13.30
CA SER A 64 11.61 1.03 -13.70
C SER A 64 12.51 0.78 -12.49
N GLU A 65 12.64 -0.49 -12.13
CA GLU A 65 13.50 -0.87 -11.01
C GLU A 65 14.92 -0.37 -11.21
N GLU A 66 15.15 0.29 -12.34
CA GLU A 66 16.47 0.84 -12.63
C GLU A 66 16.57 2.28 -12.14
N ASP A 67 15.49 3.06 -12.34
CA ASP A 67 15.48 4.46 -11.94
C ASP A 67 14.91 4.66 -10.53
N VAL A 68 14.26 3.64 -9.98
CA VAL A 68 13.69 3.78 -8.64
C VAL A 68 14.69 4.42 -7.69
N ASP A 69 15.97 4.20 -7.94
CA ASP A 69 17.01 4.77 -7.08
C ASP A 69 16.81 6.28 -6.95
N MET A 70 16.26 6.89 -8.00
CA MET A 70 16.02 8.33 -8.01
C MET A 70 14.69 8.65 -7.32
N LEU A 71 13.73 7.74 -7.41
CA LEU A 71 12.42 7.95 -6.79
C LEU A 71 12.59 8.38 -5.33
N ASP A 72 12.04 9.55 -5.00
CA ASP A 72 12.13 10.08 -3.64
C ASP A 72 11.98 8.97 -2.61
N THR A 73 11.30 7.90 -3.01
CA THR A 73 11.08 6.77 -2.11
C THR A 73 12.43 6.10 -1.76
N PRO A 74 12.81 6.00 -0.50
CA PRO A 74 14.10 5.38 -0.12
C PRO A 74 14.07 3.85 -0.24
N MET A 75 13.61 3.18 0.82
CA MET A 75 13.54 1.72 0.81
C MET A 75 12.82 1.18 2.05
N SER A 76 12.80 1.96 3.11
CA SER A 76 12.13 1.56 4.34
C SER A 76 10.68 1.99 4.32
N ALA A 77 10.35 2.88 3.39
CA ALA A 77 8.99 3.38 3.25
C ALA A 77 8.08 2.28 2.72
N LEU A 78 8.62 1.42 1.86
CA LEU A 78 7.82 0.34 1.32
C LEU A 78 7.43 -0.61 2.45
N LYS A 79 8.41 -0.98 3.26
CA LYS A 79 8.15 -1.87 4.39
C LYS A 79 7.10 -1.25 5.29
N ASP A 80 7.13 0.08 5.39
CA ASP A 80 6.18 0.81 6.22
C ASP A 80 4.79 0.72 5.60
N ALA A 81 4.66 1.19 4.37
CA ALA A 81 3.38 1.17 3.68
C ALA A 81 2.86 -0.27 3.50
N VAL A 82 3.59 -1.07 2.72
CA VAL A 82 3.21 -2.47 2.46
C VAL A 82 2.54 -3.11 3.67
N ARG A 83 2.83 -2.58 4.84
CA ARG A 83 2.26 -3.09 6.08
C ARG A 83 0.84 -2.57 6.23
N ILE A 84 0.72 -1.25 6.23
CA ILE A 84 -0.56 -0.59 6.40
C ILE A 84 -1.63 -1.18 5.48
N LEU A 85 -1.29 -1.47 4.21
CA LEU A 85 -2.31 -2.04 3.32
C LEU A 85 -2.50 -3.52 3.65
N TRP A 86 -1.42 -4.19 4.00
CA TRP A 86 -1.52 -5.61 4.34
C TRP A 86 -2.67 -5.83 5.34
N GLY A 87 -3.10 -4.75 5.98
CA GLY A 87 -4.18 -4.82 6.96
C GLY A 87 -3.65 -5.21 8.33
N GLU A 88 -2.34 -5.04 8.52
CA GLU A 88 -1.70 -5.39 9.80
C GLU A 88 -1.21 -4.12 10.50
N ALA A 89 -1.50 -2.96 9.88
CA ALA A 89 -1.09 -1.66 10.43
C ALA A 89 -1.03 -1.68 11.95
N GLU A 90 -1.94 -2.44 12.57
CA GLU A 90 -1.98 -2.53 14.03
C GLU A 90 -0.58 -2.77 14.59
N VAL A 91 -0.06 -1.80 15.34
CA VAL A 91 1.26 -1.92 15.92
C VAL A 91 1.32 -3.11 16.87
N ASP A 92 0.17 -3.68 17.19
CA ASP A 92 0.10 -4.83 18.09
C ASP A 92 0.86 -6.01 17.50
N SER A 93 2.19 -5.91 17.52
CA SER A 93 3.03 -6.97 16.99
C SER A 93 3.06 -8.17 17.94
N LEU A 94 3.95 -9.12 17.67
CA LEU A 94 4.06 -10.31 18.50
C LEU A 94 4.88 -9.98 19.77
N PRO A 95 4.63 -10.64 20.86
CA PRO A 95 5.37 -10.39 22.14
C PRO A 95 6.81 -10.90 22.07
N GLN A 96 7.56 -10.70 23.15
CA GLN A 96 8.94 -11.15 23.20
C GLN A 96 9.01 -12.67 23.35
N PRO A 97 10.05 -13.31 22.85
CA PRO A 97 10.20 -14.79 22.96
C PRO A 97 9.71 -15.32 24.31
N VAL A 98 9.22 -16.55 24.32
CA VAL A 98 8.73 -17.16 25.55
C VAL A 98 9.90 -17.62 26.41
N MET A 3 -20.44 -8.06 10.87
CA MET A 3 -19.56 -9.10 10.28
C MET A 3 -20.38 -9.99 9.36
N VAL A 4 -21.56 -10.37 9.83
CA VAL A 4 -22.44 -11.22 9.04
C VAL A 4 -23.20 -10.39 8.02
N THR A 5 -22.59 -10.17 6.86
CA THR A 5 -23.22 -9.36 5.81
C THR A 5 -22.58 -9.66 4.44
N PRO A 6 -23.33 -9.52 3.37
CA PRO A 6 -22.80 -9.76 2.00
C PRO A 6 -21.36 -9.28 1.83
N VAL A 7 -20.70 -9.76 0.78
CA VAL A 7 -19.33 -9.36 0.51
C VAL A 7 -19.29 -8.02 -0.21
N ASN A 8 -18.90 -6.97 0.52
CA ASN A 8 -18.83 -5.62 -0.04
C ASN A 8 -17.56 -4.92 0.42
N MET A 9 -17.20 -3.83 -0.26
CA MET A 9 -16.01 -3.07 0.08
C MET A 9 -16.20 -2.35 1.41
N SER A 10 -15.11 -2.25 2.18
CA SER A 10 -15.15 -1.57 3.49
C SER A 10 -14.37 -0.26 3.41
N ARG A 11 -14.96 0.81 3.93
CA ARG A 11 -14.29 2.10 3.91
C ARG A 11 -13.10 2.09 4.85
N GLU A 12 -13.23 1.43 6.00
CA GLU A 12 -12.12 1.36 6.95
C GLU A 12 -10.81 1.12 6.21
N THR A 13 -10.92 0.57 5.01
CA THR A 13 -9.77 0.31 4.16
C THR A 13 -9.41 1.59 3.41
N ALA A 14 -10.44 2.18 2.80
CA ALA A 14 -10.28 3.42 2.06
C ALA A 14 -9.91 4.56 3.02
N LEU A 15 -9.77 4.20 4.29
CA LEU A 15 -9.44 5.15 5.35
C LEU A 15 -8.02 4.89 5.86
N ARG A 16 -7.68 3.61 6.01
CA ARG A 16 -6.37 3.21 6.54
C ARG A 16 -5.32 3.13 5.44
N ILE A 17 -5.70 2.64 4.27
CA ILE A 17 -4.76 2.51 3.15
C ILE A 17 -4.30 3.89 2.70
N ALA A 18 -4.91 4.94 3.25
CA ALA A 18 -4.53 6.30 2.90
C ALA A 18 -3.49 6.84 3.86
N LEU A 19 -3.39 6.21 5.03
CA LEU A 19 -2.41 6.63 6.01
C LEU A 19 -1.02 6.26 5.49
N ALA A 20 -0.97 5.19 4.72
CA ALA A 20 0.28 4.73 4.14
C ALA A 20 0.92 5.82 3.30
N ALA A 21 0.09 6.53 2.53
CA ALA A 21 0.61 7.61 1.69
C ALA A 21 1.67 8.42 2.47
N ARG A 22 1.46 8.53 3.79
CA ARG A 22 2.40 9.25 4.62
C ARG A 22 3.73 8.49 4.71
N ALA A 23 3.64 7.17 4.86
CA ALA A 23 4.83 6.32 4.94
C ALA A 23 5.69 6.50 3.72
N LEU A 24 5.18 7.26 2.76
CA LEU A 24 5.88 7.49 1.50
C LEU A 24 6.26 8.97 1.37
N PRO A 25 7.36 9.28 0.72
CA PRO A 25 7.82 10.70 0.55
C PRO A 25 6.88 11.50 -0.36
N GLY A 26 7.18 11.54 -1.66
CA GLY A 26 6.36 12.29 -2.62
C GLY A 26 5.42 11.39 -3.40
N THR A 27 4.72 10.50 -2.69
CA THR A 27 3.77 9.57 -3.34
C THR A 27 2.36 9.81 -2.81
N THR A 28 1.37 9.72 -3.70
CA THR A 28 -0.03 9.93 -3.32
C THR A 28 -0.71 8.58 -3.03
N VAL A 29 -1.80 8.63 -2.28
CA VAL A 29 -2.53 7.43 -1.95
C VAL A 29 -2.90 6.67 -3.21
N GLY A 30 -3.51 7.37 -4.15
CA GLY A 30 -3.94 6.76 -5.40
C GLY A 30 -2.77 6.54 -6.36
N GLN A 31 -1.55 6.87 -5.93
CA GLN A 31 -0.38 6.69 -6.81
C GLN A 31 0.18 5.28 -6.62
N LEU A 32 -0.13 4.64 -5.50
CA LEU A 32 0.35 3.29 -5.23
C LEU A 32 -0.69 2.25 -5.66
N LEU A 33 -1.96 2.63 -5.63
CA LEU A 33 -3.03 1.70 -6.01
C LEU A 33 -3.19 1.65 -7.53
N GLU A 34 -3.12 2.82 -8.17
CA GLU A 34 -3.27 2.89 -9.62
C GLU A 34 -2.40 1.85 -10.31
N ILE A 35 -1.47 1.27 -9.55
CA ILE A 35 -0.57 0.25 -10.11
C ILE A 35 -1.36 -0.81 -10.87
N LEU A 36 -2.67 -0.85 -10.63
CA LEU A 36 -3.53 -1.83 -11.30
C LEU A 36 -3.51 -1.60 -12.80
N HIS A 37 -4.49 -0.84 -13.29
CA HIS A 37 -4.58 -0.55 -14.72
C HIS A 37 -4.43 -1.83 -15.53
N GLN A 38 -5.56 -2.39 -15.95
CA GLN A 38 -5.54 -3.63 -16.73
C GLN A 38 -6.96 -4.04 -17.14
N ARG A 39 -7.82 -3.05 -17.38
CA ARG A 39 -9.19 -3.33 -17.77
C ARG A 39 -9.87 -4.26 -16.77
N ILE A 40 -11.20 -4.35 -16.85
CA ILE A 40 -11.95 -5.20 -15.93
C ILE A 40 -11.40 -5.11 -14.51
N GLU A 41 -11.62 -3.97 -13.85
CA GLU A 41 -11.13 -3.79 -12.49
C GLU A 41 -12.08 -4.47 -11.50
N GLY A 42 -11.60 -5.53 -10.85
CA GLY A 42 -12.40 -6.27 -9.89
C GLY A 42 -12.25 -5.68 -8.48
N PRO A 43 -12.89 -6.28 -7.51
CA PRO A 43 -12.82 -5.82 -6.09
C PRO A 43 -11.48 -6.16 -5.44
N LEU A 44 -11.29 -5.67 -4.22
CA LEU A 44 -10.06 -5.94 -3.49
C LEU A 44 -10.22 -5.57 -2.01
N THR A 45 -9.78 -6.47 -1.13
CA THR A 45 -9.86 -6.24 0.31
C THR A 45 -8.52 -6.47 0.98
N GLU A 46 -8.50 -6.36 2.30
CA GLU A 46 -7.26 -6.55 3.07
C GLU A 46 -6.55 -7.85 2.68
N GLU A 47 -7.31 -8.84 2.20
CA GLU A 47 -6.73 -10.13 1.82
C GLU A 47 -6.21 -10.10 0.38
N SER A 48 -7.02 -9.51 -0.51
CA SER A 48 -6.65 -9.45 -1.92
C SER A 48 -5.27 -8.81 -2.09
N LEU A 49 -5.03 -7.70 -1.40
CA LEU A 49 -3.74 -7.01 -1.51
C LEU A 49 -2.60 -7.96 -1.16
N GLN A 50 -2.85 -8.88 -0.22
CA GLN A 50 -1.83 -9.83 0.19
C GLN A 50 -1.53 -10.82 -0.94
N GLY A 51 -0.97 -10.31 -2.02
CA GLY A 51 -0.64 -11.16 -3.17
C GLY A 51 0.50 -10.55 -3.99
N VAL A 52 1.13 -9.53 -3.42
CA VAL A 52 2.24 -8.84 -4.10
C VAL A 52 3.46 -8.79 -3.16
N SER A 53 4.60 -8.35 -3.68
CA SER A 53 5.82 -8.24 -2.90
C SER A 53 6.21 -6.77 -2.76
N VAL A 54 7.05 -6.46 -1.79
CA VAL A 54 7.48 -5.08 -1.58
C VAL A 54 8.08 -4.50 -2.87
N THR A 55 8.81 -5.34 -3.59
CA THR A 55 9.46 -4.90 -4.83
C THR A 55 8.45 -4.39 -5.87
N ASP A 56 7.23 -4.86 -5.81
CA ASP A 56 6.22 -4.43 -6.78
C ASP A 56 5.73 -3.02 -6.47
N LEU A 57 5.74 -2.66 -5.20
CA LEU A 57 5.26 -1.35 -4.77
C LEU A 57 6.17 -0.21 -5.27
N LYS A 58 7.43 -0.19 -4.84
CA LYS A 58 8.36 0.88 -5.24
C LYS A 58 8.46 1.05 -6.75
N ILE A 59 8.37 -0.05 -7.49
CA ILE A 59 8.46 0.01 -8.95
C ILE A 59 7.13 0.48 -9.53
N GLY A 60 6.07 0.36 -8.76
CA GLY A 60 4.75 0.77 -9.22
C GLY A 60 4.68 2.29 -9.40
N LEU A 61 5.40 3.03 -8.56
CA LEU A 61 5.38 4.49 -8.65
C LEU A 61 6.26 4.97 -9.80
N ALA A 62 7.52 4.55 -9.81
CA ALA A 62 8.42 4.97 -10.89
C ALA A 62 8.08 4.21 -12.17
N GLY A 63 7.62 2.96 -12.00
CA GLY A 63 7.27 2.16 -13.17
C GLY A 63 8.52 1.55 -13.80
N SER A 64 9.70 1.92 -13.27
CA SER A 64 10.96 1.40 -13.80
C SER A 64 11.91 1.01 -12.67
N GLU A 65 11.93 -0.28 -12.36
CA GLU A 65 12.82 -0.78 -11.31
C GLU A 65 14.25 -0.35 -11.59
N GLU A 66 14.46 0.26 -12.75
CA GLU A 66 15.79 0.73 -13.12
C GLU A 66 16.04 2.12 -12.56
N ASP A 67 15.02 2.99 -12.62
CA ASP A 67 15.15 4.37 -12.14
C ASP A 67 14.72 4.53 -10.68
N VAL A 68 14.01 3.55 -10.13
CA VAL A 68 13.57 3.68 -8.74
C VAL A 68 14.73 4.10 -7.85
N ASP A 69 15.94 3.86 -8.32
CA ASP A 69 17.13 4.20 -7.55
C ASP A 69 17.12 5.67 -7.15
N MET A 70 16.57 6.53 -8.01
CA MET A 70 16.51 7.96 -7.71
C MET A 70 15.20 8.34 -7.02
N LEU A 71 14.16 7.54 -7.23
CA LEU A 71 12.87 7.80 -6.62
C LEU A 71 13.06 8.07 -5.12
N ASP A 72 12.62 9.24 -4.68
CA ASP A 72 12.75 9.64 -3.27
C ASP A 72 12.55 8.44 -2.34
N THR A 73 11.74 7.49 -2.76
CA THR A 73 11.47 6.30 -1.94
C THR A 73 12.80 5.71 -1.44
N PRO A 74 13.05 5.71 -0.14
CA PRO A 74 14.33 5.16 0.42
C PRO A 74 14.32 3.65 0.56
N MET A 75 13.43 2.98 -0.17
CA MET A 75 13.34 1.52 -0.11
C MET A 75 12.87 1.07 1.28
N SER A 76 12.88 1.99 2.25
CA SER A 76 12.46 1.67 3.61
C SER A 76 11.01 2.07 3.81
N ALA A 77 10.50 2.88 2.87
CA ALA A 77 9.12 3.35 2.95
C ALA A 77 8.14 2.25 2.58
N LEU A 78 8.54 1.33 1.70
CA LEU A 78 7.65 0.25 1.32
C LEU A 78 7.40 -0.62 2.54
N LYS A 79 8.49 -1.07 3.17
CA LYS A 79 8.39 -1.90 4.37
C LYS A 79 7.38 -1.26 5.32
N ASP A 80 7.40 0.06 5.39
CA ASP A 80 6.49 0.79 6.25
C ASP A 80 5.07 0.70 5.71
N ALA A 81 4.87 1.15 4.49
CA ALA A 81 3.54 1.13 3.87
C ALA A 81 3.02 -0.31 3.71
N VAL A 82 3.74 -1.14 2.94
CA VAL A 82 3.34 -2.53 2.69
C VAL A 82 2.67 -3.14 3.92
N ARG A 83 2.99 -2.61 5.09
CA ARG A 83 2.41 -3.11 6.33
C ARG A 83 1.01 -2.54 6.50
N ILE A 84 0.92 -1.23 6.47
CA ILE A 84 -0.35 -0.55 6.64
C ILE A 84 -1.45 -1.13 5.74
N LEU A 85 -1.14 -1.41 4.46
CA LEU A 85 -2.18 -1.97 3.59
C LEU A 85 -2.42 -3.42 3.95
N TRP A 86 -1.35 -4.14 4.28
CA TRP A 86 -1.49 -5.55 4.66
C TRP A 86 -2.66 -5.72 5.63
N GLY A 87 -3.06 -4.62 6.26
CA GLY A 87 -4.15 -4.67 7.23
C GLY A 87 -3.63 -5.11 8.60
N GLU A 88 -2.30 -5.06 8.74
CA GLU A 88 -1.65 -5.45 9.99
C GLU A 88 -1.06 -4.21 10.67
N ALA A 89 -1.30 -3.04 10.06
CA ALA A 89 -0.81 -1.76 10.58
C ALA A 89 -0.62 -1.79 12.10
N GLU A 90 -1.62 -2.31 12.80
CA GLU A 90 -1.56 -2.40 14.25
C GLU A 90 -0.24 -3.02 14.68
N VAL A 91 0.06 -2.92 15.97
CA VAL A 91 1.31 -3.48 16.49
C VAL A 91 1.20 -5.00 16.64
N ASP A 92 0.49 -5.63 15.72
CA ASP A 92 0.32 -7.08 15.76
C ASP A 92 1.62 -7.78 15.35
N SER A 93 2.74 -7.24 15.80
CA SER A 93 4.03 -7.82 15.47
C SER A 93 4.25 -9.11 16.24
N LEU A 94 5.52 -9.41 16.55
CA LEU A 94 5.84 -10.62 17.29
C LEU A 94 5.54 -10.41 18.78
N PRO A 95 5.19 -11.47 19.49
CA PRO A 95 4.88 -11.36 20.95
C PRO A 95 5.78 -10.35 21.67
N GLN A 96 7.04 -10.28 21.25
CA GLN A 96 7.97 -9.35 21.85
C GLN A 96 7.62 -7.91 21.47
N PRO A 97 7.93 -6.95 22.30
CA PRO A 97 7.62 -5.51 22.01
C PRO A 97 8.54 -4.94 20.92
N VAL A 98 8.30 -3.69 20.55
CA VAL A 98 9.10 -3.05 19.51
C VAL A 98 10.51 -2.76 20.03
N MET A 3 -19.55 12.92 -5.16
CA MET A 3 -19.08 11.63 -5.72
C MET A 3 -20.23 10.62 -5.71
N VAL A 4 -21.21 10.84 -6.58
CA VAL A 4 -22.37 9.95 -6.65
C VAL A 4 -21.90 8.51 -6.92
N THR A 5 -20.65 8.38 -7.36
CA THR A 5 -20.09 7.06 -7.67
C THR A 5 -20.52 6.03 -6.62
N PRO A 6 -21.45 5.15 -6.92
CA PRO A 6 -21.91 4.11 -5.95
C PRO A 6 -20.75 3.46 -5.22
N VAL A 7 -20.56 3.80 -3.95
CA VAL A 7 -19.48 3.25 -3.15
C VAL A 7 -19.49 1.72 -3.24
N ASN A 8 -18.45 1.11 -2.67
CA ASN A 8 -18.33 -0.35 -2.67
C ASN A 8 -17.45 -0.80 -1.51
N MET A 9 -16.33 -0.11 -1.32
CA MET A 9 -15.42 -0.45 -0.24
C MET A 9 -15.98 0.01 1.10
N SER A 10 -15.21 -0.20 2.16
CA SER A 10 -15.65 0.20 3.50
C SER A 10 -15.65 1.73 3.62
N ARG A 11 -15.38 2.20 4.83
CA ARG A 11 -15.35 3.64 5.10
C ARG A 11 -14.33 3.94 6.20
N GLU A 12 -14.14 3.00 7.12
CA GLU A 12 -13.18 3.19 8.22
C GLU A 12 -11.88 2.44 7.91
N THR A 13 -12.00 1.32 7.20
CA THR A 13 -10.83 0.54 6.82
C THR A 13 -10.15 1.22 5.64
N ALA A 14 -10.89 1.29 4.55
CA ALA A 14 -10.42 1.92 3.31
C ALA A 14 -9.40 3.03 3.60
N LEU A 15 -9.78 3.92 4.49
CA LEU A 15 -8.93 5.04 4.89
C LEU A 15 -7.55 4.57 5.32
N ARG A 16 -7.52 3.49 6.09
CA ARG A 16 -6.26 2.93 6.59
C ARG A 16 -5.25 2.81 5.45
N ILE A 17 -5.68 2.28 4.32
CA ILE A 17 -4.81 2.11 3.17
C ILE A 17 -4.33 3.46 2.65
N ALA A 18 -4.90 4.53 3.21
CA ALA A 18 -4.54 5.88 2.81
C ALA A 18 -3.51 6.49 3.75
N LEU A 19 -3.36 5.89 4.92
CA LEU A 19 -2.37 6.38 5.87
C LEU A 19 -0.99 5.99 5.37
N ALA A 20 -0.94 4.89 4.63
CA ALA A 20 0.31 4.41 4.07
C ALA A 20 0.94 5.50 3.19
N ALA A 21 0.10 6.16 2.41
CA ALA A 21 0.58 7.23 1.53
C ALA A 21 1.58 8.10 2.28
N ARG A 22 1.33 8.32 3.57
CA ARG A 22 2.23 9.12 4.39
C ARG A 22 3.58 8.42 4.49
N ALA A 23 3.54 7.10 4.62
CA ALA A 23 4.76 6.30 4.73
C ALA A 23 5.62 6.49 3.49
N LEU A 24 5.08 7.20 2.51
CA LEU A 24 5.78 7.44 1.26
C LEU A 24 5.95 8.95 1.01
N PRO A 25 7.14 9.50 1.12
CA PRO A 25 7.36 10.96 0.89
C PRO A 25 7.52 11.30 -0.59
N GLY A 26 6.43 11.13 -1.35
CA GLY A 26 6.46 11.45 -2.78
C GLY A 26 5.41 10.65 -3.56
N THR A 27 4.81 9.65 -2.91
CA THR A 27 3.79 8.82 -3.57
C THR A 27 2.43 9.02 -2.93
N THR A 28 1.40 9.12 -3.77
CA THR A 28 0.03 9.31 -3.30
C THR A 28 -0.63 7.96 -3.02
N VAL A 29 -1.80 8.01 -2.41
CA VAL A 29 -2.54 6.81 -2.07
C VAL A 29 -2.88 5.99 -3.31
N GLY A 30 -3.62 6.62 -4.22
CA GLY A 30 -4.04 5.95 -5.45
C GLY A 30 -2.89 5.75 -6.42
N GLN A 31 -1.65 5.98 -5.98
CA GLN A 31 -0.49 5.81 -6.86
C GLN A 31 0.17 4.46 -6.61
N LEU A 32 -0.24 3.77 -5.55
CA LEU A 32 0.34 2.47 -5.22
C LEU A 32 -0.64 1.33 -5.51
N LEU A 33 -1.94 1.64 -5.62
CA LEU A 33 -2.95 0.62 -5.87
C LEU A 33 -3.21 0.43 -7.37
N GLU A 34 -3.40 1.54 -8.08
CA GLU A 34 -3.67 1.48 -9.52
C GLU A 34 -2.69 0.54 -10.23
N ILE A 35 -1.66 0.09 -9.52
CA ILE A 35 -0.68 -0.82 -10.10
C ILE A 35 -1.24 -2.24 -10.14
N LEU A 36 -1.56 -2.77 -8.98
CA LEU A 36 -2.10 -4.12 -8.87
C LEU A 36 -3.24 -4.33 -9.87
N HIS A 37 -4.25 -3.46 -9.80
CA HIS A 37 -5.41 -3.54 -10.70
C HIS A 37 -6.10 -4.90 -10.54
N GLN A 38 -7.42 -4.89 -10.59
CA GLN A 38 -8.20 -6.13 -10.44
C GLN A 38 -9.65 -5.91 -10.84
N ARG A 39 -10.25 -6.93 -11.45
CA ARG A 39 -11.65 -6.83 -11.88
C ARG A 39 -12.25 -8.22 -12.08
N ILE A 40 -12.81 -8.78 -11.02
CA ILE A 40 -13.42 -10.10 -11.09
C ILE A 40 -14.07 -10.46 -9.74
N GLU A 41 -13.46 -10.00 -8.65
CA GLU A 41 -13.99 -10.28 -7.33
C GLU A 41 -15.12 -9.31 -6.99
N GLY A 42 -14.83 -8.36 -6.10
CA GLY A 42 -15.82 -7.37 -5.70
C GLY A 42 -15.31 -6.54 -4.52
N PRO A 43 -15.32 -7.09 -3.34
CA PRO A 43 -14.83 -6.39 -2.11
C PRO A 43 -13.30 -6.37 -2.05
N LEU A 44 -12.71 -5.21 -2.36
CA LEU A 44 -11.26 -5.07 -2.32
C LEU A 44 -10.81 -4.71 -0.91
N THR A 45 -10.93 -5.68 0.00
CA THR A 45 -10.55 -5.48 1.38
C THR A 45 -9.04 -5.33 1.53
N GLU A 46 -8.61 -4.99 2.74
CA GLU A 46 -7.19 -4.83 3.02
C GLU A 46 -6.45 -6.10 2.62
N GLU A 47 -7.17 -7.21 2.60
CA GLU A 47 -6.58 -8.49 2.25
C GLU A 47 -6.35 -8.58 0.74
N SER A 48 -7.26 -7.98 -0.03
CA SER A 48 -7.14 -8.00 -1.48
C SER A 48 -5.78 -7.44 -1.91
N LEU A 49 -5.27 -6.50 -1.11
CA LEU A 49 -3.97 -5.89 -1.41
C LEU A 49 -2.85 -6.93 -1.30
N GLN A 50 -3.11 -7.99 -0.55
CA GLN A 50 -2.11 -9.05 -0.37
C GLN A 50 -2.03 -9.93 -1.61
N GLY A 51 -1.40 -9.40 -2.65
CA GLY A 51 -1.25 -10.16 -3.90
C GLY A 51 0.00 -9.73 -4.67
N VAL A 52 0.83 -8.88 -4.07
CA VAL A 52 2.06 -8.41 -4.73
C VAL A 52 3.25 -8.47 -3.75
N SER A 53 4.45 -8.15 -4.24
CA SER A 53 5.66 -8.15 -3.41
C SER A 53 6.14 -6.71 -3.24
N VAL A 54 7.02 -6.48 -2.28
CA VAL A 54 7.52 -5.12 -2.03
C VAL A 54 8.20 -4.53 -3.29
N THR A 55 9.01 -5.33 -3.96
CA THR A 55 9.72 -4.86 -5.14
C THR A 55 8.77 -4.30 -6.20
N ASP A 56 7.53 -4.74 -6.21
CA ASP A 56 6.57 -4.28 -7.20
C ASP A 56 6.09 -2.85 -6.91
N LEU A 57 6.06 -2.52 -5.63
CA LEU A 57 5.58 -1.20 -5.19
C LEU A 57 6.47 -0.07 -5.68
N LYS A 58 7.71 -0.04 -5.21
CA LYS A 58 8.65 1.03 -5.58
C LYS A 58 8.78 1.21 -7.10
N ILE A 59 8.75 0.11 -7.83
CA ILE A 59 8.90 0.18 -9.28
C ILE A 59 7.58 0.58 -9.95
N GLY A 60 6.48 0.38 -9.24
CA GLY A 60 5.17 0.73 -9.79
C GLY A 60 5.06 2.22 -10.08
N LEU A 61 5.74 3.04 -9.27
CA LEU A 61 5.69 4.49 -9.46
C LEU A 61 6.63 4.96 -10.56
N ALA A 62 7.90 4.62 -10.48
CA ALA A 62 8.86 5.04 -11.50
C ALA A 62 8.75 4.15 -12.74
N GLY A 63 8.37 2.89 -12.54
CA GLY A 63 8.25 1.97 -13.66
C GLY A 63 9.63 1.52 -14.15
N SER A 64 10.68 1.96 -13.46
CA SER A 64 12.04 1.60 -13.84
C SER A 64 12.87 1.24 -12.61
N GLU A 65 12.81 -0.04 -12.22
CA GLU A 65 13.55 -0.51 -11.07
C GLU A 65 15.01 -0.09 -11.16
N GLU A 66 15.40 0.42 -12.33
CA GLU A 66 16.77 0.87 -12.54
C GLU A 66 16.94 2.31 -12.07
N ASP A 67 15.91 3.13 -12.28
CA ASP A 67 15.96 4.54 -11.90
C ASP A 67 15.29 4.81 -10.54
N VAL A 68 14.52 3.85 -10.03
CA VAL A 68 13.86 4.07 -8.75
C VAL A 68 14.85 4.55 -7.72
N ASP A 69 16.12 4.21 -7.90
CA ASP A 69 17.16 4.62 -6.96
C ASP A 69 17.12 6.13 -6.73
N MET A 70 16.39 6.84 -7.59
CA MET A 70 16.26 8.29 -7.48
C MET A 70 14.89 8.67 -6.91
N LEU A 71 13.93 7.77 -7.05
CA LEU A 71 12.57 8.02 -6.55
C LEU A 71 12.64 8.45 -5.08
N ASP A 72 12.13 9.65 -4.79
CA ASP A 72 12.13 10.17 -3.43
C ASP A 72 11.80 9.08 -2.42
N THR A 73 10.95 8.14 -2.83
CA THR A 73 10.56 7.05 -1.94
C THR A 73 11.80 6.23 -1.54
N PRO A 74 12.13 6.12 -0.27
CA PRO A 74 13.32 5.34 0.16
C PRO A 74 13.09 3.83 -0.05
N MET A 75 13.82 3.02 0.70
CA MET A 75 13.72 1.56 0.59
C MET A 75 12.99 0.97 1.79
N SER A 76 12.89 1.76 2.84
CA SER A 76 12.23 1.32 4.07
C SER A 76 10.75 1.71 4.06
N ALA A 77 10.44 2.76 3.31
CA ALA A 77 9.07 3.23 3.21
C ALA A 77 8.17 2.15 2.64
N LEU A 78 8.71 1.34 1.74
CA LEU A 78 7.91 0.28 1.16
C LEU A 78 7.53 -0.71 2.25
N LYS A 79 8.51 -1.08 3.07
CA LYS A 79 8.26 -2.01 4.16
C LYS A 79 7.22 -1.42 5.10
N ASP A 80 7.25 -0.10 5.25
CA ASP A 80 6.31 0.59 6.12
C ASP A 80 4.91 0.47 5.54
N ALA A 81 4.74 0.97 4.33
CA ALA A 81 3.45 0.92 3.65
C ALA A 81 2.96 -0.51 3.45
N VAL A 82 3.69 -1.27 2.63
CA VAL A 82 3.32 -2.67 2.34
C VAL A 82 2.70 -3.35 3.55
N ARG A 83 3.08 -2.89 4.72
CA ARG A 83 2.56 -3.44 5.96
C ARG A 83 1.15 -2.91 6.22
N ILE A 84 1.06 -1.59 6.30
CA ILE A 84 -0.21 -0.93 6.56
C ILE A 84 -1.36 -1.51 5.72
N LEU A 85 -1.13 -1.80 4.43
CA LEU A 85 -2.21 -2.35 3.62
C LEU A 85 -2.38 -3.83 3.93
N TRP A 86 -1.28 -4.53 4.20
CA TRP A 86 -1.36 -5.95 4.51
C TRP A 86 -2.39 -6.18 5.62
N GLY A 87 -2.78 -5.09 6.28
CA GLY A 87 -3.74 -5.19 7.37
C GLY A 87 -3.05 -5.63 8.65
N GLU A 88 -1.72 -5.46 8.69
CA GLU A 88 -0.93 -5.85 9.85
C GLU A 88 -0.35 -4.59 10.51
N ALA A 89 -0.78 -3.43 10.03
CA ALA A 89 -0.31 -2.15 10.56
C ALA A 89 -0.02 -2.24 12.06
N GLU A 90 -1.03 -2.62 12.83
CA GLU A 90 -0.85 -2.75 14.28
C GLU A 90 0.34 -3.63 14.61
N VAL A 91 1.10 -3.24 15.63
CA VAL A 91 2.28 -4.00 16.04
C VAL A 91 1.87 -5.16 16.96
N ASP A 92 2.54 -6.29 16.79
CA ASP A 92 2.25 -7.47 17.62
C ASP A 92 2.49 -7.16 19.10
N SER A 93 3.65 -7.57 19.59
CA SER A 93 4.00 -7.33 20.99
C SER A 93 4.08 -5.84 21.28
N LEU A 94 4.37 -5.50 22.53
CA LEU A 94 4.48 -4.10 22.93
C LEU A 94 5.82 -3.54 22.48
N PRO A 95 5.90 -2.26 22.19
CA PRO A 95 7.18 -1.61 21.74
C PRO A 95 8.20 -1.53 22.86
N GLN A 96 9.37 -2.10 22.63
CA GLN A 96 10.43 -2.09 23.64
C GLN A 96 11.07 -0.70 23.71
N PRO A 97 11.60 -0.32 24.85
CA PRO A 97 12.24 1.02 25.02
C PRO A 97 13.59 1.11 24.29
N VAL A 98 14.09 2.32 24.12
CA VAL A 98 15.36 2.52 23.44
C VAL A 98 16.52 2.16 24.35
N MET A 3 -30.00 -4.06 7.35
CA MET A 3 -29.93 -3.88 8.83
C MET A 3 -28.48 -4.05 9.30
N VAL A 4 -27.82 -5.10 8.80
CA VAL A 4 -26.44 -5.35 9.18
C VAL A 4 -25.50 -4.39 8.46
N THR A 5 -24.37 -4.12 9.08
CA THR A 5 -23.39 -3.21 8.49
C THR A 5 -22.85 -3.78 7.17
N PRO A 6 -22.46 -2.94 6.24
CA PRO A 6 -21.91 -3.41 4.93
C PRO A 6 -20.51 -3.98 5.06
N VAL A 7 -20.40 -5.17 5.64
CA VAL A 7 -19.11 -5.81 5.83
C VAL A 7 -18.44 -6.07 4.49
N ASN A 8 -17.36 -6.84 4.51
CA ASN A 8 -16.63 -7.15 3.29
C ASN A 8 -16.21 -5.87 2.58
N MET A 9 -16.44 -4.74 3.23
CA MET A 9 -16.08 -3.45 2.65
C MET A 9 -16.28 -2.33 3.67
N SER A 10 -15.56 -2.43 4.78
CA SER A 10 -15.66 -1.42 5.84
C SER A 10 -14.78 -0.22 5.50
N ARG A 11 -15.21 0.96 5.95
CA ARG A 11 -14.45 2.18 5.69
C ARG A 11 -13.12 2.13 6.41
N GLU A 12 -13.12 1.65 7.65
CA GLU A 12 -11.88 1.56 8.43
C GLU A 12 -10.73 1.06 7.56
N THR A 13 -11.08 0.28 6.53
CA THR A 13 -10.08 -0.24 5.61
C THR A 13 -9.74 0.80 4.55
N ALA A 14 -10.77 1.53 4.14
CA ALA A 14 -10.63 2.58 3.14
C ALA A 14 -10.14 3.86 3.79
N LEU A 15 -9.78 3.75 5.05
CA LEU A 15 -9.29 4.88 5.84
C LEU A 15 -7.79 4.72 6.12
N ARG A 16 -7.35 3.47 6.32
CA ARG A 16 -5.95 3.21 6.62
C ARG A 16 -5.07 3.17 5.37
N ILE A 17 -5.64 2.79 4.24
CA ILE A 17 -4.86 2.72 3.01
C ILE A 17 -4.36 4.09 2.59
N ALA A 18 -4.98 5.15 3.12
CA ALA A 18 -4.58 6.51 2.78
C ALA A 18 -3.50 7.02 3.72
N LEU A 19 -3.36 6.38 4.87
CA LEU A 19 -2.32 6.79 5.80
C LEU A 19 -0.97 6.39 5.22
N ALA A 20 -1.00 5.31 4.46
CA ALA A 20 0.20 4.81 3.80
C ALA A 20 0.83 5.90 2.95
N ALA A 21 -0.01 6.63 2.20
CA ALA A 21 0.50 7.70 1.36
C ALA A 21 1.58 8.49 2.12
N ARG A 22 1.37 8.65 3.42
CA ARG A 22 2.33 9.37 4.25
C ARG A 22 3.62 8.55 4.38
N ALA A 23 3.48 7.24 4.57
CA ALA A 23 4.65 6.38 4.70
C ALA A 23 5.54 6.51 3.49
N LEU A 24 5.06 7.26 2.51
CA LEU A 24 5.79 7.46 1.27
C LEU A 24 6.09 8.96 1.10
N PRO A 25 7.33 9.36 0.95
CA PRO A 25 7.68 10.82 0.80
C PRO A 25 7.46 11.31 -0.63
N GLY A 26 6.20 11.61 -0.97
CA GLY A 26 5.86 12.12 -2.31
C GLY A 26 4.72 11.34 -2.95
N THR A 27 4.84 10.02 -2.99
CA THR A 27 3.81 9.18 -3.60
C THR A 27 2.44 9.44 -2.97
N THR A 28 1.41 9.49 -3.83
CA THR A 28 0.05 9.74 -3.38
C THR A 28 -0.65 8.42 -3.05
N VAL A 29 -1.84 8.53 -2.47
CA VAL A 29 -2.63 7.35 -2.09
C VAL A 29 -2.97 6.49 -3.31
N GLY A 30 -3.65 7.09 -4.27
CA GLY A 30 -4.07 6.36 -5.46
C GLY A 30 -2.88 6.06 -6.39
N GLN A 31 -1.67 6.36 -5.94
CA GLN A 31 -0.48 6.11 -6.77
C GLN A 31 0.16 4.79 -6.37
N LEU A 32 -0.14 4.32 -5.17
CA LEU A 32 0.42 3.06 -4.68
C LEU A 32 -0.50 1.90 -5.04
N LEU A 33 -1.77 2.20 -5.29
CA LEU A 33 -2.75 1.17 -5.64
C LEU A 33 -2.83 0.98 -7.15
N GLU A 34 -2.75 2.09 -7.89
CA GLU A 34 -2.83 2.04 -9.36
C GLU A 34 -2.16 0.80 -9.94
N ILE A 35 -1.21 0.24 -9.20
CA ILE A 35 -0.51 -0.96 -9.66
C ILE A 35 -1.51 -2.02 -10.11
N LEU A 36 -2.63 -2.12 -9.42
CA LEU A 36 -3.66 -3.10 -9.76
C LEU A 36 -4.55 -2.57 -10.89
N HIS A 37 -4.35 -1.30 -11.24
CA HIS A 37 -5.14 -0.66 -12.29
C HIS A 37 -6.62 -0.71 -11.97
N GLN A 38 -7.15 0.43 -11.51
CA GLN A 38 -8.56 0.53 -11.18
C GLN A 38 -9.38 0.78 -12.45
N ARG A 39 -8.77 0.47 -13.59
CA ARG A 39 -9.42 0.66 -14.88
C ARG A 39 -10.83 0.05 -14.87
N ILE A 40 -10.88 -1.27 -14.95
CA ILE A 40 -12.17 -1.98 -14.96
C ILE A 40 -12.58 -2.34 -13.53
N GLU A 41 -13.86 -2.14 -13.22
CA GLU A 41 -14.36 -2.45 -11.89
C GLU A 41 -13.91 -3.85 -11.47
N GLY A 42 -13.34 -3.95 -10.28
CA GLY A 42 -12.87 -5.24 -9.77
C GLY A 42 -12.88 -5.26 -8.24
N PRO A 43 -12.24 -6.24 -7.66
CA PRO A 43 -12.18 -6.39 -6.18
C PRO A 43 -11.86 -5.07 -5.49
N LEU A 44 -11.90 -5.09 -4.16
CA LEU A 44 -11.60 -3.89 -3.37
C LEU A 44 -11.55 -4.25 -1.89
N THR A 45 -10.72 -5.25 -1.56
CA THR A 45 -10.57 -5.70 -0.18
C THR A 45 -9.12 -5.56 0.30
N GLU A 46 -8.91 -5.81 1.58
CA GLU A 46 -7.58 -5.73 2.16
C GLU A 46 -6.79 -6.99 1.84
N GLU A 47 -7.51 -8.09 1.62
CA GLU A 47 -6.86 -9.36 1.31
C GLU A 47 -6.43 -9.37 -0.15
N SER A 48 -7.26 -8.79 -1.00
CA SER A 48 -6.96 -8.73 -2.43
C SER A 48 -5.58 -8.12 -2.67
N LEU A 49 -5.25 -7.09 -1.90
CA LEU A 49 -3.95 -6.42 -2.04
C LEU A 49 -2.82 -7.39 -1.68
N GLN A 50 -3.02 -8.18 -0.62
CA GLN A 50 -2.01 -9.13 -0.18
C GLN A 50 -1.73 -10.16 -1.26
N GLY A 51 -1.08 -9.73 -2.34
CA GLY A 51 -0.75 -10.62 -3.45
C GLY A 51 0.46 -10.12 -4.22
N VAL A 52 1.13 -9.11 -3.67
CA VAL A 52 2.32 -8.54 -4.31
C VAL A 52 3.49 -8.50 -3.30
N SER A 53 4.67 -8.09 -3.78
CA SER A 53 5.86 -8.00 -2.92
C SER A 53 6.29 -6.55 -2.83
N VAL A 54 7.11 -6.23 -1.82
CA VAL A 54 7.59 -4.85 -1.65
C VAL A 54 8.25 -4.33 -2.93
N THR A 55 9.13 -5.14 -3.51
CA THR A 55 9.85 -4.74 -4.72
C THR A 55 8.89 -4.28 -5.83
N ASP A 56 7.66 -4.74 -5.80
CA ASP A 56 6.69 -4.37 -6.83
C ASP A 56 6.20 -2.94 -6.61
N LEU A 57 6.11 -2.54 -5.35
CA LEU A 57 5.61 -1.21 -5.02
C LEU A 57 6.54 -0.09 -5.51
N LYS A 58 7.77 -0.04 -4.99
CA LYS A 58 8.72 1.01 -5.37
C LYS A 58 8.91 1.12 -6.89
N ILE A 59 8.86 0.00 -7.59
CA ILE A 59 9.03 0.01 -9.03
C ILE A 59 7.73 0.42 -9.71
N GLY A 60 6.63 0.28 -8.98
CA GLY A 60 5.31 0.65 -9.50
C GLY A 60 5.21 2.14 -9.73
N LEU A 61 5.78 2.94 -8.82
CA LEU A 61 5.73 4.39 -8.95
C LEU A 61 6.71 4.85 -10.01
N ALA A 62 7.98 4.48 -9.86
CA ALA A 62 8.97 4.86 -10.86
C ALA A 62 8.66 4.15 -12.17
N GLY A 63 8.15 2.92 -12.06
CA GLY A 63 7.80 2.14 -13.23
C GLY A 63 8.62 0.86 -13.31
N SER A 64 9.94 1.00 -13.25
CA SER A 64 10.83 -0.15 -13.32
C SER A 64 11.99 0.00 -12.35
N GLU A 65 12.53 -1.12 -11.90
CA GLU A 65 13.64 -1.13 -10.97
C GLU A 65 14.87 -0.42 -11.54
N GLU A 66 14.66 0.45 -12.53
CA GLU A 66 15.76 1.19 -13.15
C GLU A 66 15.87 2.59 -12.56
N ASP A 67 14.81 3.38 -12.68
CA ASP A 67 14.81 4.76 -12.18
C ASP A 67 14.51 4.85 -10.68
N VAL A 68 14.06 3.75 -10.08
CA VAL A 68 13.75 3.78 -8.65
C VAL A 68 14.95 4.33 -7.87
N ASP A 69 16.14 4.14 -8.41
CA ASP A 69 17.35 4.61 -7.77
C ASP A 69 17.28 6.10 -7.51
N MET A 70 16.45 6.79 -8.29
CA MET A 70 16.29 8.24 -8.15
C MET A 70 15.09 8.55 -7.24
N LEU A 71 14.05 7.74 -7.35
CA LEU A 71 12.85 7.93 -6.54
C LEU A 71 13.22 8.12 -5.07
N ASP A 72 12.93 9.30 -4.55
CA ASP A 72 13.24 9.64 -3.16
C ASP A 72 12.89 8.49 -2.21
N THR A 73 12.07 7.55 -2.67
CA THR A 73 11.69 6.42 -1.85
C THR A 73 12.93 5.75 -1.23
N PRO A 74 13.11 5.75 0.08
CA PRO A 74 14.31 5.14 0.73
C PRO A 74 14.23 3.61 0.86
N MET A 75 13.39 2.98 0.06
CA MET A 75 13.24 1.53 0.10
C MET A 75 12.65 1.06 1.43
N SER A 76 12.62 1.96 2.42
CA SER A 76 12.06 1.62 3.72
C SER A 76 10.61 2.09 3.80
N ALA A 77 10.22 2.92 2.86
CA ALA A 77 8.87 3.45 2.82
C ALA A 77 7.88 2.39 2.37
N LEU A 78 8.33 1.47 1.52
CA LEU A 78 7.45 0.39 1.07
C LEU A 78 7.14 -0.51 2.25
N LYS A 79 8.20 -1.07 2.82
CA LYS A 79 8.08 -1.97 3.95
C LYS A 79 7.26 -1.31 5.06
N ASP A 80 7.10 0.00 4.97
CA ASP A 80 6.31 0.75 5.94
C ASP A 80 4.85 0.70 5.50
N ALA A 81 4.61 1.09 4.25
CA ALA A 81 3.27 1.10 3.68
C ALA A 81 2.72 -0.31 3.50
N VAL A 82 3.46 -1.14 2.75
CA VAL A 82 3.04 -2.52 2.47
C VAL A 82 2.32 -3.13 3.68
N ARG A 83 2.67 -2.62 4.85
CA ARG A 83 2.06 -3.09 6.09
C ARG A 83 0.66 -2.51 6.25
N ILE A 84 0.60 -1.19 6.18
CA ILE A 84 -0.65 -0.48 6.34
C ILE A 84 -1.76 -1.04 5.45
N LEU A 85 -1.48 -1.36 4.18
CA LEU A 85 -2.54 -1.91 3.31
C LEU A 85 -2.75 -3.38 3.63
N TRP A 86 -1.68 -4.07 4.00
CA TRP A 86 -1.78 -5.50 4.32
C TRP A 86 -2.98 -5.74 5.25
N GLY A 87 -3.30 -4.73 6.05
CA GLY A 87 -4.41 -4.83 7.00
C GLY A 87 -3.90 -5.20 8.39
N GLU A 88 -2.59 -5.06 8.58
CA GLU A 88 -1.95 -5.38 9.86
C GLU A 88 -1.46 -4.10 10.53
N ALA A 89 -1.70 -2.96 9.89
CA ALA A 89 -1.28 -1.67 10.41
C ALA A 89 -1.34 -1.63 11.95
N GLU A 90 -2.32 -2.35 12.51
CA GLU A 90 -2.48 -2.41 13.95
C GLU A 90 -1.14 -2.66 14.64
N VAL A 91 -0.38 -3.62 14.11
CA VAL A 91 0.91 -3.96 14.69
C VAL A 91 1.83 -2.74 14.68
N ASP A 92 2.10 -2.19 15.86
CA ASP A 92 2.97 -1.03 15.96
C ASP A 92 4.44 -1.44 15.87
N SER A 93 5.26 -0.56 15.33
CA SER A 93 6.68 -0.83 15.19
C SER A 93 7.37 -0.77 16.56
N LEU A 94 8.60 -0.27 16.58
CA LEU A 94 9.35 -0.15 17.82
C LEU A 94 9.01 1.16 18.53
N PRO A 95 9.07 1.20 19.84
CA PRO A 95 8.76 2.44 20.61
C PRO A 95 9.86 3.49 20.47
N GLN A 96 10.47 3.57 19.30
CA GLN A 96 11.54 4.52 19.05
C GLN A 96 10.98 5.96 19.10
N PRO A 97 11.79 6.93 19.46
CA PRO A 97 11.35 8.35 19.54
C PRO A 97 11.13 8.95 18.15
N VAL A 98 9.95 9.55 17.95
CA VAL A 98 9.64 10.17 16.66
C VAL A 98 10.36 11.50 16.51
N MET A 3 -28.20 -8.22 -0.44
CA MET A 3 -26.96 -7.57 0.09
C MET A 3 -26.02 -7.28 -1.07
N VAL A 4 -26.58 -7.15 -2.27
CA VAL A 4 -25.77 -6.87 -3.46
C VAL A 4 -25.43 -5.39 -3.54
N THR A 5 -24.22 -5.03 -3.15
CA THR A 5 -23.79 -3.64 -3.19
C THR A 5 -22.27 -3.54 -3.17
N PRO A 6 -21.61 -4.12 -4.15
CA PRO A 6 -20.12 -4.08 -4.24
C PRO A 6 -19.60 -2.74 -4.72
N VAL A 7 -19.29 -1.85 -3.78
CA VAL A 7 -18.79 -0.53 -4.13
C VAL A 7 -18.07 0.11 -2.94
N ASN A 8 -18.34 -0.41 -1.74
CA ASN A 8 -17.72 0.12 -0.53
C ASN A 8 -17.72 -0.93 0.58
N MET A 9 -17.23 -0.53 1.76
CA MET A 9 -17.18 -1.44 2.89
C MET A 9 -17.02 -0.66 4.20
N SER A 10 -16.11 -1.13 5.06
CA SER A 10 -15.87 -0.46 6.33
C SER A 10 -14.82 0.64 6.16
N ARG A 11 -15.06 1.78 6.81
CA ARG A 11 -14.14 2.90 6.70
C ARG A 11 -12.71 2.47 7.03
N GLU A 12 -12.51 1.90 8.21
CA GLU A 12 -11.17 1.47 8.62
C GLU A 12 -10.42 0.75 7.51
N THR A 13 -11.15 0.00 6.69
CA THR A 13 -10.51 -0.73 5.59
C THR A 13 -10.07 0.23 4.51
N ALA A 14 -10.67 1.41 4.54
CA ALA A 14 -10.39 2.46 3.57
C ALA A 14 -9.28 3.40 4.03
N LEU A 15 -9.59 4.23 5.02
CA LEU A 15 -8.63 5.21 5.55
C LEU A 15 -7.21 4.62 5.64
N ARG A 16 -7.08 3.50 6.34
CA ARG A 16 -5.78 2.86 6.52
C ARG A 16 -4.98 2.85 5.22
N ILE A 17 -5.67 2.57 4.11
CA ILE A 17 -5.00 2.50 2.81
C ILE A 17 -4.44 3.86 2.41
N ALA A 18 -5.01 4.94 2.95
CA ALA A 18 -4.56 6.28 2.61
C ALA A 18 -3.56 6.82 3.63
N LEU A 19 -3.53 6.22 4.80
CA LEU A 19 -2.58 6.67 5.82
C LEU A 19 -1.18 6.31 5.33
N ALA A 20 -1.10 5.23 4.58
CA ALA A 20 0.17 4.77 4.03
C ALA A 20 0.81 5.84 3.16
N ALA A 21 0.00 6.53 2.36
CA ALA A 21 0.52 7.59 1.50
C ALA A 21 1.55 8.44 2.28
N ARG A 22 1.27 8.67 3.56
CA ARG A 22 2.18 9.45 4.39
C ARG A 22 3.51 8.72 4.52
N ALA A 23 3.44 7.40 4.65
CA ALA A 23 4.64 6.58 4.80
C ALA A 23 5.57 6.74 3.61
N LEU A 24 5.11 7.46 2.59
CA LEU A 24 5.91 7.67 1.38
C LEU A 24 6.31 9.15 1.25
N PRO A 25 7.47 9.43 0.70
CA PRO A 25 7.95 10.83 0.53
C PRO A 25 6.82 11.78 0.13
N GLY A 26 6.37 11.65 -1.12
CA GLY A 26 5.29 12.50 -1.64
C GLY A 26 4.35 11.69 -2.51
N THR A 27 4.58 10.39 -2.58
CA THR A 27 3.73 9.52 -3.39
C THR A 27 2.28 9.64 -2.93
N THR A 28 1.36 9.71 -3.89
CA THR A 28 -0.06 9.84 -3.59
C THR A 28 -0.68 8.48 -3.28
N VAL A 29 -1.84 8.51 -2.65
CA VAL A 29 -2.55 7.29 -2.27
C VAL A 29 -2.90 6.44 -3.48
N GLY A 30 -3.61 7.03 -4.43
CA GLY A 30 -4.04 6.30 -5.62
C GLY A 30 -2.89 6.01 -6.57
N GLN A 31 -1.64 6.19 -6.13
CA GLN A 31 -0.49 5.94 -7.01
C GLN A 31 0.10 4.54 -6.79
N LEU A 32 -0.18 3.93 -5.64
CA LEU A 32 0.39 2.59 -5.35
C LEU A 32 -0.61 1.47 -5.68
N LEU A 33 -1.90 1.79 -5.83
CA LEU A 33 -2.89 0.76 -6.16
C LEU A 33 -3.15 0.71 -7.66
N GLU A 34 -3.40 1.88 -8.24
CA GLU A 34 -3.69 2.00 -9.67
C GLU A 34 -2.89 1.00 -10.50
N ILE A 35 -1.71 0.61 -10.03
CA ILE A 35 -0.88 -0.33 -10.78
C ILE A 35 -1.40 -1.76 -10.65
N LEU A 36 -1.62 -2.21 -9.42
CA LEU A 36 -2.11 -3.57 -9.19
C LEU A 36 -3.64 -3.62 -9.23
N HIS A 37 -4.25 -2.44 -9.36
CA HIS A 37 -5.72 -2.35 -9.41
C HIS A 37 -6.15 -1.44 -10.56
N GLN A 38 -6.66 -2.06 -11.63
CA GLN A 38 -7.11 -1.30 -12.80
C GLN A 38 -8.40 -1.91 -13.36
N ARG A 39 -9.34 -1.05 -13.72
CA ARG A 39 -10.61 -1.52 -14.26
C ARG A 39 -11.25 -2.55 -13.34
N ILE A 40 -12.16 -3.36 -13.88
CA ILE A 40 -12.83 -4.39 -13.09
C ILE A 40 -13.55 -3.78 -11.89
N GLU A 41 -12.82 -3.56 -10.80
CA GLU A 41 -13.41 -2.99 -9.59
C GLU A 41 -14.52 -3.90 -9.07
N GLY A 42 -14.40 -4.33 -7.82
CA GLY A 42 -15.40 -5.20 -7.22
C GLY A 42 -14.96 -5.70 -5.84
N PRO A 43 -13.91 -6.48 -5.80
CA PRO A 43 -13.39 -7.04 -4.52
C PRO A 43 -12.79 -5.97 -3.62
N LEU A 44 -11.63 -5.44 -4.00
CA LEU A 44 -10.98 -4.40 -3.21
C LEU A 44 -10.94 -4.80 -1.74
N THR A 45 -10.90 -6.11 -1.48
CA THR A 45 -10.87 -6.60 -0.11
C THR A 45 -9.48 -6.43 0.51
N GLU A 46 -9.40 -6.65 1.82
CA GLU A 46 -8.13 -6.53 2.51
C GLU A 46 -7.18 -7.64 2.07
N GLU A 47 -7.75 -8.72 1.54
CA GLU A 47 -6.96 -9.85 1.07
C GLU A 47 -6.50 -9.64 -0.37
N SER A 48 -7.31 -8.92 -1.13
CA SER A 48 -6.98 -8.65 -2.53
C SER A 48 -5.61 -7.97 -2.65
N LEU A 49 -5.37 -6.96 -1.82
CA LEU A 49 -4.10 -6.24 -1.86
C LEU A 49 -2.95 -7.17 -1.47
N GLN A 50 -3.27 -8.25 -0.75
CA GLN A 50 -2.26 -9.21 -0.35
C GLN A 50 -1.97 -10.18 -1.50
N GLY A 51 -1.41 -9.64 -2.60
CA GLY A 51 -1.11 -10.47 -3.76
C GLY A 51 0.13 -9.93 -4.50
N VAL A 52 0.74 -8.88 -3.96
CA VAL A 52 1.93 -8.29 -4.57
C VAL A 52 3.11 -8.35 -3.58
N SER A 53 4.30 -7.99 -4.04
CA SER A 53 5.49 -8.01 -3.19
C SER A 53 6.00 -6.58 -3.02
N VAL A 54 6.84 -6.35 -2.01
CA VAL A 54 7.37 -5.01 -1.76
C VAL A 54 8.08 -4.47 -3.02
N THR A 55 8.85 -5.32 -3.68
CA THR A 55 9.58 -4.89 -4.87
C THR A 55 8.66 -4.33 -5.96
N ASP A 56 7.40 -4.71 -5.96
CA ASP A 56 6.48 -4.23 -6.97
C ASP A 56 6.08 -2.78 -6.71
N LEU A 57 6.02 -2.42 -5.43
CA LEU A 57 5.60 -1.08 -5.02
C LEU A 57 6.57 0.00 -5.50
N LYS A 58 7.80 -0.01 -4.99
CA LYS A 58 8.80 1.01 -5.34
C LYS A 58 8.99 1.14 -6.86
N ILE A 59 8.92 0.03 -7.57
CA ILE A 59 9.10 0.05 -9.02
C ILE A 59 7.81 0.53 -9.68
N GLY A 60 6.72 0.44 -8.94
CA GLY A 60 5.41 0.83 -9.46
C GLY A 60 5.32 2.33 -9.73
N LEU A 61 5.91 3.13 -8.84
CA LEU A 61 5.89 4.58 -9.02
C LEU A 61 6.88 5.00 -10.11
N ALA A 62 8.13 4.57 -9.97
CA ALA A 62 9.13 4.92 -10.97
C ALA A 62 8.84 4.15 -12.25
N GLY A 63 8.38 2.91 -12.09
CA GLY A 63 8.04 2.07 -13.25
C GLY A 63 8.88 0.80 -13.27
N SER A 64 10.21 0.96 -13.19
CA SER A 64 11.11 -0.20 -13.20
C SER A 64 12.21 -0.04 -12.17
N GLU A 65 12.65 -1.15 -11.61
CA GLU A 65 13.70 -1.14 -10.61
C GLU A 65 15.00 -0.54 -11.16
N GLU A 66 14.93 0.00 -12.38
CA GLU A 66 16.11 0.59 -13.00
C GLU A 66 16.35 2.01 -12.49
N ASP A 67 15.32 2.86 -12.57
CA ASP A 67 15.46 4.26 -12.15
C ASP A 67 14.98 4.51 -10.72
N VAL A 68 14.37 3.53 -10.07
CA VAL A 68 13.89 3.74 -8.71
C VAL A 68 14.96 4.41 -7.86
N ASP A 69 16.22 4.14 -8.16
CA ASP A 69 17.32 4.74 -7.40
C ASP A 69 17.16 6.25 -7.35
N MET A 70 16.62 6.82 -8.42
CA MET A 70 16.41 8.26 -8.49
C MET A 70 15.14 8.65 -7.73
N LEU A 71 14.25 7.68 -7.54
CA LEU A 71 13.01 7.94 -6.83
C LEU A 71 13.29 8.30 -5.37
N ASP A 72 12.82 9.48 -4.95
CA ASP A 72 13.04 9.94 -3.59
C ASP A 72 12.71 8.85 -2.57
N THR A 73 11.92 7.86 -2.99
CA THR A 73 11.56 6.78 -2.08
C THR A 73 12.83 6.08 -1.58
N PRO A 74 13.04 5.97 -0.27
CA PRO A 74 14.27 5.32 0.26
C PRO A 74 14.22 3.81 0.10
N MET A 75 13.62 3.13 1.08
CA MET A 75 13.53 1.68 1.04
C MET A 75 12.66 1.15 2.19
N SER A 76 12.63 1.90 3.29
CA SER A 76 11.84 1.50 4.44
C SER A 76 10.42 1.99 4.30
N ALA A 77 10.22 2.96 3.41
CA ALA A 77 8.90 3.49 3.18
C ALA A 77 7.97 2.41 2.65
N LEU A 78 8.52 1.51 1.84
CA LEU A 78 7.72 0.43 1.31
C LEU A 78 7.31 -0.50 2.44
N LYS A 79 8.30 -0.93 3.21
CA LYS A 79 8.05 -1.80 4.33
C LYS A 79 7.02 -1.15 5.26
N ASP A 80 7.08 0.19 5.32
CA ASP A 80 6.16 0.94 6.16
C ASP A 80 4.75 0.86 5.59
N ALA A 81 4.60 1.25 4.33
CA ALA A 81 3.30 1.23 3.68
C ALA A 81 2.80 -0.20 3.48
N VAL A 82 3.54 -1.00 2.70
CA VAL A 82 3.15 -2.39 2.42
C VAL A 82 2.47 -3.03 3.62
N ARG A 83 2.82 -2.55 4.81
CA ARG A 83 2.24 -3.06 6.04
C ARG A 83 0.83 -2.52 6.23
N ILE A 84 0.73 -1.20 6.28
CA ILE A 84 -0.53 -0.53 6.48
C ILE A 84 -1.66 -1.08 5.58
N LEU A 85 -1.37 -1.41 4.32
CA LEU A 85 -2.42 -1.95 3.45
C LEU A 85 -2.61 -3.43 3.75
N TRP A 86 -1.52 -4.11 4.10
CA TRP A 86 -1.60 -5.53 4.40
C TRP A 86 -2.71 -5.78 5.43
N GLY A 87 -3.06 -4.74 6.18
CA GLY A 87 -4.09 -4.84 7.21
C GLY A 87 -3.47 -5.21 8.55
N GLU A 88 -2.15 -5.04 8.65
CA GLU A 88 -1.41 -5.36 9.88
C GLU A 88 -1.04 -4.07 10.60
N ALA A 89 -1.41 -2.94 10.00
CA ALA A 89 -1.13 -1.62 10.58
C ALA A 89 -1.23 -1.65 12.12
N GLU A 90 -2.16 -2.45 12.63
CA GLU A 90 -2.35 -2.55 14.07
C GLU A 90 -1.02 -2.76 14.77
N VAL A 91 -0.46 -3.97 14.63
CA VAL A 91 0.82 -4.28 15.26
C VAL A 91 1.98 -3.77 14.43
N ASP A 92 2.88 -3.01 15.07
CA ASP A 92 4.05 -2.46 14.38
C ASP A 92 5.20 -3.47 14.39
N SER A 93 6.34 -3.05 13.87
CA SER A 93 7.51 -3.93 13.83
C SER A 93 7.94 -4.32 15.23
N LEU A 94 9.08 -5.01 15.33
CA LEU A 94 9.58 -5.45 16.63
C LEU A 94 10.33 -4.30 17.31
N PRO A 95 10.36 -4.26 18.63
CA PRO A 95 11.07 -3.18 19.37
C PRO A 95 12.58 -3.40 19.35
N GLN A 96 13.28 -2.58 18.58
CA GLN A 96 14.74 -2.70 18.48
C GLN A 96 15.38 -2.65 19.86
N PRO A 97 16.51 -3.29 20.05
CA PRO A 97 17.21 -3.30 21.37
C PRO A 97 17.09 -1.96 22.10
N VAL A 98 17.51 -0.89 21.46
CA VAL A 98 17.44 0.44 22.06
C VAL A 98 16.00 0.94 22.09
N MET A 3 -24.10 11.78 -6.18
CA MET A 3 -25.25 11.21 -5.45
C MET A 3 -24.81 9.96 -4.68
N VAL A 4 -23.75 9.32 -5.16
CA VAL A 4 -23.23 8.13 -4.51
C VAL A 4 -22.47 8.50 -3.23
N THR A 5 -22.26 7.51 -2.37
CA THR A 5 -21.54 7.73 -1.12
C THR A 5 -21.43 6.43 -0.32
N PRO A 6 -22.52 5.72 -0.12
CA PRO A 6 -22.51 4.44 0.64
C PRO A 6 -22.22 3.23 -0.26
N VAL A 7 -21.03 3.21 -0.85
CA VAL A 7 -20.64 2.11 -1.73
C VAL A 7 -19.17 2.19 -2.07
N ASN A 8 -18.66 3.40 -2.26
CA ASN A 8 -17.26 3.59 -2.61
C ASN A 8 -16.35 2.92 -1.58
N MET A 9 -16.12 1.62 -1.77
CA MET A 9 -15.26 0.87 -0.86
C MET A 9 -15.73 1.07 0.58
N SER A 10 -14.99 0.50 1.52
CA SER A 10 -15.35 0.62 2.94
C SER A 10 -15.40 2.10 3.34
N ARG A 11 -15.21 2.36 4.63
CA ARG A 11 -15.24 3.73 5.15
C ARG A 11 -14.19 3.92 6.23
N GLU A 12 -13.97 2.87 7.03
CA GLU A 12 -12.96 2.93 8.10
C GLU A 12 -11.69 2.21 7.67
N THR A 13 -11.86 1.15 6.88
CA THR A 13 -10.71 0.40 6.38
C THR A 13 -10.07 1.21 5.27
N ALA A 14 -10.86 1.43 4.22
CA ALA A 14 -10.44 2.20 3.05
C ALA A 14 -9.38 3.24 3.44
N LEU A 15 -9.71 4.03 4.45
CA LEU A 15 -8.84 5.09 4.95
C LEU A 15 -7.46 4.54 5.34
N ARG A 16 -7.44 3.39 6.02
CA ARG A 16 -6.18 2.80 6.45
C ARG A 16 -5.20 2.73 5.30
N ILE A 17 -5.67 2.28 4.16
CA ILE A 17 -4.84 2.16 2.97
C ILE A 17 -4.40 3.53 2.48
N ALA A 18 -4.95 4.58 3.10
CA ALA A 18 -4.62 5.95 2.74
C ALA A 18 -3.60 6.52 3.73
N LEU A 19 -3.44 5.85 4.86
CA LEU A 19 -2.46 6.30 5.84
C LEU A 19 -1.07 5.96 5.31
N ALA A 20 -1.01 4.92 4.49
CA ALA A 20 0.25 4.50 3.89
C ALA A 20 0.85 5.64 3.09
N ALA A 21 0.02 6.34 2.33
CA ALA A 21 0.50 7.47 1.53
C ALA A 21 1.49 8.29 2.37
N ARG A 22 1.24 8.33 3.67
CA ARG A 22 2.11 9.05 4.59
C ARG A 22 3.45 8.33 4.71
N ALA A 23 3.39 7.00 4.83
CA ALA A 23 4.61 6.19 4.95
C ALA A 23 5.52 6.46 3.77
N LEU A 24 5.01 7.21 2.80
CA LEU A 24 5.76 7.53 1.60
C LEU A 24 5.99 9.04 1.54
N PRO A 25 7.09 9.49 0.98
CA PRO A 25 7.39 10.95 0.87
C PRO A 25 6.35 11.72 0.07
N GLY A 26 6.42 11.63 -1.26
CA GLY A 26 5.50 12.36 -2.13
C GLY A 26 4.47 11.44 -2.81
N THR A 27 4.68 10.14 -2.71
CA THR A 27 3.75 9.19 -3.34
C THR A 27 2.35 9.36 -2.76
N THR A 28 1.37 9.47 -3.65
CA THR A 28 -0.02 9.64 -3.24
C THR A 28 -0.68 8.28 -2.99
N VAL A 29 -1.85 8.32 -2.35
CA VAL A 29 -2.58 7.10 -2.04
C VAL A 29 -2.89 6.31 -3.31
N GLY A 30 -3.61 6.95 -4.21
CA GLY A 30 -4.01 6.31 -5.46
C GLY A 30 -2.84 6.10 -6.40
N GLN A 31 -1.60 6.30 -5.94
CA GLN A 31 -0.44 6.09 -6.80
C GLN A 31 0.23 4.76 -6.49
N LEU A 32 0.05 4.28 -5.28
CA LEU A 32 0.65 3.00 -4.86
C LEU A 32 -0.26 1.83 -5.22
N LEU A 33 -1.57 2.08 -5.30
CA LEU A 33 -2.52 1.01 -5.64
C LEU A 33 -2.68 0.89 -7.15
N GLU A 34 -2.73 2.03 -7.83
CA GLU A 34 -2.90 2.05 -9.29
C GLU A 34 -2.19 0.88 -9.98
N ILE A 35 -1.13 0.37 -9.34
CA ILE A 35 -0.39 -0.74 -9.92
C ILE A 35 -1.34 -1.84 -10.40
N LEU A 36 -2.34 -2.16 -9.58
CA LEU A 36 -3.31 -3.18 -9.93
C LEU A 36 -4.10 -2.76 -11.17
N HIS A 37 -5.04 -1.85 -10.99
CA HIS A 37 -5.86 -1.36 -12.09
C HIS A 37 -6.51 -2.53 -12.83
N GLN A 38 -7.50 -2.22 -13.66
CA GLN A 38 -8.21 -3.25 -14.43
C GLN A 38 -8.62 -4.40 -13.51
N ARG A 39 -8.20 -5.61 -13.87
CA ARG A 39 -8.52 -6.81 -13.08
C ARG A 39 -10.03 -6.99 -12.98
N ILE A 40 -10.47 -8.23 -13.19
CA ILE A 40 -11.89 -8.54 -13.12
C ILE A 40 -12.40 -8.39 -11.69
N GLU A 41 -11.47 -8.42 -10.74
CA GLU A 41 -11.82 -8.29 -9.33
C GLU A 41 -12.80 -7.14 -9.10
N GLY A 42 -13.25 -7.00 -7.85
CA GLY A 42 -14.21 -5.94 -7.50
C GLY A 42 -13.88 -5.33 -6.14
N PRO A 43 -14.01 -6.11 -5.08
CA PRO A 43 -13.73 -5.63 -3.69
C PRO A 43 -12.24 -5.58 -3.39
N LEU A 44 -11.66 -4.38 -3.45
CA LEU A 44 -10.23 -4.22 -3.16
C LEU A 44 -10.01 -4.14 -1.65
N THR A 45 -10.31 -5.23 -0.96
CA THR A 45 -10.14 -5.27 0.49
C THR A 45 -8.68 -5.05 0.86
N GLU A 46 -8.41 -4.95 2.15
CA GLU A 46 -7.05 -4.75 2.62
C GLU A 46 -6.26 -6.05 2.53
N GLU A 47 -6.97 -7.16 2.50
CA GLU A 47 -6.34 -8.49 2.42
C GLU A 47 -6.10 -8.88 0.97
N SER A 48 -7.09 -8.60 0.12
CA SER A 48 -6.98 -8.94 -1.30
C SER A 48 -5.71 -8.36 -1.90
N LEU A 49 -5.28 -7.22 -1.39
CA LEU A 49 -4.06 -6.59 -1.89
C LEU A 49 -2.85 -7.51 -1.68
N GLN A 50 -2.92 -8.34 -0.66
CA GLN A 50 -1.83 -9.25 -0.35
C GLN A 50 -1.63 -10.26 -1.48
N GLY A 51 -1.11 -9.76 -2.59
CA GLY A 51 -0.85 -10.61 -3.76
C GLY A 51 0.34 -10.10 -4.56
N VAL A 52 1.14 -9.23 -3.93
CA VAL A 52 2.33 -8.66 -4.59
C VAL A 52 3.52 -8.69 -3.62
N SER A 53 4.67 -8.24 -4.09
CA SER A 53 5.89 -8.20 -3.26
C SER A 53 6.30 -6.75 -3.06
N VAL A 54 7.17 -6.48 -2.09
CA VAL A 54 7.61 -5.10 -1.83
C VAL A 54 8.24 -4.48 -3.09
N THR A 55 9.14 -5.23 -3.73
CA THR A 55 9.83 -4.72 -4.93
C THR A 55 8.82 -4.26 -5.99
N ASP A 56 7.62 -4.80 -5.96
CA ASP A 56 6.62 -4.43 -6.95
C ASP A 56 6.09 -3.03 -6.68
N LEU A 57 6.07 -2.65 -5.41
CA LEU A 57 5.56 -1.34 -5.00
C LEU A 57 6.41 -0.18 -5.52
N LYS A 58 7.67 -0.11 -5.07
CA LYS A 58 8.54 1.00 -5.48
C LYS A 58 8.67 1.11 -6.99
N ILE A 59 8.73 -0.02 -7.68
CA ILE A 59 8.85 0.01 -9.13
C ILE A 59 7.53 0.42 -9.76
N GLY A 60 6.45 0.25 -8.99
CA GLY A 60 5.12 0.61 -9.48
C GLY A 60 4.99 2.11 -9.72
N LEU A 61 5.64 2.91 -8.88
CA LEU A 61 5.56 4.36 -9.02
C LEU A 61 6.42 4.84 -10.18
N ALA A 62 7.70 4.50 -10.16
CA ALA A 62 8.60 4.91 -11.24
C ALA A 62 8.37 4.06 -12.49
N GLY A 63 7.98 2.80 -12.29
CA GLY A 63 7.74 1.92 -13.44
C GLY A 63 9.05 1.42 -14.04
N SER A 64 10.18 1.88 -13.48
CA SER A 64 11.50 1.47 -14.00
C SER A 64 12.41 1.02 -12.85
N GLU A 65 12.52 -0.30 -12.68
CA GLU A 65 13.37 -0.86 -11.64
C GLU A 65 14.80 -0.33 -11.76
N GLU A 66 15.06 0.48 -12.78
CA GLU A 66 16.39 1.04 -12.99
C GLU A 66 16.50 2.44 -12.38
N ASP A 67 15.49 3.27 -12.59
CA ASP A 67 15.52 4.65 -12.07
C ASP A 67 14.99 4.73 -10.63
N VAL A 68 14.36 3.67 -10.15
CA VAL A 68 13.83 3.67 -8.80
C VAL A 68 14.91 4.04 -7.79
N ASP A 69 16.15 3.85 -8.16
CA ASP A 69 17.26 4.18 -7.27
C ASP A 69 17.31 5.68 -7.02
N MET A 70 16.58 6.43 -7.84
CA MET A 70 16.53 7.89 -7.73
C MET A 70 15.20 8.34 -7.13
N LEU A 71 14.20 7.47 -7.17
CA LEU A 71 12.88 7.80 -6.63
C LEU A 71 13.02 8.39 -5.23
N ASP A 72 12.23 9.41 -4.94
CA ASP A 72 12.26 10.00 -3.61
C ASP A 72 11.95 8.93 -2.59
N THR A 73 11.13 7.96 -3.01
CA THR A 73 10.74 6.85 -2.15
C THR A 73 11.99 6.05 -1.71
N PRO A 74 12.28 5.94 -0.44
CA PRO A 74 13.47 5.17 0.02
C PRO A 74 13.25 3.67 -0.12
N MET A 75 13.94 2.87 0.70
CA MET A 75 13.80 1.42 0.65
C MET A 75 13.15 0.92 1.93
N SER A 76 12.80 1.84 2.82
CA SER A 76 12.17 1.50 4.09
C SER A 76 10.70 1.89 4.06
N ALA A 77 10.37 2.91 3.26
CA ALA A 77 8.99 3.37 3.15
C ALA A 77 8.10 2.25 2.64
N LEU A 78 8.63 1.42 1.75
CA LEU A 78 7.83 0.32 1.22
C LEU A 78 7.49 -0.63 2.36
N LYS A 79 8.51 -1.01 3.12
CA LYS A 79 8.32 -1.90 4.25
C LYS A 79 7.25 -1.33 5.17
N ASP A 80 7.26 0.00 5.30
CA ASP A 80 6.29 0.68 6.15
C ASP A 80 4.89 0.55 5.55
N ALA A 81 4.72 1.05 4.32
CA ALA A 81 3.44 1.00 3.66
C ALA A 81 2.95 -0.44 3.44
N VAL A 82 3.72 -1.22 2.66
CA VAL A 82 3.35 -2.61 2.37
C VAL A 82 2.66 -3.28 3.56
N ARG A 83 2.97 -2.80 4.75
CA ARG A 83 2.38 -3.34 5.97
C ARG A 83 0.97 -2.80 6.13
N ILE A 84 0.88 -1.49 6.16
CA ILE A 84 -0.40 -0.82 6.34
C ILE A 84 -1.49 -1.41 5.44
N LEU A 85 -1.20 -1.65 4.15
CA LEU A 85 -2.24 -2.22 3.28
C LEU A 85 -2.43 -3.70 3.61
N TRP A 86 -1.35 -4.39 3.94
CA TRP A 86 -1.45 -5.82 4.27
C TRP A 86 -2.60 -6.05 5.25
N GLY A 87 -3.02 -4.99 5.93
CA GLY A 87 -4.10 -5.09 6.91
C GLY A 87 -3.54 -5.53 8.26
N GLU A 88 -2.22 -5.42 8.41
CA GLU A 88 -1.54 -5.80 9.64
C GLU A 88 -1.05 -4.55 10.38
N ALA A 89 -1.33 -3.39 9.79
CA ALA A 89 -0.94 -2.10 10.37
C ALA A 89 -0.95 -2.15 11.90
N GLU A 90 -1.86 -2.94 12.46
CA GLU A 90 -1.97 -3.04 13.90
C GLU A 90 -0.63 -3.40 14.53
N VAL A 91 -0.19 -2.59 15.47
CA VAL A 91 1.08 -2.82 16.15
C VAL A 91 0.91 -3.82 17.30
N ASP A 92 1.59 -4.95 17.21
CA ASP A 92 1.50 -5.97 18.25
C ASP A 92 2.42 -5.63 19.42
N SER A 93 3.71 -5.94 19.28
CA SER A 93 4.67 -5.67 20.34
C SER A 93 5.02 -4.19 20.37
N LEU A 94 5.92 -3.81 21.29
CA LEU A 94 6.33 -2.42 21.41
C LEU A 94 7.32 -2.07 20.29
N PRO A 95 7.37 -0.83 19.86
CA PRO A 95 8.29 -0.40 18.77
C PRO A 95 9.64 -1.12 18.85
N GLN A 96 10.17 -1.26 20.06
CA GLN A 96 11.45 -1.93 20.24
C GLN A 96 11.34 -3.40 19.83
N PRO A 97 12.43 -4.00 19.37
CA PRO A 97 12.42 -5.44 18.94
C PRO A 97 12.33 -6.38 20.13
N VAL A 98 13.22 -6.20 21.11
CA VAL A 98 13.23 -7.04 22.29
C VAL A 98 12.06 -6.68 23.20
N MET A 3 -26.65 4.95 -9.55
CA MET A 3 -28.01 4.88 -8.93
C MET A 3 -28.09 3.63 -8.06
N VAL A 4 -27.68 2.49 -8.60
CA VAL A 4 -27.71 1.24 -7.86
C VAL A 4 -26.91 1.37 -6.57
N THR A 5 -25.71 0.79 -6.56
CA THR A 5 -24.84 0.84 -5.38
C THR A 5 -23.39 1.10 -5.80
N PRO A 6 -23.14 2.25 -6.37
CA PRO A 6 -21.77 2.63 -6.81
C PRO A 6 -20.90 3.09 -5.63
N VAL A 7 -21.42 2.92 -4.43
CA VAL A 7 -20.70 3.33 -3.23
C VAL A 7 -19.48 2.44 -3.02
N ASN A 8 -19.72 1.19 -2.64
CA ASN A 8 -18.63 0.25 -2.42
C ASN A 8 -17.58 0.85 -1.47
N MET A 9 -16.47 0.13 -1.30
CA MET A 9 -15.38 0.57 -0.43
C MET A 9 -15.89 0.80 1.00
N SER A 10 -15.08 0.43 1.97
CA SER A 10 -15.45 0.61 3.37
C SER A 10 -15.43 2.10 3.73
N ARG A 11 -15.18 2.38 5.01
CA ARG A 11 -15.12 3.77 5.48
C ARG A 11 -14.07 3.91 6.56
N GLU A 12 -13.85 2.86 7.34
CA GLU A 12 -12.86 2.88 8.41
C GLU A 12 -11.61 2.12 7.97
N THR A 13 -11.80 1.07 7.19
CA THR A 13 -10.69 0.27 6.68
C THR A 13 -10.06 1.02 5.52
N ALA A 14 -10.86 1.23 4.48
CA ALA A 14 -10.44 1.95 3.28
C ALA A 14 -9.35 2.98 3.59
N LEU A 15 -9.63 3.80 4.59
CA LEU A 15 -8.70 4.85 5.02
C LEU A 15 -7.30 4.28 5.24
N ARG A 16 -7.22 3.13 5.90
CA ARG A 16 -5.94 2.49 6.16
C ARG A 16 -5.06 2.48 4.92
N ILE A 17 -5.65 2.13 3.78
CA ILE A 17 -4.91 2.08 2.52
C ILE A 17 -4.43 3.48 2.14
N ALA A 18 -5.00 4.50 2.78
CA ALA A 18 -4.64 5.89 2.49
C ALA A 18 -3.66 6.42 3.53
N LEU A 19 -3.58 5.76 4.66
CA LEU A 19 -2.66 6.18 5.71
C LEU A 19 -1.24 5.86 5.24
N ALA A 20 -1.13 4.84 4.41
CA ALA A 20 0.15 4.42 3.87
C ALA A 20 0.78 5.55 3.07
N ALA A 21 -0.04 6.26 2.31
CA ALA A 21 0.47 7.37 1.50
C ALA A 21 1.46 8.20 2.34
N ARG A 22 1.19 8.30 3.64
CA ARG A 22 2.07 9.03 4.54
C ARG A 22 3.42 8.32 4.64
N ALA A 23 3.38 6.99 4.68
CA ALA A 23 4.59 6.19 4.76
C ALA A 23 5.49 6.48 3.57
N LEU A 24 4.96 7.26 2.63
CA LEU A 24 5.70 7.60 1.42
C LEU A 24 5.87 9.13 1.33
N PRO A 25 7.08 9.65 1.36
CA PRO A 25 7.30 11.12 1.28
C PRO A 25 7.22 11.66 -0.15
N GLY A 26 6.02 11.67 -0.71
CA GLY A 26 5.81 12.17 -2.07
C GLY A 26 4.71 11.40 -2.78
N THR A 27 4.83 10.07 -2.78
CA THR A 27 3.84 9.23 -3.44
C THR A 27 2.45 9.42 -2.84
N THR A 28 1.46 9.58 -3.71
CA THR A 28 0.09 9.78 -3.28
C THR A 28 -0.61 8.42 -3.11
N VAL A 29 -1.78 8.45 -2.48
CA VAL A 29 -2.53 7.21 -2.25
C VAL A 29 -2.85 6.50 -3.55
N GLY A 30 -3.54 7.20 -4.44
CA GLY A 30 -3.94 6.62 -5.71
C GLY A 30 -2.76 6.44 -6.67
N GLN A 31 -1.53 6.61 -6.18
CA GLN A 31 -0.37 6.45 -7.06
C GLN A 31 0.26 5.07 -6.88
N LEU A 32 -0.12 4.38 -5.80
CA LEU A 32 0.45 3.06 -5.52
C LEU A 32 -0.53 1.94 -5.92
N LEU A 33 -1.82 2.22 -5.90
CA LEU A 33 -2.82 1.20 -6.26
C LEU A 33 -3.12 1.24 -7.76
N GLU A 34 -3.34 2.45 -8.27
CA GLU A 34 -3.67 2.62 -9.69
C GLU A 34 -2.89 1.66 -10.58
N ILE A 35 -1.74 1.20 -10.10
CA ILE A 35 -0.92 0.25 -10.88
C ILE A 35 -1.36 -1.18 -10.63
N LEU A 36 -1.64 -1.50 -9.37
CA LEU A 36 -2.08 -2.85 -9.01
C LEU A 36 -3.26 -3.28 -9.88
N HIS A 37 -4.46 -2.85 -9.50
CA HIS A 37 -5.66 -3.21 -10.25
C HIS A 37 -5.67 -2.50 -11.61
N GLN A 38 -6.43 -3.05 -12.55
CA GLN A 38 -6.53 -2.47 -13.90
C GLN A 38 -7.99 -2.30 -14.29
N ARG A 39 -8.42 -3.06 -15.30
CA ARG A 39 -9.81 -2.97 -15.77
C ARG A 39 -10.77 -3.54 -14.73
N ILE A 40 -11.76 -4.30 -15.19
CA ILE A 40 -12.74 -4.89 -14.31
C ILE A 40 -12.09 -5.43 -13.03
N GLU A 41 -12.79 -5.29 -11.91
CA GLU A 41 -12.28 -5.77 -10.63
C GLU A 41 -13.41 -5.89 -9.62
N GLY A 42 -13.07 -6.28 -8.40
CA GLY A 42 -14.08 -6.43 -7.35
C GLY A 42 -13.44 -6.43 -5.96
N PRO A 43 -12.71 -7.48 -5.64
CA PRO A 43 -12.03 -7.59 -4.31
C PRO A 43 -11.41 -6.27 -3.87
N LEU A 44 -11.48 -5.99 -2.57
CA LEU A 44 -10.92 -4.74 -2.05
C LEU A 44 -10.68 -4.84 -0.54
N THR A 45 -10.71 -6.05 -0.01
CA THR A 45 -10.49 -6.26 1.42
C THR A 45 -8.99 -6.25 1.74
N GLU A 46 -8.66 -6.02 3.00
CA GLU A 46 -7.26 -5.99 3.41
C GLU A 46 -6.50 -7.20 2.86
N GLU A 47 -7.24 -8.26 2.55
CA GLU A 47 -6.64 -9.48 2.03
C GLU A 47 -6.26 -9.32 0.56
N SER A 48 -7.11 -8.65 -0.21
CA SER A 48 -6.85 -8.45 -1.63
C SER A 48 -5.48 -7.81 -1.83
N LEU A 49 -5.10 -6.94 -0.88
CA LEU A 49 -3.81 -6.27 -0.96
C LEU A 49 -2.67 -7.30 -0.92
N GLN A 50 -2.89 -8.35 -0.15
CA GLN A 50 -1.90 -9.42 -0.02
C GLN A 50 -1.81 -10.22 -1.30
N GLY A 51 -1.22 -9.62 -2.33
CA GLY A 51 -1.08 -10.30 -3.62
C GLY A 51 0.14 -9.80 -4.39
N VAL A 52 0.93 -8.93 -3.77
CA VAL A 52 2.14 -8.39 -4.42
C VAL A 52 3.33 -8.46 -3.46
N SER A 53 4.51 -8.06 -3.95
CA SER A 53 5.73 -8.06 -3.13
C SER A 53 6.21 -6.64 -2.95
N VAL A 54 7.12 -6.40 -2.01
CA VAL A 54 7.63 -5.03 -1.79
C VAL A 54 8.25 -4.44 -3.07
N THR A 55 9.12 -5.21 -3.72
CA THR A 55 9.79 -4.73 -4.93
C THR A 55 8.79 -4.24 -5.96
N ASP A 56 7.57 -4.73 -5.91
CA ASP A 56 6.55 -4.33 -6.87
C ASP A 56 6.05 -2.91 -6.60
N LEU A 57 6.05 -2.53 -5.33
CA LEU A 57 5.55 -1.21 -4.94
C LEU A 57 6.43 -0.07 -5.46
N LYS A 58 7.69 -0.04 -5.04
CA LYS A 58 8.61 1.03 -5.46
C LYS A 58 8.71 1.16 -6.97
N ILE A 59 8.74 0.04 -7.66
CA ILE A 59 8.87 0.06 -9.12
C ILE A 59 7.57 0.52 -9.76
N GLY A 60 6.46 0.32 -9.06
CA GLY A 60 5.16 0.71 -9.56
C GLY A 60 5.06 2.21 -9.82
N LEU A 61 5.76 3.01 -9.01
CA LEU A 61 5.72 4.46 -9.18
C LEU A 61 6.64 4.92 -10.30
N ALA A 62 7.93 4.58 -10.22
CA ALA A 62 8.86 4.99 -11.28
C ALA A 62 8.63 4.13 -12.52
N GLY A 63 8.20 2.88 -12.32
CA GLY A 63 7.95 1.99 -13.45
C GLY A 63 9.23 1.35 -13.97
N SER A 64 10.38 1.89 -13.55
CA SER A 64 11.67 1.36 -14.00
C SER A 64 12.53 0.91 -12.82
N GLU A 65 12.60 -0.41 -12.62
CA GLU A 65 13.40 -0.97 -11.55
C GLU A 65 14.86 -0.55 -11.67
N GLU A 66 15.15 0.25 -12.70
CA GLU A 66 16.52 0.73 -12.93
C GLU A 66 16.71 2.12 -12.34
N ASP A 67 15.72 3.00 -12.51
CA ASP A 67 15.81 4.38 -12.03
C ASP A 67 15.27 4.52 -10.60
N VAL A 68 14.58 3.51 -10.11
CA VAL A 68 14.00 3.57 -8.77
C VAL A 68 15.07 3.90 -7.73
N ASP A 69 16.33 3.63 -8.06
CA ASP A 69 17.40 3.92 -7.13
C ASP A 69 17.39 5.40 -6.75
N MET A 70 16.75 6.22 -7.59
CA MET A 70 16.67 7.66 -7.35
C MET A 70 15.26 8.09 -6.92
N LEU A 71 14.32 7.15 -6.93
CA LEU A 71 12.95 7.47 -6.56
C LEU A 71 12.93 8.24 -5.24
N ASP A 72 11.91 9.09 -5.06
CA ASP A 72 11.78 9.85 -3.84
C ASP A 72 11.48 8.90 -2.68
N THR A 73 10.63 7.91 -2.98
CA THR A 73 10.24 6.92 -1.98
C THR A 73 11.47 6.13 -1.49
N PRO A 74 11.87 6.26 -0.24
CA PRO A 74 13.04 5.51 0.29
C PRO A 74 12.94 4.01 0.02
N MET A 75 13.76 3.24 0.70
CA MET A 75 13.77 1.78 0.57
C MET A 75 13.11 1.14 1.78
N SER A 76 12.98 1.95 2.83
CA SER A 76 12.37 1.50 4.07
C SER A 76 10.89 1.89 4.11
N ALA A 77 10.52 2.86 3.28
CA ALA A 77 9.15 3.32 3.23
C ALA A 77 8.25 2.23 2.67
N LEU A 78 8.80 1.41 1.78
CA LEU A 78 8.01 0.32 1.22
C LEU A 78 7.64 -0.64 2.34
N LYS A 79 8.65 -1.03 3.11
CA LYS A 79 8.45 -1.94 4.22
C LYS A 79 7.37 -1.39 5.15
N ASP A 80 7.32 -0.05 5.25
CA ASP A 80 6.34 0.60 6.09
C ASP A 80 4.96 0.50 5.46
N ALA A 81 4.83 1.04 4.26
CA ALA A 81 3.55 1.00 3.55
C ALA A 81 3.04 -0.43 3.37
N VAL A 82 3.80 -1.24 2.62
CA VAL A 82 3.42 -2.63 2.36
C VAL A 82 2.71 -3.26 3.56
N ARG A 83 3.04 -2.78 4.75
CA ARG A 83 2.44 -3.30 5.98
C ARG A 83 1.02 -2.77 6.14
N ILE A 84 0.91 -1.46 6.22
CA ILE A 84 -0.37 -0.81 6.41
C ILE A 84 -1.47 -1.43 5.53
N LEU A 85 -1.19 -1.72 4.25
CA LEU A 85 -2.23 -2.30 3.41
C LEU A 85 -2.40 -3.78 3.74
N TRP A 86 -1.31 -4.45 4.10
CA TRP A 86 -1.40 -5.88 4.45
C TRP A 86 -2.47 -6.07 5.51
N GLY A 87 -2.84 -5.00 6.19
CA GLY A 87 -3.85 -5.06 7.24
C GLY A 87 -3.20 -5.44 8.57
N GLU A 88 -1.87 -5.34 8.62
CA GLU A 88 -1.12 -5.66 9.83
C GLU A 88 -0.72 -4.38 10.54
N ALA A 89 -1.14 -3.24 9.96
CA ALA A 89 -0.83 -1.94 10.53
C ALA A 89 -0.85 -1.97 12.06
N GLU A 90 -1.78 -2.74 12.61
CA GLU A 90 -1.91 -2.86 14.05
C GLU A 90 -0.71 -3.59 14.64
N VAL A 91 0.43 -2.91 14.63
CA VAL A 91 1.66 -3.49 15.17
C VAL A 91 1.68 -3.40 16.69
N ASP A 92 2.06 -4.49 17.34
CA ASP A 92 2.13 -4.51 18.79
C ASP A 92 3.36 -3.75 19.30
N SER A 93 3.63 -3.87 20.59
CA SER A 93 4.78 -3.20 21.18
C SER A 93 6.07 -3.89 20.78
N LEU A 94 7.18 -3.15 20.85
CA LEU A 94 8.48 -3.71 20.49
C LEU A 94 8.97 -4.64 21.61
N PRO A 95 9.75 -5.66 21.29
CA PRO A 95 10.27 -6.61 22.31
C PRO A 95 10.64 -5.90 23.62
N GLN A 96 11.42 -4.83 23.49
CA GLN A 96 11.86 -4.08 24.67
C GLN A 96 10.76 -3.10 25.11
N PRO A 97 10.68 -2.79 26.38
CA PRO A 97 9.65 -1.84 26.90
C PRO A 97 9.93 -0.40 26.48
N VAL A 98 9.04 0.52 26.88
CA VAL A 98 9.21 1.92 26.53
C VAL A 98 10.36 2.53 27.33
N MET A 3 -24.50 -11.78 5.06
CA MET A 3 -23.77 -10.52 5.40
C MET A 3 -24.39 -9.89 6.63
N VAL A 4 -25.43 -10.52 7.15
CA VAL A 4 -26.12 -10.02 8.34
C VAL A 4 -25.21 -10.08 9.55
N THR A 5 -24.96 -11.30 10.05
CA THR A 5 -24.10 -11.47 11.21
C THR A 5 -22.62 -11.41 10.84
N PRO A 6 -22.23 -11.94 9.69
CA PRO A 6 -20.82 -11.92 9.25
C PRO A 6 -20.49 -10.68 8.41
N VAL A 7 -19.98 -9.65 9.07
CA VAL A 7 -19.63 -8.41 8.38
C VAL A 7 -18.26 -8.53 7.72
N ASN A 8 -18.11 -7.90 6.56
CA ASN A 8 -16.85 -7.94 5.82
C ASN A 8 -16.64 -6.64 5.05
N MET A 9 -15.44 -6.49 4.48
CA MET A 9 -15.09 -5.29 3.71
C MET A 9 -15.79 -4.05 4.24
N SER A 10 -15.11 -3.34 5.16
CA SER A 10 -15.66 -2.12 5.76
C SER A 10 -14.78 -0.93 5.42
N ARG A 11 -15.17 0.26 5.88
CA ARG A 11 -14.41 1.45 5.62
C ARG A 11 -13.11 1.42 6.40
N GLU A 12 -13.16 0.85 7.60
CA GLU A 12 -11.99 0.74 8.46
C GLU A 12 -10.74 0.39 7.66
N THR A 13 -10.94 -0.34 6.57
CA THR A 13 -9.82 -0.75 5.72
C THR A 13 -9.49 0.34 4.70
N ALA A 14 -10.51 1.12 4.35
CA ALA A 14 -10.37 2.19 3.36
C ALA A 14 -9.85 3.49 3.97
N LEU A 15 -9.41 3.45 5.22
CA LEU A 15 -8.88 4.66 5.90
C LEU A 15 -7.37 4.54 6.06
N ARG A 16 -6.87 3.32 6.15
CA ARG A 16 -5.44 3.09 6.32
C ARG A 16 -4.70 3.17 4.98
N ILE A 17 -5.43 3.02 3.88
CA ILE A 17 -4.80 3.07 2.56
C ILE A 17 -4.19 4.44 2.30
N ALA A 18 -4.72 5.47 2.94
CA ALA A 18 -4.24 6.83 2.75
C ALA A 18 -3.15 7.21 3.75
N LEU A 19 -3.12 6.54 4.89
CA LEU A 19 -2.10 6.83 5.87
C LEU A 19 -0.74 6.46 5.27
N ALA A 20 -0.75 5.41 4.46
CA ALA A 20 0.45 4.93 3.81
C ALA A 20 1.11 6.06 3.02
N ALA A 21 0.31 6.82 2.26
CA ALA A 21 0.86 7.92 1.48
C ALA A 21 1.84 8.71 2.34
N ARG A 22 1.53 8.81 3.63
CA ARG A 22 2.41 9.51 4.57
C ARG A 22 3.74 8.77 4.64
N ALA A 23 3.67 7.44 4.69
CA ALA A 23 4.86 6.61 4.75
C ALA A 23 5.71 6.77 3.51
N LEU A 24 5.20 7.50 2.54
CA LEU A 24 5.91 7.73 1.27
C LEU A 24 6.14 9.23 1.07
N PRO A 25 7.36 9.73 1.17
CA PRO A 25 7.64 11.18 0.99
C PRO A 25 7.74 11.57 -0.48
N GLY A 26 6.63 11.45 -1.21
CA GLY A 26 6.60 11.81 -2.62
C GLY A 26 5.46 11.13 -3.36
N THR A 27 5.17 9.89 -3.00
CA THR A 27 4.11 9.12 -3.64
C THR A 27 2.74 9.49 -3.09
N THR A 28 1.76 9.60 -3.98
CA THR A 28 0.40 9.93 -3.61
C THR A 28 -0.36 8.67 -3.21
N VAL A 29 -1.51 8.86 -2.59
CA VAL A 29 -2.33 7.72 -2.15
C VAL A 29 -2.74 6.85 -3.34
N GLY A 30 -3.46 7.45 -4.27
CA GLY A 30 -3.94 6.73 -5.44
C GLY A 30 -2.82 6.44 -6.44
N GLN A 31 -1.56 6.64 -6.04
CA GLN A 31 -0.44 6.38 -6.94
C GLN A 31 0.18 5.02 -6.63
N LEU A 32 -0.12 4.49 -5.45
CA LEU A 32 0.43 3.19 -5.05
C LEU A 32 -0.55 2.06 -5.39
N LEU A 33 -1.82 2.40 -5.64
CA LEU A 33 -2.81 1.39 -5.97
C LEU A 33 -2.79 1.06 -7.46
N GLU A 34 -2.61 2.09 -8.28
CA GLU A 34 -2.57 1.90 -9.74
C GLU A 34 -1.78 0.64 -10.11
N ILE A 35 -0.90 0.21 -9.22
CA ILE A 35 -0.08 -0.97 -9.49
C ILE A 35 -0.93 -2.17 -9.91
N LEU A 36 -2.14 -2.25 -9.37
CA LEU A 36 -3.04 -3.35 -9.69
C LEU A 36 -3.61 -3.20 -11.10
N HIS A 37 -4.01 -1.98 -11.44
CA HIS A 37 -4.58 -1.71 -12.76
C HIS A 37 -5.82 -2.57 -12.98
N GLN A 38 -6.91 -2.21 -12.31
CA GLN A 38 -8.16 -2.95 -12.44
C GLN A 38 -8.62 -2.99 -13.90
N ARG A 39 -9.91 -3.19 -14.10
CA ARG A 39 -10.46 -3.26 -15.45
C ARG A 39 -11.98 -3.24 -15.41
N ILE A 40 -12.56 -3.46 -14.23
CA ILE A 40 -14.00 -3.46 -14.08
C ILE A 40 -14.39 -3.19 -12.63
N GLU A 41 -15.64 -2.79 -12.42
CA GLU A 41 -16.13 -2.50 -11.08
C GLU A 41 -16.04 -3.74 -10.20
N GLY A 42 -15.62 -3.55 -8.95
CA GLY A 42 -15.48 -4.66 -8.01
C GLY A 42 -14.88 -4.19 -6.70
N PRO A 43 -14.85 -5.06 -5.71
CA PRO A 43 -14.28 -4.73 -4.37
C PRO A 43 -12.76 -4.64 -4.41
N LEU A 44 -12.18 -4.17 -3.30
CA LEU A 44 -10.73 -4.04 -3.22
C LEU A 44 -10.29 -3.99 -1.75
N THR A 45 -10.62 -5.05 -1.01
CA THR A 45 -10.26 -5.12 0.40
C THR A 45 -8.76 -5.27 0.57
N GLU A 46 -8.33 -5.39 1.82
CA GLU A 46 -6.91 -5.55 2.12
C GLU A 46 -6.46 -6.97 1.80
N GLU A 47 -7.39 -7.90 1.85
CA GLU A 47 -7.07 -9.30 1.58
C GLU A 47 -6.81 -9.52 0.09
N SER A 48 -7.52 -8.76 -0.75
CA SER A 48 -7.36 -8.88 -2.19
C SER A 48 -6.00 -8.33 -2.63
N LEU A 49 -5.52 -7.31 -1.92
CA LEU A 49 -4.23 -6.72 -2.25
C LEU A 49 -3.08 -7.66 -1.90
N GLN A 50 -3.30 -8.50 -0.90
CA GLN A 50 -2.28 -9.46 -0.47
C GLN A 50 -2.00 -10.45 -1.59
N GLY A 51 -1.36 -9.96 -2.65
CA GLY A 51 -1.02 -10.81 -3.79
C GLY A 51 0.20 -10.26 -4.52
N VAL A 52 0.83 -9.25 -3.93
CA VAL A 52 2.02 -8.63 -4.51
C VAL A 52 3.17 -8.66 -3.51
N SER A 53 4.36 -8.20 -3.93
CA SER A 53 5.54 -8.17 -3.07
C SER A 53 6.00 -6.72 -2.94
N VAL A 54 6.85 -6.45 -1.95
CA VAL A 54 7.34 -5.09 -1.73
C VAL A 54 8.02 -4.53 -2.99
N THR A 55 8.85 -5.34 -3.63
CA THR A 55 9.57 -4.91 -4.83
C THR A 55 8.63 -4.42 -5.92
N ASP A 56 7.39 -4.85 -5.91
CA ASP A 56 6.45 -4.44 -6.94
C ASP A 56 5.98 -3.00 -6.69
N LEU A 57 5.91 -2.63 -5.43
CA LEU A 57 5.45 -1.29 -5.04
C LEU A 57 6.36 -0.19 -5.55
N LYS A 58 7.58 -0.13 -5.03
CA LYS A 58 8.53 0.94 -5.41
C LYS A 58 8.75 1.04 -6.92
N ILE A 59 8.73 -0.09 -7.60
CA ILE A 59 8.93 -0.08 -9.06
C ILE A 59 7.65 0.34 -9.75
N GLY A 60 6.53 0.21 -9.02
CA GLY A 60 5.24 0.57 -9.57
C GLY A 60 5.10 2.09 -9.77
N LEU A 61 5.68 2.87 -8.87
CA LEU A 61 5.61 4.33 -8.99
C LEU A 61 6.58 4.80 -10.06
N ALA A 62 7.85 4.43 -9.94
CA ALA A 62 8.83 4.81 -10.93
C ALA A 62 8.54 4.08 -12.24
N GLY A 63 8.10 2.82 -12.11
CA GLY A 63 7.77 2.01 -13.29
C GLY A 63 8.61 0.74 -13.32
N SER A 64 9.94 0.89 -13.23
CA SER A 64 10.84 -0.25 -13.26
C SER A 64 11.97 -0.08 -12.25
N GLU A 65 12.46 -1.21 -11.75
CA GLU A 65 13.55 -1.19 -10.77
C GLU A 65 14.80 -0.52 -11.33
N GLU A 66 14.64 0.32 -12.34
CA GLU A 66 15.75 1.02 -12.95
C GLU A 66 15.89 2.42 -12.36
N ASP A 67 14.86 3.24 -12.52
CA ASP A 67 14.88 4.62 -12.04
C ASP A 67 14.53 4.73 -10.56
N VAL A 68 13.99 3.66 -9.96
CA VAL A 68 13.63 3.72 -8.55
C VAL A 68 14.77 4.31 -7.73
N ASP A 69 15.98 4.21 -8.26
CA ASP A 69 17.15 4.74 -7.58
C ASP A 69 16.99 6.23 -7.34
N MET A 70 16.35 6.91 -8.29
CA MET A 70 16.13 8.35 -8.19
C MET A 70 14.88 8.64 -7.37
N LEU A 71 13.87 7.78 -7.49
CA LEU A 71 12.63 7.97 -6.75
C LEU A 71 12.92 8.24 -5.29
N ASP A 72 12.45 9.38 -4.80
CA ASP A 72 12.68 9.77 -3.40
C ASP A 72 12.18 8.71 -2.44
N THR A 73 11.20 7.91 -2.86
CA THR A 73 10.67 6.86 -2.01
C THR A 73 11.80 6.01 -1.42
N PRO A 74 12.10 6.12 -0.13
CA PRO A 74 13.20 5.31 0.49
C PRO A 74 13.02 3.81 0.24
N MET A 75 13.59 3.01 1.13
CA MET A 75 13.50 1.55 1.04
C MET A 75 12.73 1.02 2.23
N SER A 76 12.68 1.82 3.28
CA SER A 76 11.97 1.45 4.50
C SER A 76 10.53 1.93 4.40
N ALA A 77 10.28 2.90 3.51
CA ALA A 77 8.95 3.44 3.33
C ALA A 77 8.02 2.36 2.79
N LEU A 78 8.56 1.48 1.94
CA LEU A 78 7.74 0.42 1.39
C LEU A 78 7.34 -0.54 2.50
N LYS A 79 8.33 -0.98 3.27
CA LYS A 79 8.06 -1.88 4.37
C LYS A 79 7.04 -1.23 5.30
N ASP A 80 7.07 0.10 5.39
CA ASP A 80 6.14 0.82 6.23
C ASP A 80 4.75 0.77 5.63
N ALA A 81 4.63 1.22 4.39
CA ALA A 81 3.33 1.23 3.70
C ALA A 81 2.81 -0.20 3.48
N VAL A 82 3.56 -1.01 2.73
CA VAL A 82 3.15 -2.39 2.43
C VAL A 82 2.44 -3.03 3.62
N ARG A 83 2.77 -2.53 4.81
CA ARG A 83 2.16 -3.04 6.03
C ARG A 83 0.77 -2.43 6.18
N ILE A 84 0.74 -1.11 6.12
CA ILE A 84 -0.49 -0.36 6.28
C ILE A 84 -1.61 -0.89 5.37
N LEU A 85 -1.32 -1.19 4.10
CA LEU A 85 -2.37 -1.70 3.21
C LEU A 85 -2.65 -3.17 3.54
N TRP A 86 -1.60 -3.90 3.89
CA TRP A 86 -1.76 -5.32 4.21
C TRP A 86 -2.96 -5.52 5.15
N GLY A 87 -3.27 -4.49 5.94
CA GLY A 87 -4.39 -4.56 6.88
C GLY A 87 -3.87 -4.94 8.26
N GLU A 88 -2.56 -4.86 8.43
CA GLU A 88 -1.92 -5.19 9.71
C GLU A 88 -1.46 -3.91 10.42
N ALA A 89 -1.67 -2.78 9.75
CA ALA A 89 -1.29 -1.48 10.30
C ALA A 89 -1.45 -1.44 11.83
N GLU A 90 -2.46 -2.14 12.32
CA GLU A 90 -2.71 -2.19 13.76
C GLU A 90 -1.41 -2.41 14.52
N VAL A 91 -0.62 -3.39 14.08
CA VAL A 91 0.65 -3.71 14.72
C VAL A 91 1.58 -2.50 14.66
N ASP A 92 1.57 -1.69 15.69
CA ASP A 92 2.44 -0.51 15.75
C ASP A 92 3.83 -0.90 16.23
N SER A 93 4.85 -0.42 15.51
CA SER A 93 6.24 -0.72 15.87
C SER A 93 6.57 -0.18 17.24
N LEU A 94 7.76 -0.53 17.74
CA LEU A 94 8.21 -0.06 19.05
C LEU A 94 8.80 1.34 18.94
N PRO A 95 8.71 2.15 19.97
CA PRO A 95 9.26 3.54 19.95
C PRO A 95 10.79 3.54 19.97
N GLN A 96 11.38 4.11 18.93
CA GLN A 96 12.84 4.17 18.84
C GLN A 96 13.41 5.05 19.97
N PRO A 97 14.58 4.75 20.46
CA PRO A 97 15.21 5.54 21.55
C PRO A 97 15.60 6.95 21.09
N VAL A 98 14.92 7.95 21.65
CA VAL A 98 15.20 9.35 21.29
C VAL A 98 16.41 9.87 22.07
N MET A 3 -27.66 -0.73 2.61
CA MET A 3 -27.80 -1.12 1.17
C MET A 3 -28.35 -2.54 1.08
N VAL A 4 -28.64 -3.13 2.24
CA VAL A 4 -29.17 -4.48 2.29
C VAL A 4 -28.18 -5.48 1.69
N THR A 5 -27.05 -4.97 1.21
CA THR A 5 -26.04 -5.83 0.61
C THR A 5 -24.80 -5.02 0.23
N PRO A 6 -24.13 -4.45 1.18
CA PRO A 6 -22.90 -3.64 0.93
C PRO A 6 -21.69 -4.53 0.62
N VAL A 7 -21.54 -5.59 1.40
CA VAL A 7 -20.43 -6.52 1.21
C VAL A 7 -19.10 -5.81 1.32
N ASN A 8 -18.32 -6.17 2.35
CA ASN A 8 -17.01 -5.56 2.57
C ASN A 8 -17.05 -4.05 2.31
N MET A 9 -15.89 -3.49 1.99
CA MET A 9 -15.79 -2.06 1.71
C MET A 9 -15.89 -1.26 3.01
N SER A 10 -15.44 -1.85 4.11
CA SER A 10 -15.48 -1.17 5.40
C SER A 10 -14.63 0.09 5.36
N ARG A 11 -15.19 1.19 5.87
CA ARG A 11 -14.48 2.46 5.88
C ARG A 11 -13.08 2.27 6.44
N GLU A 12 -13.00 1.74 7.66
CA GLU A 12 -11.71 1.52 8.32
C GLU A 12 -10.68 0.92 7.36
N THR A 13 -11.13 0.12 6.40
CA THR A 13 -10.21 -0.49 5.45
C THR A 13 -9.77 0.52 4.43
N ALA A 14 -10.60 1.54 4.26
CA ALA A 14 -10.35 2.61 3.31
C ALA A 14 -9.46 3.72 3.91
N LEU A 15 -10.06 4.53 4.78
CA LEU A 15 -9.34 5.65 5.41
C LEU A 15 -7.92 5.24 5.85
N ARG A 16 -7.73 3.96 6.15
CA ARG A 16 -6.41 3.49 6.60
C ARG A 16 -5.42 3.39 5.45
N ILE A 17 -5.87 2.92 4.28
CA ILE A 17 -4.97 2.78 3.14
C ILE A 17 -4.43 4.13 2.68
N ALA A 18 -5.03 5.21 3.18
CA ALA A 18 -4.59 6.55 2.82
C ALA A 18 -3.56 7.07 3.81
N LEU A 19 -3.51 6.45 4.98
CA LEU A 19 -2.54 6.85 5.98
C LEU A 19 -1.15 6.43 5.49
N ALA A 20 -1.12 5.31 4.77
CA ALA A 20 0.12 4.79 4.23
C ALA A 20 0.83 5.85 3.39
N ALA A 21 0.05 6.55 2.56
CA ALA A 21 0.61 7.61 1.71
C ALA A 21 1.63 8.42 2.51
N ARG A 22 1.33 8.65 3.78
CA ARG A 22 2.22 9.39 4.65
C ARG A 22 3.54 8.64 4.81
N ALA A 23 3.44 7.32 4.95
CA ALA A 23 4.61 6.48 5.10
C ALA A 23 5.52 6.63 3.89
N LEU A 24 5.05 7.35 2.88
CA LEU A 24 5.81 7.54 1.65
C LEU A 24 6.08 9.04 1.44
N PRO A 25 7.32 9.48 1.51
CA PRO A 25 7.64 10.93 1.32
C PRO A 25 7.64 11.33 -0.15
N GLY A 26 6.46 11.34 -0.78
CA GLY A 26 6.34 11.72 -2.19
C GLY A 26 5.19 11.00 -2.88
N THR A 27 5.13 9.68 -2.72
CA THR A 27 4.08 8.88 -3.35
C THR A 27 2.71 9.20 -2.76
N THR A 28 1.73 9.39 -3.65
CA THR A 28 0.38 9.69 -3.23
C THR A 28 -0.37 8.39 -2.91
N VAL A 29 -1.59 8.53 -2.39
CA VAL A 29 -2.39 7.37 -2.03
C VAL A 29 -2.74 6.54 -3.26
N GLY A 30 -3.49 7.15 -4.16
CA GLY A 30 -3.91 6.46 -5.38
C GLY A 30 -2.76 6.26 -6.35
N GLN A 31 -1.53 6.48 -5.90
CA GLN A 31 -0.37 6.31 -6.78
C GLN A 31 0.30 4.96 -6.52
N LEU A 32 0.13 4.43 -5.32
CA LEU A 32 0.74 3.14 -4.97
C LEU A 32 -0.15 1.98 -5.42
N LEU A 33 -1.43 2.25 -5.64
CA LEU A 33 -2.36 1.21 -6.08
C LEU A 33 -2.46 1.20 -7.61
N GLU A 34 -2.59 2.39 -8.19
CA GLU A 34 -2.69 2.51 -9.64
C GLU A 34 -1.50 1.86 -10.34
N ILE A 35 -0.53 1.39 -9.55
CA ILE A 35 0.64 0.74 -10.12
C ILE A 35 0.23 -0.36 -11.10
N LEU A 36 -1.05 -0.71 -11.07
CA LEU A 36 -1.57 -1.76 -11.95
C LEU A 36 -1.90 -1.20 -13.33
N HIS A 37 -2.10 0.11 -13.40
CA HIS A 37 -2.42 0.77 -14.67
C HIS A 37 -3.67 0.15 -15.27
N GLN A 38 -4.14 0.73 -16.37
CA GLN A 38 -5.34 0.24 -17.03
C GLN A 38 -6.53 0.31 -16.09
N ARG A 39 -7.45 1.22 -16.37
CA ARG A 39 -8.65 1.37 -15.53
C ARG A 39 -9.33 0.03 -15.32
N ILE A 40 -9.93 -0.15 -14.15
CA ILE A 40 -10.61 -1.40 -13.84
C ILE A 40 -11.35 -1.29 -12.50
N GLU A 41 -10.89 -0.37 -11.66
CA GLU A 41 -11.52 -0.19 -10.34
C GLU A 41 -11.58 -1.52 -9.60
N GLY A 42 -12.77 -2.11 -9.55
CA GLY A 42 -12.94 -3.39 -8.87
C GLY A 42 -12.98 -3.19 -7.36
N PRO A 43 -13.29 -4.23 -6.62
CA PRO A 43 -13.37 -4.18 -5.13
C PRO A 43 -11.98 -4.06 -4.51
N LEU A 44 -11.92 -4.13 -3.17
CA LEU A 44 -10.66 -4.03 -2.46
C LEU A 44 -10.77 -4.67 -1.09
N THR A 45 -10.31 -5.91 -0.97
CA THR A 45 -10.37 -6.65 0.29
C THR A 45 -9.02 -6.64 0.99
N GLU A 46 -8.96 -7.28 2.16
CA GLU A 46 -7.72 -7.35 2.92
C GLU A 46 -6.77 -8.36 2.29
N GLU A 47 -7.34 -9.29 1.53
CA GLU A 47 -6.55 -10.32 0.86
C GLU A 47 -6.01 -9.79 -0.47
N SER A 48 -6.78 -8.90 -1.09
CA SER A 48 -6.38 -8.33 -2.37
C SER A 48 -4.98 -7.74 -2.28
N LEU A 49 -4.77 -6.85 -1.32
CA LEU A 49 -3.46 -6.22 -1.14
C LEU A 49 -2.39 -7.29 -0.94
N GLN A 50 -2.77 -8.40 -0.34
CA GLN A 50 -1.83 -9.49 -0.09
C GLN A 50 -1.70 -10.38 -1.33
N GLY A 51 -1.08 -9.84 -2.37
CA GLY A 51 -0.88 -10.59 -3.62
C GLY A 51 0.33 -10.06 -4.37
N VAL A 52 0.95 -9.02 -3.82
CA VAL A 52 2.14 -8.41 -4.44
C VAL A 52 3.30 -8.42 -3.44
N SER A 53 4.49 -8.04 -3.90
CA SER A 53 5.67 -8.00 -3.02
C SER A 53 6.15 -6.56 -2.90
N VAL A 54 6.96 -6.27 -1.88
CA VAL A 54 7.47 -4.92 -1.68
C VAL A 54 8.16 -4.40 -2.94
N THR A 55 8.97 -5.24 -3.58
CA THR A 55 9.70 -4.82 -4.78
C THR A 55 8.75 -4.37 -5.89
N ASP A 56 7.51 -4.80 -5.86
CA ASP A 56 6.57 -4.40 -6.90
C ASP A 56 6.12 -2.96 -6.69
N LEU A 57 6.06 -2.55 -5.43
CA LEU A 57 5.60 -1.21 -5.08
C LEU A 57 6.53 -0.11 -5.61
N LYS A 58 7.76 -0.04 -5.07
CA LYS A 58 8.71 1.00 -5.49
C LYS A 58 8.89 1.07 -7.00
N ILE A 59 8.85 -0.08 -7.67
CA ILE A 59 9.02 -0.11 -9.12
C ILE A 59 7.72 0.30 -9.80
N GLY A 60 6.63 0.20 -9.04
CA GLY A 60 5.31 0.56 -9.56
C GLY A 60 5.19 2.06 -9.81
N LEU A 61 5.73 2.86 -8.88
CA LEU A 61 5.67 4.30 -9.03
C LEU A 61 6.65 4.75 -10.12
N ALA A 62 7.91 4.37 -9.98
CA ALA A 62 8.90 4.73 -10.98
C ALA A 62 8.60 3.98 -12.27
N GLY A 63 8.15 2.73 -12.14
CA GLY A 63 7.82 1.90 -13.30
C GLY A 63 8.68 0.65 -13.37
N SER A 64 10.00 0.84 -13.30
CA SER A 64 10.93 -0.29 -13.35
C SER A 64 12.06 -0.12 -12.34
N GLU A 65 12.52 -1.24 -11.79
CA GLU A 65 13.60 -1.21 -10.80
C GLU A 65 14.87 -0.60 -11.39
N GLU A 66 14.76 -0.07 -12.60
CA GLU A 66 15.91 0.54 -13.25
C GLU A 66 16.12 1.98 -12.78
N ASP A 67 15.08 2.81 -12.88
CA ASP A 67 15.20 4.22 -12.50
C ASP A 67 14.69 4.51 -11.08
N VAL A 68 14.12 3.52 -10.41
CA VAL A 68 13.62 3.77 -9.05
C VAL A 68 14.64 4.56 -8.23
N ASP A 69 15.91 4.43 -8.60
CA ASP A 69 16.97 5.14 -7.89
C ASP A 69 16.72 6.64 -7.90
N MET A 70 16.10 7.14 -8.97
CA MET A 70 15.82 8.58 -9.09
C MET A 70 14.44 8.92 -8.53
N LEU A 71 13.66 7.91 -8.18
CA LEU A 71 12.32 8.14 -7.65
C LEU A 71 12.38 9.17 -6.52
N ASP A 72 12.68 8.69 -5.31
CA ASP A 72 12.78 9.54 -4.13
C ASP A 72 12.51 8.68 -2.89
N THR A 73 11.74 7.62 -3.10
CA THR A 73 11.38 6.71 -2.03
C THR A 73 12.65 6.04 -1.47
N PRO A 74 12.80 5.94 -0.16
CA PRO A 74 14.01 5.31 0.44
C PRO A 74 14.03 3.79 0.25
N MET A 75 13.50 3.07 1.23
CA MET A 75 13.47 1.61 1.17
C MET A 75 12.65 1.02 2.31
N SER A 76 12.57 1.76 3.41
CA SER A 76 11.81 1.31 4.57
C SER A 76 10.37 1.78 4.44
N ALA A 77 10.16 2.78 3.58
CA ALA A 77 8.82 3.32 3.37
C ALA A 77 7.92 2.28 2.71
N LEU A 78 8.49 1.47 1.82
CA LEU A 78 7.70 0.45 1.16
C LEU A 78 7.22 -0.55 2.22
N LYS A 79 8.17 -1.01 3.02
CA LYS A 79 7.89 -1.98 4.06
C LYS A 79 7.07 -1.36 5.18
N ASP A 80 6.91 -0.04 5.13
CA ASP A 80 6.10 0.65 6.14
C ASP A 80 4.65 0.63 5.69
N ALA A 81 4.44 1.04 4.44
CA ALA A 81 3.11 1.08 3.86
C ALA A 81 2.57 -0.33 3.62
N VAL A 82 3.29 -1.14 2.83
CA VAL A 82 2.88 -2.51 2.50
C VAL A 82 2.17 -3.17 3.70
N ARG A 83 2.49 -2.69 4.89
CA ARG A 83 1.88 -3.21 6.10
C ARG A 83 0.49 -2.62 6.27
N ILE A 84 0.44 -1.29 6.28
CA ILE A 84 -0.82 -0.58 6.47
C ILE A 84 -1.92 -1.09 5.52
N LEU A 85 -1.61 -1.36 4.25
CA LEU A 85 -2.64 -1.84 3.33
C LEU A 85 -2.90 -3.32 3.60
N TRP A 86 -1.85 -4.05 3.95
CA TRP A 86 -1.99 -5.48 4.24
C TRP A 86 -3.19 -5.69 5.17
N GLY A 87 -3.57 -4.63 5.87
CA GLY A 87 -4.69 -4.70 6.80
C GLY A 87 -4.21 -5.19 8.17
N GLU A 88 -2.90 -5.10 8.40
CA GLU A 88 -2.30 -5.53 9.66
C GLU A 88 -1.78 -4.34 10.45
N ALA A 89 -1.95 -3.14 9.88
CA ALA A 89 -1.50 -1.90 10.51
C ALA A 89 -1.57 -1.98 12.04
N GLU A 90 -2.77 -2.24 12.55
CA GLU A 90 -2.97 -2.35 14.00
C GLU A 90 -1.90 -3.23 14.63
N VAL A 91 -1.57 -4.33 13.95
CA VAL A 91 -0.56 -5.24 14.47
C VAL A 91 0.83 -4.63 14.34
N ASP A 92 1.16 -3.72 15.25
CA ASP A 92 2.47 -3.06 15.24
C ASP A 92 3.50 -3.86 16.03
N SER A 93 3.19 -4.10 17.30
CA SER A 93 4.09 -4.86 18.16
C SER A 93 4.12 -6.33 17.77
N LEU A 94 5.10 -7.06 18.29
CA LEU A 94 5.22 -8.48 17.98
C LEU A 94 4.09 -9.26 18.66
N PRO A 95 3.65 -10.36 18.08
CA PRO A 95 2.55 -11.19 18.67
C PRO A 95 3.03 -11.98 19.90
N GLN A 96 4.26 -12.49 19.82
CA GLN A 96 4.82 -13.26 20.93
C GLN A 96 4.99 -12.37 22.16
N PRO A 97 4.93 -12.93 23.35
CA PRO A 97 5.09 -12.14 24.61
C PRO A 97 6.54 -11.68 24.82
N VAL A 98 6.72 -10.37 24.95
CA VAL A 98 8.05 -9.81 25.16
C VAL A 98 8.47 -9.95 26.62
N MET A 3 -25.65 -5.89 -0.24
CA MET A 3 -26.93 -6.36 0.35
C MET A 3 -27.07 -5.76 1.75
N VAL A 4 -25.95 -5.48 2.40
CA VAL A 4 -25.96 -4.91 3.75
C VAL A 4 -25.76 -3.39 3.69
N THR A 5 -26.85 -2.67 3.48
CA THR A 5 -26.80 -1.21 3.41
C THR A 5 -25.85 -0.76 2.28
N PRO A 6 -26.11 0.37 1.64
CA PRO A 6 -25.24 0.88 0.56
C PRO A 6 -23.76 0.63 0.81
N VAL A 7 -23.24 1.22 1.89
CA VAL A 7 -21.83 1.06 2.23
C VAL A 7 -21.50 -0.41 2.51
N ASN A 8 -21.43 -1.22 1.46
CA ASN A 8 -21.13 -2.63 1.61
C ASN A 8 -19.62 -2.82 1.77
N MET A 9 -19.02 -2.07 2.68
CA MET A 9 -17.58 -2.16 2.92
C MET A 9 -17.22 -1.44 4.22
N SER A 10 -16.08 -1.79 4.79
CA SER A 10 -15.62 -1.18 6.04
C SER A 10 -14.70 0.00 5.75
N ARG A 11 -15.08 1.18 6.28
CA ARG A 11 -14.29 2.38 6.09
C ARG A 11 -12.86 2.15 6.56
N GLU A 12 -12.71 1.64 7.78
CA GLU A 12 -11.39 1.39 8.35
C GLU A 12 -10.45 0.72 7.35
N THR A 13 -11.00 -0.09 6.45
CA THR A 13 -10.17 -0.77 5.46
C THR A 13 -9.74 0.21 4.38
N ALA A 14 -10.49 1.29 4.29
CA ALA A 14 -10.25 2.35 3.32
C ALA A 14 -9.25 3.39 3.86
N LEU A 15 -9.70 4.20 4.81
CA LEU A 15 -8.88 5.26 5.40
C LEU A 15 -7.41 4.82 5.52
N ARG A 16 -7.17 3.66 6.11
CA ARG A 16 -5.81 3.16 6.29
C ARG A 16 -5.00 3.21 4.99
N ILE A 17 -5.66 2.98 3.87
CA ILE A 17 -4.94 3.00 2.59
C ILE A 17 -4.40 4.38 2.29
N ALA A 18 -5.01 5.41 2.89
CA ALA A 18 -4.56 6.78 2.66
C ALA A 18 -3.53 7.22 3.71
N LEU A 19 -3.48 6.53 4.82
CA LEU A 19 -2.50 6.87 5.84
C LEU A 19 -1.13 6.46 5.33
N ALA A 20 -1.11 5.38 4.55
CA ALA A 20 0.13 4.90 3.96
C ALA A 20 0.81 5.99 3.16
N ALA A 21 0.02 6.72 2.36
CA ALA A 21 0.59 7.80 1.55
C ALA A 21 1.63 8.57 2.37
N ARG A 22 1.38 8.73 3.67
CA ARG A 22 2.32 9.43 4.53
C ARG A 22 3.62 8.64 4.64
N ALA A 23 3.50 7.31 4.78
CA ALA A 23 4.66 6.44 4.87
C ALA A 23 5.53 6.60 3.64
N LEU A 24 5.04 7.36 2.67
CA LEU A 24 5.75 7.57 1.42
C LEU A 24 6.01 9.07 1.22
N PRO A 25 7.25 9.54 1.28
CA PRO A 25 7.56 10.99 1.10
C PRO A 25 7.65 11.38 -0.38
N GLY A 26 6.54 11.29 -1.09
CA GLY A 26 6.52 11.66 -2.51
C GLY A 26 5.38 10.97 -3.25
N THR A 27 5.09 9.72 -2.87
CA THR A 27 4.03 8.96 -3.51
C THR A 27 2.66 9.33 -2.95
N THR A 28 1.70 9.52 -3.85
CA THR A 28 0.35 9.86 -3.48
C THR A 28 -0.44 8.59 -3.12
N VAL A 29 -1.63 8.78 -2.55
CA VAL A 29 -2.45 7.64 -2.17
C VAL A 29 -2.82 6.79 -3.37
N GLY A 30 -3.53 7.39 -4.32
CA GLY A 30 -3.96 6.68 -5.51
C GLY A 30 -2.80 6.38 -6.46
N GLN A 31 -1.57 6.60 -6.00
CA GLN A 31 -0.40 6.33 -6.85
C GLN A 31 0.21 4.98 -6.50
N LEU A 32 0.01 4.53 -5.27
CA LEU A 32 0.57 3.25 -4.83
C LEU A 32 -0.40 2.12 -5.15
N LEU A 33 -1.70 2.42 -5.24
CA LEU A 33 -2.69 1.40 -5.54
C LEU A 33 -2.76 1.18 -7.05
N GLU A 34 -2.66 2.28 -7.82
CA GLU A 34 -2.72 2.21 -9.28
C GLU A 34 -2.13 0.92 -9.82
N ILE A 35 -1.13 0.38 -9.13
CA ILE A 35 -0.50 -0.87 -9.56
C ILE A 35 -1.59 -1.92 -9.77
N LEU A 36 -2.49 -2.04 -8.81
CA LEU A 36 -3.58 -3.01 -8.89
C LEU A 36 -4.49 -2.66 -10.07
N HIS A 37 -4.25 -1.49 -10.67
CA HIS A 37 -5.04 -1.02 -11.80
C HIS A 37 -6.52 -0.95 -11.43
N GLN A 38 -7.07 0.26 -11.46
CA GLN A 38 -8.48 0.46 -11.13
C GLN A 38 -8.86 1.94 -11.28
N ARG A 39 -8.53 2.52 -12.44
CA ARG A 39 -8.84 3.92 -12.69
C ARG A 39 -10.35 4.16 -12.61
N ILE A 40 -11.10 3.08 -12.41
CA ILE A 40 -12.56 3.18 -12.30
C ILE A 40 -13.07 2.13 -11.31
N GLU A 41 -12.75 2.32 -10.03
CA GLU A 41 -13.19 1.39 -9.00
C GLU A 41 -12.73 -0.03 -9.35
N GLY A 42 -12.75 -0.91 -8.35
CA GLY A 42 -12.34 -2.29 -8.56
C GLY A 42 -12.02 -2.97 -7.23
N PRO A 43 -11.40 -4.12 -7.27
CA PRO A 43 -11.04 -4.89 -6.05
C PRO A 43 -10.40 -4.01 -4.97
N LEU A 44 -10.58 -4.38 -3.71
CA LEU A 44 -10.02 -3.61 -2.61
C LEU A 44 -10.22 -4.35 -1.29
N THR A 45 -10.18 -5.68 -1.34
CA THR A 45 -10.35 -6.49 -0.14
C THR A 45 -9.06 -6.56 0.65
N GLU A 46 -9.14 -7.14 1.84
CA GLU A 46 -7.97 -7.29 2.70
C GLU A 46 -7.00 -8.29 2.08
N GLU A 47 -7.53 -9.20 1.27
CA GLU A 47 -6.73 -10.22 0.62
C GLU A 47 -6.17 -9.68 -0.70
N SER A 48 -6.90 -8.76 -1.32
CA SER A 48 -6.48 -8.18 -2.58
C SER A 48 -5.06 -7.62 -2.49
N LEU A 49 -4.79 -6.86 -1.43
CA LEU A 49 -3.48 -6.26 -1.25
C LEU A 49 -2.42 -7.36 -1.02
N GLN A 50 -2.82 -8.43 -0.35
CA GLN A 50 -1.88 -9.53 -0.08
C GLN A 50 -1.72 -10.40 -1.31
N GLY A 51 -1.16 -9.81 -2.37
CA GLY A 51 -0.96 -10.54 -3.63
C GLY A 51 0.28 -10.03 -4.36
N VAL A 52 0.96 -9.05 -3.76
CA VAL A 52 2.17 -8.47 -4.37
C VAL A 52 3.31 -8.43 -3.34
N SER A 53 4.50 -8.05 -3.79
CA SER A 53 5.67 -7.98 -2.91
C SER A 53 6.13 -6.54 -2.81
N VAL A 54 6.98 -6.23 -1.83
CA VAL A 54 7.48 -4.87 -1.66
C VAL A 54 8.14 -4.34 -2.94
N THR A 55 9.02 -5.16 -3.53
CA THR A 55 9.73 -4.74 -4.74
C THR A 55 8.78 -4.31 -5.84
N ASP A 56 7.54 -4.78 -5.80
CA ASP A 56 6.58 -4.42 -6.84
C ASP A 56 6.09 -2.99 -6.64
N LEU A 57 6.03 -2.56 -5.39
CA LEU A 57 5.52 -1.23 -5.07
C LEU A 57 6.43 -0.12 -5.61
N LYS A 58 7.66 -0.04 -5.09
CA LYS A 58 8.58 1.02 -5.52
C LYS A 58 8.78 1.07 -7.04
N ILE A 59 8.74 -0.08 -7.70
CA ILE A 59 8.92 -0.12 -9.14
C ILE A 59 7.62 0.29 -9.82
N GLY A 60 6.52 0.20 -9.07
CA GLY A 60 5.21 0.57 -9.59
C GLY A 60 5.09 2.07 -9.80
N LEU A 61 5.66 2.85 -8.88
CA LEU A 61 5.61 4.30 -9.01
C LEU A 61 6.58 4.76 -10.09
N ALA A 62 7.85 4.39 -9.96
CA ALA A 62 8.82 4.76 -10.98
C ALA A 62 8.47 4.03 -12.26
N GLY A 63 8.00 2.79 -12.11
CA GLY A 63 7.62 1.99 -13.27
C GLY A 63 8.69 0.99 -13.67
N SER A 64 9.96 1.32 -13.39
CA SER A 64 11.07 0.43 -13.75
C SER A 64 12.12 0.35 -12.65
N GLU A 65 12.51 -0.88 -12.34
CA GLU A 65 13.52 -1.15 -11.32
C GLU A 65 14.83 -0.46 -11.67
N GLU A 66 14.82 0.37 -12.72
CA GLU A 66 16.02 1.09 -13.13
C GLU A 66 16.06 2.48 -12.50
N ASP A 67 14.97 3.25 -12.65
CA ASP A 67 14.94 4.62 -12.12
C ASP A 67 14.60 4.67 -10.64
N VAL A 68 14.09 3.58 -10.08
CA VAL A 68 13.75 3.56 -8.66
C VAL A 68 14.92 4.07 -7.83
N ASP A 69 16.12 3.95 -8.39
CA ASP A 69 17.32 4.42 -7.70
C ASP A 69 17.24 5.91 -7.41
N MET A 70 16.55 6.64 -8.29
CA MET A 70 16.40 8.09 -8.14
C MET A 70 15.15 8.43 -7.35
N LEU A 71 14.09 7.63 -7.52
CA LEU A 71 12.84 7.87 -6.82
C LEU A 71 13.11 8.07 -5.33
N ASP A 72 12.96 9.32 -4.88
CA ASP A 72 13.21 9.65 -3.47
C ASP A 72 12.62 8.60 -2.53
N THR A 73 11.60 7.87 -2.99
CA THR A 73 10.97 6.85 -2.17
C THR A 73 12.04 5.98 -1.48
N PRO A 74 12.26 6.13 -0.18
CA PRO A 74 13.28 5.30 0.53
C PRO A 74 13.05 3.80 0.28
N MET A 75 13.74 2.98 1.05
CA MET A 75 13.60 1.53 0.93
C MET A 75 12.80 1.00 2.11
N SER A 76 12.53 1.89 3.06
CA SER A 76 11.77 1.54 4.26
C SER A 76 10.32 1.99 4.11
N ALA A 77 10.11 3.03 3.29
CA ALA A 77 8.76 3.55 3.07
C ALA A 77 7.85 2.46 2.54
N LEU A 78 8.42 1.57 1.73
CA LEU A 78 7.65 0.47 1.16
C LEU A 78 7.23 -0.49 2.26
N LYS A 79 8.24 -1.03 2.93
CA LYS A 79 8.02 -1.98 4.00
C LYS A 79 7.20 -1.34 5.11
N ASP A 80 7.02 -0.02 5.02
CA ASP A 80 6.23 0.70 6.00
C ASP A 80 4.77 0.68 5.57
N ALA A 81 4.53 1.10 4.32
CA ALA A 81 3.18 1.14 3.77
C ALA A 81 2.63 -0.27 3.56
N VAL A 82 3.36 -1.09 2.78
CA VAL A 82 2.94 -2.46 2.48
C VAL A 82 2.22 -3.10 3.68
N ARG A 83 2.54 -2.61 4.86
CA ARG A 83 1.94 -3.10 6.07
C ARG A 83 0.56 -2.50 6.24
N ILE A 84 0.52 -1.19 6.24
CA ILE A 84 -0.73 -0.46 6.42
C ILE A 84 -1.84 -1.01 5.51
N LEU A 85 -1.54 -1.32 4.25
CA LEU A 85 -2.59 -1.85 3.37
C LEU A 85 -2.85 -3.31 3.69
N TRP A 86 -1.79 -4.05 4.03
CA TRP A 86 -1.95 -5.47 4.37
C TRP A 86 -3.13 -5.65 5.33
N GLY A 87 -3.45 -4.58 6.05
CA GLY A 87 -4.55 -4.60 7.02
C GLY A 87 -4.03 -5.02 8.39
N GLU A 88 -2.73 -4.90 8.59
CA GLU A 88 -2.10 -5.26 9.87
C GLU A 88 -1.62 -4.01 10.60
N ALA A 89 -1.83 -2.86 9.99
CA ALA A 89 -1.42 -1.58 10.58
C ALA A 89 -1.58 -1.59 12.10
N GLU A 90 -2.52 -2.41 12.58
CA GLU A 90 -2.77 -2.50 14.02
C GLU A 90 -1.48 -2.75 14.80
N VAL A 91 -0.83 -3.86 14.52
CA VAL A 91 0.41 -4.21 15.21
C VAL A 91 1.57 -3.36 14.71
N ASP A 92 1.31 -2.08 14.49
CA ASP A 92 2.36 -1.17 14.01
C ASP A 92 3.12 -0.57 15.19
N SER A 93 4.33 -1.10 15.43
CA SER A 93 5.15 -0.60 16.52
C SER A 93 5.77 0.74 16.16
N LEU A 94 6.17 1.50 17.17
CA LEU A 94 6.76 2.82 16.93
C LEU A 94 8.24 2.66 16.52
N PRO A 95 8.76 3.55 15.72
CA PRO A 95 10.18 3.48 15.27
C PRO A 95 11.11 2.99 16.38
N GLN A 96 10.91 3.51 17.58
CA GLN A 96 11.73 3.12 18.72
C GLN A 96 11.32 1.73 19.21
N PRO A 97 12.22 0.99 19.83
CA PRO A 97 11.91 -0.37 20.34
C PRO A 97 11.01 -0.32 21.57
N VAL A 98 9.72 -0.59 21.36
CA VAL A 98 8.76 -0.57 22.45
C VAL A 98 8.96 -1.78 23.37
N MET A 3 -17.66 -18.69 1.75
CA MET A 3 -16.83 -17.46 1.62
C MET A 3 -17.65 -16.35 0.95
N VAL A 4 -18.92 -16.63 0.73
CA VAL A 4 -19.80 -15.66 0.09
C VAL A 4 -20.12 -14.51 1.05
N THR A 5 -20.94 -13.57 0.59
CA THR A 5 -21.30 -12.43 1.41
C THR A 5 -20.05 -11.78 2.03
N PRO A 6 -19.24 -11.17 1.20
CA PRO A 6 -17.99 -10.50 1.65
C PRO A 6 -18.21 -9.63 2.89
N VAL A 7 -17.11 -9.17 3.48
CA VAL A 7 -17.19 -8.32 4.68
C VAL A 7 -15.98 -7.40 4.75
N ASN A 8 -15.76 -6.80 5.92
CA ASN A 8 -14.64 -5.90 6.10
C ASN A 8 -14.60 -4.85 4.99
N MET A 9 -15.19 -3.69 5.27
CA MET A 9 -15.21 -2.62 4.28
C MET A 9 -15.61 -1.29 4.93
N SER A 10 -15.54 -1.25 6.26
CA SER A 10 -15.90 -0.02 6.99
C SER A 10 -14.88 1.07 6.72
N ARG A 11 -15.10 2.24 7.32
CA ARG A 11 -14.20 3.36 7.14
C ARG A 11 -12.75 2.94 7.40
N GLU A 12 -12.50 2.42 8.59
CA GLU A 12 -11.16 1.99 8.97
C GLU A 12 -10.46 1.20 7.86
N THR A 13 -11.21 0.40 7.12
CA THR A 13 -10.62 -0.39 6.05
C THR A 13 -10.23 0.51 4.89
N ALA A 14 -10.82 1.68 4.89
CA ALA A 14 -10.59 2.68 3.85
C ALA A 14 -9.43 3.61 4.22
N LEU A 15 -9.67 4.49 5.20
CA LEU A 15 -8.66 5.46 5.64
C LEU A 15 -7.27 4.83 5.70
N ARG A 16 -7.16 3.69 6.39
CA ARG A 16 -5.88 3.02 6.53
C ARG A 16 -5.11 2.98 5.21
N ILE A 17 -5.80 2.68 4.12
CA ILE A 17 -5.16 2.59 2.81
C ILE A 17 -4.58 3.93 2.38
N ALA A 18 -5.09 5.01 2.95
CA ALA A 18 -4.62 6.35 2.60
C ALA A 18 -3.59 6.87 3.58
N LEU A 19 -3.52 6.26 4.75
CA LEU A 19 -2.52 6.67 5.73
C LEU A 19 -1.14 6.27 5.20
N ALA A 20 -1.10 5.16 4.47
CA ALA A 20 0.14 4.67 3.90
C ALA A 20 0.82 5.75 3.08
N ALA A 21 0.03 6.43 2.24
CA ALA A 21 0.57 7.51 1.40
C ALA A 21 1.59 8.33 2.19
N ARG A 22 1.32 8.52 3.48
CA ARG A 22 2.23 9.27 4.33
C ARG A 22 3.57 8.55 4.45
N ALA A 23 3.50 7.23 4.60
CA ALA A 23 4.70 6.40 4.71
C ALA A 23 5.57 6.58 3.47
N LEU A 24 5.06 7.33 2.50
CA LEU A 24 5.77 7.57 1.25
C LEU A 24 5.95 9.08 1.05
N PRO A 25 7.16 9.60 1.10
CA PRO A 25 7.40 11.05 0.92
C PRO A 25 7.42 11.45 -0.56
N GLY A 26 6.27 11.33 -1.23
CA GLY A 26 6.20 11.69 -2.64
C GLY A 26 5.07 10.94 -3.35
N THR A 27 4.95 9.65 -3.07
CA THR A 27 3.91 8.82 -3.69
C THR A 27 2.55 9.10 -3.08
N THR A 28 1.55 9.28 -3.96
CA THR A 28 0.19 9.53 -3.52
C THR A 28 -0.51 8.22 -3.18
N VAL A 29 -1.72 8.33 -2.63
CA VAL A 29 -2.50 7.16 -2.25
C VAL A 29 -2.84 6.29 -3.46
N GLY A 30 -3.61 6.87 -4.38
CA GLY A 30 -4.03 6.13 -5.57
C GLY A 30 -2.88 5.91 -6.53
N GLN A 31 -1.65 6.17 -6.11
CA GLN A 31 -0.49 5.98 -7.00
C GLN A 31 0.21 4.66 -6.69
N LEU A 32 0.07 4.15 -5.46
CA LEU A 32 0.73 2.90 -5.09
C LEU A 32 -0.17 1.69 -5.32
N LEU A 33 -1.48 1.90 -5.34
CA LEU A 33 -2.41 0.80 -5.55
C LEU A 33 -2.44 0.38 -7.02
N GLU A 34 -2.35 1.37 -7.91
CA GLU A 34 -2.38 1.11 -9.34
C GLU A 34 -1.67 -0.19 -9.71
N ILE A 35 -0.72 -0.62 -8.88
CA ILE A 35 0.00 -1.85 -9.15
C ILE A 35 -0.98 -2.98 -9.50
N LEU A 36 -1.76 -3.41 -8.52
CA LEU A 36 -2.72 -4.47 -8.73
C LEU A 36 -3.85 -3.99 -9.64
N HIS A 37 -4.58 -2.97 -9.20
CA HIS A 37 -5.68 -2.43 -9.98
C HIS A 37 -5.29 -2.28 -11.44
N GLN A 38 -6.28 -2.32 -12.32
CA GLN A 38 -6.03 -2.19 -13.76
C GLN A 38 -5.10 -3.29 -14.25
N ARG A 39 -5.12 -3.51 -15.57
CA ARG A 39 -4.27 -4.55 -16.17
C ARG A 39 -4.71 -5.93 -15.71
N ILE A 40 -5.70 -5.96 -14.82
CA ILE A 40 -6.22 -7.23 -14.31
C ILE A 40 -7.58 -7.00 -13.67
N GLU A 41 -7.70 -5.91 -12.91
CA GLU A 41 -8.94 -5.57 -12.25
C GLU A 41 -9.42 -6.73 -11.38
N GLY A 42 -10.34 -6.43 -10.46
CA GLY A 42 -10.88 -7.45 -9.56
C GLY A 42 -11.28 -6.80 -8.23
N PRO A 43 -11.44 -7.59 -7.20
CA PRO A 43 -11.81 -7.07 -5.86
C PRO A 43 -10.98 -5.84 -5.46
N LEU A 44 -11.39 -5.15 -4.39
CA LEU A 44 -10.68 -3.97 -3.92
C LEU A 44 -10.61 -3.96 -2.40
N THR A 45 -10.65 -5.15 -1.81
CA THR A 45 -10.59 -5.26 -0.36
C THR A 45 -9.19 -4.96 0.14
N GLU A 46 -9.07 -4.80 1.46
CA GLU A 46 -7.77 -4.50 2.06
C GLU A 46 -6.90 -5.75 2.06
N GLU A 47 -7.54 -6.91 1.99
CA GLU A 47 -6.82 -8.19 1.98
C GLU A 47 -6.43 -8.56 0.56
N SER A 48 -7.27 -8.17 -0.38
CA SER A 48 -7.04 -8.47 -1.79
C SER A 48 -5.65 -8.01 -2.22
N LEU A 49 -5.28 -6.78 -1.85
CA LEU A 49 -3.98 -6.24 -2.23
C LEU A 49 -2.85 -7.22 -1.89
N GLN A 50 -3.12 -8.14 -0.96
CA GLN A 50 -2.11 -9.12 -0.57
C GLN A 50 -1.88 -10.13 -1.70
N GLY A 51 -1.25 -9.66 -2.78
CA GLY A 51 -0.97 -10.53 -3.92
C GLY A 51 0.29 -10.10 -4.66
N VAL A 52 1.02 -9.14 -4.08
CA VAL A 52 2.26 -8.64 -4.70
C VAL A 52 3.39 -8.63 -3.66
N SER A 53 4.60 -8.28 -4.10
CA SER A 53 5.77 -8.22 -3.22
C SER A 53 6.22 -6.77 -3.10
N VAL A 54 7.04 -6.47 -2.10
CA VAL A 54 7.53 -5.10 -1.89
C VAL A 54 8.24 -4.57 -3.15
N THR A 55 9.07 -5.38 -3.76
CA THR A 55 9.83 -4.96 -4.94
C THR A 55 8.92 -4.45 -6.06
N ASP A 56 7.67 -4.89 -6.09
CA ASP A 56 6.74 -4.46 -7.13
C ASP A 56 6.23 -3.04 -6.88
N LEU A 57 6.13 -2.67 -5.62
CA LEU A 57 5.61 -1.36 -5.25
C LEU A 57 6.52 -0.23 -5.72
N LYS A 58 7.74 -0.16 -5.16
CA LYS A 58 8.68 0.91 -5.51
C LYS A 58 8.87 1.06 -7.02
N ILE A 59 8.82 -0.04 -7.74
CA ILE A 59 9.00 0.01 -9.19
C ILE A 59 7.69 0.37 -9.87
N GLY A 60 6.58 0.13 -9.17
CA GLY A 60 5.27 0.44 -9.72
C GLY A 60 5.11 1.93 -10.01
N LEU A 61 5.65 2.77 -9.13
CA LEU A 61 5.53 4.22 -9.30
C LEU A 61 6.47 4.70 -10.42
N ALA A 62 7.77 4.52 -10.23
CA ALA A 62 8.72 4.95 -11.24
C ALA A 62 8.57 4.12 -12.51
N GLY A 63 8.23 2.83 -12.33
CA GLY A 63 8.05 1.95 -13.49
C GLY A 63 9.37 1.33 -13.93
N SER A 64 10.48 1.78 -13.34
CA SER A 64 11.80 1.23 -13.70
C SER A 64 12.69 1.02 -12.48
N GLU A 65 12.83 -0.25 -12.09
CA GLU A 65 13.66 -0.60 -10.95
C GLU A 65 15.07 -0.03 -11.13
N GLU A 66 15.33 0.53 -12.30
CA GLU A 66 16.62 1.12 -12.59
C GLU A 66 16.71 2.54 -12.03
N ASP A 67 15.66 3.33 -12.26
CA ASP A 67 15.64 4.73 -11.83
C ASP A 67 15.04 4.92 -10.44
N VAL A 68 14.38 3.90 -9.89
CA VAL A 68 13.78 4.04 -8.58
C VAL A 68 14.78 4.61 -7.58
N ASP A 69 16.06 4.31 -7.78
CA ASP A 69 17.09 4.79 -6.88
C ASP A 69 16.97 6.30 -6.67
N MET A 70 16.19 6.95 -7.54
CA MET A 70 15.99 8.39 -7.46
C MET A 70 14.60 8.71 -6.90
N LEU A 71 13.67 7.78 -7.07
CA LEU A 71 12.31 7.97 -6.58
C LEU A 71 12.34 8.35 -5.10
N ASP A 72 11.81 9.54 -4.78
CA ASP A 72 11.79 10.02 -3.41
C ASP A 72 11.49 8.90 -2.42
N THR A 73 10.72 7.91 -2.87
CA THR A 73 10.36 6.79 -2.02
C THR A 73 11.61 5.96 -1.65
N PRO A 74 12.00 5.90 -0.39
CA PRO A 74 13.20 5.10 0.01
C PRO A 74 12.93 3.60 -0.09
N MET A 75 13.69 2.80 0.66
CA MET A 75 13.54 1.35 0.63
C MET A 75 12.80 0.84 1.85
N SER A 76 12.71 1.68 2.88
CA SER A 76 12.03 1.31 4.12
C SER A 76 10.58 1.75 4.08
N ALA A 77 10.28 2.73 3.24
CA ALA A 77 8.92 3.24 3.13
C ALA A 77 8.00 2.14 2.59
N LEU A 78 8.54 1.28 1.73
CA LEU A 78 7.71 0.21 1.18
C LEU A 78 7.33 -0.73 2.31
N LYS A 79 8.32 -1.13 3.09
CA LYS A 79 8.08 -2.03 4.20
C LYS A 79 7.04 -1.40 5.13
N ASP A 80 7.04 -0.07 5.21
CA ASP A 80 6.11 0.66 6.05
C ASP A 80 4.71 0.59 5.46
N ALA A 81 4.56 1.08 4.23
CA ALA A 81 3.26 1.08 3.56
C ALA A 81 2.74 -0.34 3.34
N VAL A 82 3.47 -1.13 2.54
CA VAL A 82 3.07 -2.52 2.24
C VAL A 82 2.39 -3.19 3.44
N ARG A 83 2.70 -2.69 4.62
CA ARG A 83 2.12 -3.23 5.85
C ARG A 83 0.70 -2.71 6.01
N ILE A 84 0.59 -1.39 6.04
CA ILE A 84 -0.68 -0.72 6.22
C ILE A 84 -1.76 -1.28 5.30
N LEU A 85 -1.43 -1.57 4.03
CA LEU A 85 -2.45 -2.10 3.12
C LEU A 85 -2.65 -3.59 3.42
N TRP A 86 -1.56 -4.27 3.77
CA TRP A 86 -1.66 -5.70 4.09
C TRP A 86 -2.79 -5.91 5.09
N GLY A 87 -3.24 -4.83 5.71
CA GLY A 87 -4.31 -4.91 6.70
C GLY A 87 -3.74 -5.37 8.03
N GLU A 88 -2.43 -5.23 8.19
CA GLU A 88 -1.74 -5.64 9.42
C GLU A 88 -1.20 -4.42 10.15
N ALA A 89 -1.55 -3.23 9.65
CA ALA A 89 -1.10 -1.98 10.24
C ALA A 89 -1.02 -2.08 11.77
N GLU A 90 -1.82 -2.98 12.34
CA GLU A 90 -1.84 -3.19 13.79
C GLU A 90 -0.44 -3.06 14.39
N VAL A 91 0.41 -4.03 14.08
CA VAL A 91 1.78 -4.01 14.60
C VAL A 91 2.51 -2.76 14.11
N ASP A 92 2.19 -1.62 14.73
CA ASP A 92 2.81 -0.35 14.36
C ASP A 92 4.05 -0.09 15.21
N SER A 93 5.10 0.44 14.60
CA SER A 93 6.33 0.73 15.32
C SER A 93 6.08 1.78 16.40
N LEU A 94 6.91 1.73 17.44
CA LEU A 94 6.78 2.66 18.56
C LEU A 94 7.60 3.93 18.28
N PRO A 95 7.23 5.04 18.89
CA PRO A 95 7.95 6.33 18.69
C PRO A 95 9.45 6.13 18.51
N GLN A 96 9.89 6.07 17.25
CA GLN A 96 11.29 5.88 16.94
C GLN A 96 12.15 6.95 17.66
N PRO A 97 13.18 6.57 18.38
CA PRO A 97 14.05 7.55 19.09
C PRO A 97 14.97 8.31 18.14
N VAL A 98 14.84 9.63 18.12
CA VAL A 98 15.66 10.46 17.26
C VAL A 98 17.12 10.46 17.73
N MET A 3 -33.44 -9.66 5.47
CA MET A 3 -32.71 -10.88 5.00
C MET A 3 -31.45 -10.45 4.26
N VAL A 4 -31.63 -9.74 3.15
CA VAL A 4 -30.50 -9.27 2.35
C VAL A 4 -29.90 -8.01 2.96
N THR A 5 -28.58 -7.94 2.96
CA THR A 5 -27.87 -6.78 3.52
C THR A 5 -26.46 -6.70 2.95
N PRO A 6 -26.34 -6.51 1.67
CA PRO A 6 -25.01 -6.41 0.99
C PRO A 6 -24.02 -5.56 1.78
N VAL A 7 -22.73 -5.74 1.48
CA VAL A 7 -21.69 -4.99 2.16
C VAL A 7 -20.39 -5.02 1.34
N ASN A 8 -19.56 -4.00 1.52
CA ASN A 8 -18.31 -3.92 0.78
C ASN A 8 -17.44 -2.79 1.33
N MET A 9 -17.35 -1.70 0.58
CA MET A 9 -16.55 -0.56 1.01
C MET A 9 -16.84 -0.21 2.47
N SER A 10 -15.82 -0.35 3.31
CA SER A 10 -15.96 -0.04 4.74
C SER A 10 -15.78 1.46 4.96
N ARG A 11 -15.40 1.84 6.18
CA ARG A 11 -15.20 3.25 6.51
C ARG A 11 -13.93 3.44 7.33
N GLU A 12 -13.54 2.43 8.10
CA GLU A 12 -12.34 2.55 8.93
C GLU A 12 -11.13 1.96 8.21
N THR A 13 -11.39 1.01 7.32
CA THR A 13 -10.32 0.38 6.55
C THR A 13 -9.99 1.21 5.31
N ALA A 14 -11.05 1.65 4.64
CA ALA A 14 -10.93 2.46 3.43
C ALA A 14 -10.34 3.83 3.73
N LEU A 15 -9.75 3.96 4.92
CA LEU A 15 -9.14 5.20 5.37
C LEU A 15 -7.65 4.98 5.60
N ARG A 16 -7.29 3.80 6.08
CA ARG A 16 -5.90 3.48 6.37
C ARG A 16 -5.09 3.31 5.09
N ILE A 17 -5.73 2.82 4.04
CA ILE A 17 -5.05 2.63 2.76
C ILE A 17 -4.41 3.94 2.33
N ALA A 18 -4.84 5.03 2.96
CA ALA A 18 -4.31 6.35 2.63
C ALA A 18 -3.23 6.77 3.62
N LEU A 19 -3.27 6.23 4.83
CA LEU A 19 -2.24 6.56 5.79
C LEU A 19 -0.90 6.13 5.22
N ALA A 20 -0.91 4.98 4.55
CA ALA A 20 0.30 4.47 3.93
C ALA A 20 0.88 5.54 3.01
N ALA A 21 0.02 6.22 2.26
CA ALA A 21 0.47 7.28 1.37
C ALA A 21 1.54 8.13 2.06
N ARG A 22 1.33 8.37 3.36
CA ARG A 22 2.29 9.16 4.14
C ARG A 22 3.61 8.41 4.24
N ALA A 23 3.52 7.10 4.48
CA ALA A 23 4.71 6.27 4.61
C ALA A 23 5.59 6.38 3.37
N LEU A 24 5.09 7.08 2.36
CA LEU A 24 5.82 7.25 1.11
C LEU A 24 6.04 8.73 0.80
N PRO A 25 7.24 9.27 0.96
CA PRO A 25 7.50 10.70 0.68
C PRO A 25 7.70 10.97 -0.82
N GLY A 26 6.60 11.01 -1.56
CA GLY A 26 6.67 11.26 -3.00
C GLY A 26 5.53 10.55 -3.74
N THR A 27 5.10 9.41 -3.21
CA THR A 27 4.02 8.63 -3.84
C THR A 27 2.67 8.94 -3.21
N THR A 28 1.64 8.97 -4.05
CA THR A 28 0.28 9.27 -3.59
C THR A 28 -0.44 7.99 -3.14
N VAL A 29 -1.68 8.16 -2.68
CA VAL A 29 -2.48 7.03 -2.21
C VAL A 29 -2.83 6.07 -3.34
N GLY A 30 -3.63 6.56 -4.28
CA GLY A 30 -4.08 5.74 -5.40
C GLY A 30 -2.98 5.50 -6.41
N GLN A 31 -1.73 5.79 -6.04
CA GLN A 31 -0.61 5.59 -6.95
C GLN A 31 0.12 4.29 -6.61
N LEU A 32 -0.12 3.75 -5.42
CA LEU A 32 0.55 2.52 -4.99
C LEU A 32 -0.30 1.28 -5.27
N LEU A 33 -1.61 1.46 -5.45
CA LEU A 33 -2.49 0.32 -5.73
C LEU A 33 -2.82 0.22 -7.22
N GLU A 34 -3.03 1.35 -7.87
CA GLU A 34 -3.35 1.36 -9.29
C GLU A 34 -2.30 0.63 -10.13
N ILE A 35 -1.19 0.25 -9.50
CA ILE A 35 -0.13 -0.46 -10.22
C ILE A 35 -0.72 -1.54 -11.13
N LEU A 36 -1.57 -2.39 -10.56
CA LEU A 36 -2.20 -3.45 -11.34
C LEU A 36 -3.10 -2.87 -12.41
N HIS A 37 -4.13 -2.14 -11.98
CA HIS A 37 -5.06 -1.52 -12.91
C HIS A 37 -5.77 -0.34 -12.25
N GLN A 38 -7.07 -0.48 -12.01
CA GLN A 38 -7.84 0.59 -11.38
C GLN A 38 -9.16 0.03 -10.82
N ARG A 39 -10.24 0.76 -11.07
CA ARG A 39 -11.56 0.34 -10.58
C ARG A 39 -12.34 -0.39 -11.67
N ILE A 40 -12.01 -1.67 -11.87
CA ILE A 40 -12.69 -2.47 -12.87
C ILE A 40 -14.00 -3.03 -12.32
N GLU A 41 -13.89 -4.03 -11.45
CA GLU A 41 -15.07 -4.65 -10.85
C GLU A 41 -14.67 -5.43 -9.60
N GLY A 42 -15.62 -6.20 -9.07
CA GLY A 42 -15.36 -6.99 -7.87
C GLY A 42 -15.05 -6.08 -6.69
N PRO A 43 -14.87 -6.66 -5.53
CA PRO A 43 -14.56 -5.90 -4.28
C PRO A 43 -13.09 -5.51 -4.20
N LEU A 44 -12.71 -4.89 -3.09
CA LEU A 44 -11.32 -4.47 -2.89
C LEU A 44 -11.05 -4.28 -1.39
N THR A 45 -10.76 -5.39 -0.71
CA THR A 45 -10.48 -5.34 0.73
C THR A 45 -8.98 -5.25 0.98
N GLU A 46 -8.62 -4.79 2.17
CA GLU A 46 -7.22 -4.65 2.54
C GLU A 46 -6.48 -5.96 2.32
N GLU A 47 -7.23 -7.07 2.30
CA GLU A 47 -6.64 -8.38 2.10
C GLU A 47 -6.38 -8.66 0.62
N SER A 48 -7.27 -8.14 -0.24
CA SER A 48 -7.13 -8.35 -1.68
C SER A 48 -5.81 -7.79 -2.19
N LEU A 49 -5.34 -6.72 -1.58
CA LEU A 49 -4.08 -6.09 -2.01
C LEU A 49 -2.89 -6.99 -1.68
N GLN A 50 -3.16 -8.09 -0.99
CA GLN A 50 -2.11 -9.04 -0.61
C GLN A 50 -1.86 -10.03 -1.74
N GLY A 51 -1.24 -9.56 -2.83
CA GLY A 51 -0.97 -10.45 -3.97
C GLY A 51 0.30 -10.02 -4.72
N VAL A 52 1.02 -9.05 -4.15
CA VAL A 52 2.25 -8.56 -4.78
C VAL A 52 3.41 -8.58 -3.77
N SER A 53 4.61 -8.19 -4.22
CA SER A 53 5.79 -8.15 -3.37
C SER A 53 6.22 -6.70 -3.18
N VAL A 54 7.04 -6.42 -2.17
CA VAL A 54 7.50 -5.05 -1.91
C VAL A 54 8.20 -4.46 -3.14
N THR A 55 9.06 -5.25 -3.77
CA THR A 55 9.81 -4.77 -4.93
C THR A 55 8.89 -4.28 -6.04
N ASP A 56 7.65 -4.73 -6.05
CA ASP A 56 6.72 -4.31 -7.09
C ASP A 56 6.20 -2.90 -6.84
N LEU A 57 6.10 -2.54 -5.57
CA LEU A 57 5.57 -1.23 -5.19
C LEU A 57 6.48 -0.08 -5.65
N LYS A 58 7.70 -0.01 -5.10
CA LYS A 58 8.63 1.07 -5.46
C LYS A 58 8.82 1.23 -6.96
N ILE A 59 8.79 0.13 -7.70
CA ILE A 59 8.98 0.17 -9.14
C ILE A 59 7.67 0.51 -9.85
N GLY A 60 6.56 0.32 -9.16
CA GLY A 60 5.26 0.60 -9.74
C GLY A 60 5.10 2.09 -10.06
N LEU A 61 5.71 2.94 -9.24
CA LEU A 61 5.60 4.38 -9.45
C LEU A 61 6.55 4.87 -10.55
N ALA A 62 7.84 4.61 -10.40
CA ALA A 62 8.81 5.04 -11.40
C ALA A 62 8.68 4.17 -12.64
N GLY A 63 8.35 2.89 -12.44
CA GLY A 63 8.20 1.97 -13.56
C GLY A 63 9.54 1.37 -13.99
N SER A 64 10.62 1.83 -13.36
CA SER A 64 11.96 1.32 -13.69
C SER A 64 12.80 1.10 -12.44
N GLU A 65 12.87 -0.16 -12.01
CA GLU A 65 13.65 -0.51 -10.83
C GLU A 65 15.07 0.03 -10.94
N GLU A 66 15.40 0.57 -12.11
CA GLU A 66 16.72 1.13 -12.33
C GLU A 66 16.77 2.59 -11.91
N ASP A 67 15.72 3.35 -12.22
CA ASP A 67 15.67 4.77 -11.90
C ASP A 67 15.06 5.04 -10.53
N VAL A 68 14.34 4.06 -9.98
CA VAL A 68 13.72 4.26 -8.67
C VAL A 68 14.71 4.86 -7.68
N ASP A 69 16.00 4.67 -7.95
CA ASP A 69 17.02 5.20 -7.06
C ASP A 69 16.79 6.68 -6.79
N MET A 70 16.27 7.39 -7.78
CA MET A 70 16.00 8.82 -7.63
C MET A 70 14.65 9.04 -6.94
N LEU A 71 13.71 8.13 -7.19
CA LEU A 71 12.39 8.24 -6.59
C LEU A 71 12.51 8.46 -5.07
N ASP A 72 12.04 9.61 -4.62
CA ASP A 72 12.12 9.96 -3.20
C ASP A 72 11.75 8.77 -2.31
N THR A 73 10.94 7.86 -2.82
CA THR A 73 10.52 6.69 -2.03
C THR A 73 11.74 5.83 -1.66
N PRO A 74 12.12 5.74 -0.39
CA PRO A 74 13.28 4.91 0.01
C PRO A 74 12.96 3.40 -0.06
N MET A 75 13.71 2.59 0.69
CA MET A 75 13.50 1.14 0.70
C MET A 75 12.79 0.70 1.97
N SER A 76 12.67 1.61 2.95
CA SER A 76 12.00 1.30 4.20
C SER A 76 10.54 1.71 4.14
N ALA A 77 10.25 2.66 3.27
CA ALA A 77 8.88 3.16 3.12
C ALA A 77 7.94 2.06 2.62
N LEU A 78 8.45 1.19 1.74
CA LEU A 78 7.61 0.12 1.23
C LEU A 78 7.30 -0.85 2.36
N LYS A 79 8.33 -1.23 3.11
CA LYS A 79 8.15 -2.14 4.23
C LYS A 79 7.14 -1.52 5.20
N ASP A 80 7.05 -0.20 5.20
CA ASP A 80 6.13 0.51 6.07
C ASP A 80 4.73 0.43 5.51
N ALA A 81 4.55 0.92 4.29
CA ALA A 81 3.25 0.91 3.63
C ALA A 81 2.74 -0.53 3.46
N VAL A 82 3.45 -1.31 2.65
CA VAL A 82 3.07 -2.70 2.37
C VAL A 82 2.45 -3.36 3.61
N ARG A 83 2.85 -2.86 4.77
CA ARG A 83 2.34 -3.37 6.03
C ARG A 83 0.96 -2.81 6.29
N ILE A 84 0.87 -1.48 6.28
CA ILE A 84 -0.39 -0.79 6.54
C ILE A 84 -1.55 -1.38 5.73
N LEU A 85 -1.33 -1.71 4.45
CA LEU A 85 -2.42 -2.28 3.65
C LEU A 85 -2.62 -3.75 4.01
N TRP A 86 -1.53 -4.43 4.30
CA TRP A 86 -1.62 -5.85 4.65
C TRP A 86 -2.64 -6.04 5.78
N GLY A 87 -3.02 -4.93 6.42
CA GLY A 87 -3.99 -4.99 7.51
C GLY A 87 -3.31 -5.40 8.81
N GLU A 88 -1.98 -5.27 8.83
CA GLU A 88 -1.18 -5.63 10.01
C GLU A 88 -0.55 -4.38 10.59
N ALA A 89 -0.95 -3.21 10.07
CA ALA A 89 -0.41 -1.93 10.52
C ALA A 89 -0.04 -1.95 12.01
N GLU A 90 -0.96 -2.44 12.83
CA GLU A 90 -0.72 -2.51 14.27
C GLU A 90 0.56 -3.30 14.56
N VAL A 91 1.33 -2.82 15.53
CA VAL A 91 2.58 -3.48 15.91
C VAL A 91 2.33 -4.57 16.94
N ASP A 92 3.39 -5.27 17.34
CA ASP A 92 3.28 -6.34 18.32
C ASP A 92 3.57 -5.84 19.73
N SER A 93 4.82 -6.00 20.16
CA SER A 93 5.22 -5.56 21.49
C SER A 93 5.06 -4.05 21.63
N LEU A 94 5.42 -3.53 22.79
CA LEU A 94 5.30 -2.10 23.06
C LEU A 94 6.50 -1.36 22.45
N PRO A 95 6.33 -0.11 22.04
CA PRO A 95 7.45 0.68 21.45
C PRO A 95 8.79 0.41 22.14
N GLN A 96 9.68 -0.27 21.43
CA GLN A 96 10.99 -0.59 22.00
C GLN A 96 11.94 0.62 21.92
N PRO A 97 11.86 1.41 20.88
CA PRO A 97 12.74 2.61 20.72
C PRO A 97 12.60 3.58 21.90
N VAL A 98 13.46 4.59 21.94
CA VAL A 98 13.43 5.58 23.01
C VAL A 98 12.37 6.65 22.72
N MET A 3 -29.75 -1.59 11.89
CA MET A 3 -29.65 -3.04 12.20
C MET A 3 -28.37 -3.59 11.57
N VAL A 4 -28.39 -3.77 10.24
CA VAL A 4 -27.24 -4.30 9.54
C VAL A 4 -26.10 -3.27 9.53
N THR A 5 -24.86 -3.76 9.47
CA THR A 5 -23.70 -2.89 9.47
C THR A 5 -22.57 -3.52 8.65
N PRO A 6 -22.58 -3.34 7.34
CA PRO A 6 -21.53 -3.91 6.45
C PRO A 6 -20.12 -3.64 6.97
N VAL A 7 -19.18 -4.55 6.64
CA VAL A 7 -17.79 -4.42 7.07
C VAL A 7 -16.86 -4.85 5.94
N ASN A 8 -17.44 -5.33 4.86
CA ASN A 8 -16.66 -5.79 3.72
C ASN A 8 -15.66 -4.72 3.30
N MET A 9 -15.90 -3.49 3.74
CA MET A 9 -15.01 -2.38 3.41
C MET A 9 -15.38 -1.14 4.21
N SER A 10 -15.43 -1.28 5.52
CA SER A 10 -15.77 -0.14 6.39
C SER A 10 -14.76 0.98 6.21
N ARG A 11 -14.97 2.07 6.94
CA ARG A 11 -14.06 3.21 6.86
C ARG A 11 -12.61 2.75 7.01
N GLU A 12 -12.32 2.07 8.12
CA GLU A 12 -10.96 1.61 8.38
C GLU A 12 -10.32 0.95 7.15
N THR A 13 -11.13 0.25 6.36
CA THR A 13 -10.62 -0.41 5.17
C THR A 13 -10.26 0.61 4.12
N ALA A 14 -10.79 1.81 4.31
CA ALA A 14 -10.57 2.92 3.40
C ALA A 14 -9.41 3.81 3.84
N LEU A 15 -9.61 4.55 4.93
CA LEU A 15 -8.60 5.48 5.45
C LEU A 15 -7.24 4.79 5.60
N ARG A 16 -7.23 3.63 6.25
CA ARG A 16 -5.99 2.88 6.48
C ARG A 16 -5.13 2.86 5.21
N ILE A 17 -5.76 2.50 4.10
CA ILE A 17 -5.06 2.43 2.82
C ILE A 17 -4.57 3.79 2.36
N ALA A 18 -5.09 4.85 2.97
CA ALA A 18 -4.70 6.20 2.60
C ALA A 18 -3.70 6.77 3.60
N LEU A 19 -3.60 6.15 4.76
CA LEU A 19 -2.65 6.61 5.76
C LEU A 19 -1.24 6.25 5.27
N ALA A 20 -1.17 5.16 4.51
CA ALA A 20 0.10 4.70 3.97
C ALA A 20 0.72 5.78 3.09
N ALA A 21 -0.10 6.43 2.28
CA ALA A 21 0.40 7.50 1.39
C ALA A 21 1.42 8.35 2.15
N ARG A 22 1.21 8.50 3.46
CA ARG A 22 2.13 9.27 4.28
C ARG A 22 3.47 8.53 4.43
N ALA A 23 3.38 7.21 4.63
CA ALA A 23 4.59 6.39 4.77
C ALA A 23 5.48 6.54 3.56
N LEU A 24 4.95 7.23 2.55
CA LEU A 24 5.68 7.43 1.31
C LEU A 24 6.00 8.92 1.14
N PRO A 25 7.08 9.26 0.47
CA PRO A 25 7.48 10.68 0.26
C PRO A 25 6.44 11.47 -0.52
N GLY A 26 6.56 11.46 -1.85
CA GLY A 26 5.63 12.19 -2.71
C GLY A 26 4.56 11.29 -3.33
N THR A 27 4.68 9.98 -3.13
CA THR A 27 3.71 9.05 -3.69
C THR A 27 2.32 9.33 -3.13
N THR A 28 1.32 9.29 -4.00
CA THR A 28 -0.06 9.53 -3.60
C THR A 28 -0.76 8.21 -3.29
N VAL A 29 -1.89 8.29 -2.62
CA VAL A 29 -2.64 7.09 -2.27
C VAL A 29 -2.93 6.30 -3.52
N GLY A 30 -3.53 6.96 -4.51
CA GLY A 30 -3.90 6.31 -5.76
C GLY A 30 -2.68 6.02 -6.64
N GLN A 31 -1.47 6.28 -6.14
CA GLN A 31 -0.26 6.02 -6.93
C GLN A 31 0.35 4.67 -6.55
N LEU A 32 0.06 4.22 -5.34
CA LEU A 32 0.59 2.93 -4.88
C LEU A 32 -0.30 1.79 -5.36
N LEU A 33 -1.58 2.10 -5.62
CA LEU A 33 -2.53 1.09 -6.07
C LEU A 33 -2.57 1.04 -7.60
N GLU A 34 -2.40 2.20 -8.24
CA GLU A 34 -2.45 2.28 -9.71
C GLU A 34 -1.86 1.04 -10.36
N ILE A 35 -0.67 0.64 -9.94
CA ILE A 35 -0.03 -0.54 -10.50
C ILE A 35 -0.83 -1.80 -10.17
N LEU A 36 -1.39 -1.85 -8.97
CA LEU A 36 -2.18 -3.00 -8.54
C LEU A 36 -3.61 -2.89 -9.07
N HIS A 37 -3.91 -1.78 -9.73
CA HIS A 37 -5.25 -1.56 -10.28
C HIS A 37 -5.54 -2.59 -11.36
N GLN A 38 -4.57 -3.47 -11.60
CA GLN A 38 -4.71 -4.52 -12.61
C GLN A 38 -5.29 -5.78 -11.98
N ARG A 39 -5.62 -6.76 -12.83
CA ARG A 39 -6.17 -8.02 -12.35
C ARG A 39 -7.26 -7.76 -11.31
N ILE A 40 -7.74 -6.52 -11.23
CA ILE A 40 -8.78 -6.14 -10.27
C ILE A 40 -10.08 -5.85 -11.00
N GLU A 41 -11.19 -5.92 -10.27
CA GLU A 41 -12.51 -5.65 -10.83
C GLU A 41 -13.42 -4.98 -9.80
N GLY A 42 -14.41 -5.72 -9.33
CA GLY A 42 -15.34 -5.17 -8.34
C GLY A 42 -14.58 -4.66 -7.11
N PRO A 43 -15.26 -4.51 -6.00
CA PRO A 43 -14.63 -4.01 -4.74
C PRO A 43 -13.90 -5.13 -3.98
N LEU A 44 -12.68 -5.42 -4.40
CA LEU A 44 -11.89 -6.45 -3.75
C LEU A 44 -11.62 -6.07 -2.29
N THR A 45 -11.31 -7.07 -1.47
CA THR A 45 -11.03 -6.83 -0.05
C THR A 45 -9.57 -6.49 0.16
N GLU A 46 -9.29 -5.82 1.27
CA GLU A 46 -7.92 -5.45 1.59
C GLU A 46 -7.06 -6.71 1.72
N GLU A 47 -7.72 -7.83 1.98
CA GLU A 47 -7.02 -9.10 2.13
C GLU A 47 -6.44 -9.55 0.79
N SER A 48 -7.23 -9.44 -0.27
CA SER A 48 -6.78 -9.83 -1.60
C SER A 48 -5.49 -9.10 -1.97
N LEU A 49 -5.39 -7.84 -1.57
CA LEU A 49 -4.21 -7.04 -1.87
C LEU A 49 -2.94 -7.86 -1.58
N GLN A 50 -2.96 -8.60 -0.47
CA GLN A 50 -1.82 -9.42 -0.09
C GLN A 50 -1.55 -10.48 -1.16
N GLY A 51 -1.05 -10.02 -2.31
CA GLY A 51 -0.74 -10.92 -3.41
C GLY A 51 0.38 -10.33 -4.27
N VAL A 52 1.05 -9.31 -3.74
CA VAL A 52 2.15 -8.65 -4.44
C VAL A 52 3.36 -8.58 -3.51
N SER A 53 4.50 -8.13 -4.03
CA SER A 53 5.73 -8.03 -3.23
C SER A 53 6.09 -6.56 -3.06
N VAL A 54 6.93 -6.27 -2.07
CA VAL A 54 7.35 -4.88 -1.83
C VAL A 54 7.96 -4.27 -3.09
N THR A 55 8.74 -5.06 -3.81
CA THR A 55 9.40 -4.59 -5.03
C THR A 55 8.40 -4.09 -6.06
N ASP A 56 7.17 -4.57 -6.02
CA ASP A 56 6.18 -4.14 -6.99
C ASP A 56 5.66 -2.74 -6.69
N LEU A 57 5.63 -2.40 -5.42
CA LEU A 57 5.12 -1.09 -4.98
C LEU A 57 6.01 0.07 -5.45
N LYS A 58 7.27 0.07 -5.03
CA LYS A 58 8.20 1.15 -5.38
C LYS A 58 8.35 1.35 -6.88
N ILE A 59 8.33 0.25 -7.63
CA ILE A 59 8.49 0.34 -9.08
C ILE A 59 7.20 0.84 -9.73
N GLY A 60 6.08 0.56 -9.11
CA GLY A 60 4.80 1.02 -9.65
C GLY A 60 4.82 2.53 -9.86
N LEU A 61 5.64 3.18 -9.05
CA LEU A 61 5.73 4.64 -9.06
C LEU A 61 6.67 5.14 -10.15
N ALA A 62 7.95 4.82 -10.05
CA ALA A 62 8.88 5.26 -11.07
C ALA A 62 8.67 4.45 -12.34
N GLY A 63 8.05 3.28 -12.19
CA GLY A 63 7.79 2.43 -13.33
C GLY A 63 9.07 1.81 -13.88
N SER A 64 10.21 2.13 -13.27
CA SER A 64 11.50 1.60 -13.72
C SER A 64 12.36 1.14 -12.55
N GLU A 65 12.29 -0.15 -12.25
CA GLU A 65 13.08 -0.71 -11.16
C GLU A 65 14.55 -0.37 -11.32
N GLU A 66 14.89 0.22 -12.46
CA GLU A 66 16.28 0.60 -12.73
C GLU A 66 16.56 2.02 -12.22
N ASP A 67 15.54 2.89 -12.27
CA ASP A 67 15.70 4.28 -11.84
C ASP A 67 15.14 4.53 -10.44
N VAL A 68 14.38 3.58 -9.90
CA VAL A 68 13.81 3.77 -8.57
C VAL A 68 14.89 4.15 -7.57
N ASP A 69 16.12 3.75 -7.87
CA ASP A 69 17.24 4.05 -6.98
C ASP A 69 17.31 5.55 -6.71
N MET A 70 16.73 6.33 -7.62
CA MET A 70 16.72 7.79 -7.49
C MET A 70 15.42 8.26 -6.83
N LEU A 71 14.34 7.52 -7.07
CA LEU A 71 13.05 7.88 -6.49
C LEU A 71 13.19 8.13 -5.00
N ASP A 72 12.70 9.29 -4.55
CA ASP A 72 12.79 9.66 -3.13
C ASP A 72 12.52 8.46 -2.23
N THR A 73 11.68 7.53 -2.70
CA THR A 73 11.35 6.36 -1.92
C THR A 73 12.65 5.70 -1.38
N PRO A 74 12.90 5.76 -0.09
CA PRO A 74 14.15 5.18 0.51
C PRO A 74 14.09 3.67 0.71
N MET A 75 13.32 2.98 -0.13
CA MET A 75 13.20 1.52 -0.03
C MET A 75 12.73 1.09 1.37
N SER A 76 12.65 2.04 2.30
CA SER A 76 12.22 1.73 3.67
C SER A 76 10.76 2.14 3.85
N ALA A 77 10.28 2.95 2.92
CA ALA A 77 8.91 3.43 2.98
C ALA A 77 7.92 2.33 2.58
N LEU A 78 8.34 1.43 1.70
CA LEU A 78 7.44 0.35 1.30
C LEU A 78 7.20 -0.55 2.50
N LYS A 79 8.28 -0.99 3.13
CA LYS A 79 8.16 -1.84 4.31
C LYS A 79 7.15 -1.23 5.27
N ASP A 80 7.16 0.10 5.34
CA ASP A 80 6.24 0.82 6.20
C ASP A 80 4.83 0.72 5.63
N ALA A 81 4.66 1.19 4.40
CA ALA A 81 3.36 1.16 3.74
C ALA A 81 2.85 -0.28 3.57
N VAL A 82 3.59 -1.07 2.79
CA VAL A 82 3.21 -2.47 2.52
C VAL A 82 2.55 -3.11 3.74
N ARG A 83 2.89 -2.60 4.91
CA ARG A 83 2.33 -3.11 6.16
C ARG A 83 0.93 -2.57 6.35
N ILE A 84 0.83 -1.25 6.34
CA ILE A 84 -0.44 -0.59 6.53
C ILE A 84 -1.55 -1.19 5.66
N LEU A 85 -1.27 -1.47 4.38
CA LEU A 85 -2.32 -2.06 3.53
C LEU A 85 -2.52 -3.52 3.89
N TRP A 86 -1.43 -4.21 4.21
CA TRP A 86 -1.52 -5.63 4.56
C TRP A 86 -2.67 -5.84 5.56
N GLY A 87 -3.04 -4.77 6.25
CA GLY A 87 -4.12 -4.84 7.24
C GLY A 87 -3.56 -5.23 8.60
N GLU A 88 -2.25 -5.17 8.74
CA GLU A 88 -1.58 -5.51 10.00
C GLU A 88 -1.03 -4.25 10.66
N ALA A 89 -1.31 -3.11 10.03
CA ALA A 89 -0.86 -1.80 10.53
C ALA A 89 -0.73 -1.78 12.06
N GLU A 90 -1.70 -2.38 12.74
CA GLU A 90 -1.68 -2.42 14.20
C GLU A 90 -0.39 -3.05 14.69
N VAL A 91 0.22 -2.45 15.71
CA VAL A 91 1.45 -2.96 16.29
C VAL A 91 1.15 -4.04 17.32
N ASP A 92 1.79 -5.19 17.16
CA ASP A 92 1.58 -6.31 18.09
C ASP A 92 2.47 -6.18 19.32
N SER A 93 3.75 -6.47 19.15
CA SER A 93 4.69 -6.38 20.26
C SER A 93 4.99 -4.94 20.62
N LEU A 94 6.14 -4.69 21.21
CA LEU A 94 6.53 -3.34 21.59
C LEU A 94 7.00 -2.56 20.36
N PRO A 95 6.81 -1.26 20.34
CA PRO A 95 7.24 -0.42 19.17
C PRO A 95 8.76 -0.27 19.12
N GLN A 96 9.27 0.78 19.74
CA GLN A 96 10.71 1.04 19.75
C GLN A 96 11.40 0.06 20.70
N PRO A 97 12.66 -0.27 20.45
CA PRO A 97 13.42 -1.21 21.32
C PRO A 97 13.78 -0.58 22.67
N VAL A 98 13.06 -0.98 23.71
CA VAL A 98 13.30 -0.44 25.05
C VAL A 98 14.59 -1.02 25.63
N MET A 3 -17.57 10.77 -2.51
CA MET A 3 -19.03 10.50 -2.64
C MET A 3 -19.33 9.09 -2.14
N VAL A 4 -20.58 8.87 -1.72
CA VAL A 4 -20.98 7.56 -1.23
C VAL A 4 -20.90 6.52 -2.33
N THR A 5 -20.02 5.55 -2.15
CA THR A 5 -19.85 4.49 -3.15
C THR A 5 -19.01 3.36 -2.56
N PRO A 6 -19.53 2.67 -1.58
CA PRO A 6 -18.82 1.53 -0.92
C PRO A 6 -18.83 0.27 -1.77
N VAL A 7 -17.89 -0.63 -1.50
CA VAL A 7 -17.79 -1.89 -2.23
C VAL A 7 -17.37 -3.02 -1.30
N ASN A 8 -16.22 -2.85 -0.65
CA ASN A 8 -15.71 -3.86 0.27
C ASN A 8 -16.74 -4.18 1.35
N MET A 9 -16.43 -3.78 2.59
CA MET A 9 -17.33 -4.02 3.72
C MET A 9 -17.38 -2.81 4.64
N SER A 10 -16.23 -2.44 5.20
CA SER A 10 -16.16 -1.28 6.11
C SER A 10 -15.18 -0.24 5.55
N ARG A 11 -15.33 1.00 5.99
CA ARG A 11 -14.47 2.07 5.53
C ARG A 11 -13.13 2.02 6.27
N GLU A 12 -13.14 1.46 7.48
CA GLU A 12 -11.91 1.37 8.25
C GLU A 12 -10.81 0.75 7.40
N THR A 13 -11.20 -0.10 6.45
CA THR A 13 -10.25 -0.73 5.55
C THR A 13 -9.72 0.33 4.59
N ALA A 14 -10.56 1.33 4.41
CA ALA A 14 -10.25 2.46 3.54
C ALA A 14 -9.37 3.48 4.26
N LEU A 15 -9.96 4.17 5.23
CA LEU A 15 -9.29 5.20 6.01
C LEU A 15 -7.80 4.89 6.24
N ARG A 16 -7.45 3.64 6.51
CA ARG A 16 -6.07 3.28 6.80
C ARG A 16 -5.19 3.18 5.55
N ILE A 17 -5.75 2.77 4.42
CA ILE A 17 -4.96 2.65 3.20
C ILE A 17 -4.46 4.01 2.71
N ALA A 18 -5.06 5.10 3.21
CA ALA A 18 -4.65 6.44 2.80
C ALA A 18 -3.64 7.03 3.77
N LEU A 19 -3.56 6.46 4.96
CA LEU A 19 -2.59 6.95 5.93
C LEU A 19 -1.21 6.52 5.48
N ALA A 20 -1.15 5.37 4.80
CA ALA A 20 0.10 4.85 4.30
C ALA A 20 0.80 5.89 3.43
N ALA A 21 0.01 6.56 2.59
CA ALA A 21 0.58 7.59 1.71
C ALA A 21 1.61 8.43 2.47
N ARG A 22 1.35 8.67 3.76
CA ARG A 22 2.28 9.44 4.57
C ARG A 22 3.60 8.68 4.70
N ALA A 23 3.50 7.37 4.85
CA ALA A 23 4.68 6.52 4.97
C ALA A 23 5.56 6.66 3.74
N LEU A 24 5.08 7.43 2.77
CA LEU A 24 5.79 7.65 1.52
C LEU A 24 6.03 9.16 1.32
N PRO A 25 7.24 9.64 1.32
CA PRO A 25 7.51 11.10 1.14
C PRO A 25 7.50 11.51 -0.34
N GLY A 26 6.34 11.38 -0.98
CA GLY A 26 6.21 11.76 -2.38
C GLY A 26 5.06 11.02 -3.06
N THR A 27 5.02 9.70 -2.88
CA THR A 27 3.99 8.89 -3.49
C THR A 27 2.62 9.18 -2.87
N THR A 28 1.62 9.35 -3.73
CA THR A 28 0.26 9.64 -3.28
C THR A 28 -0.47 8.32 -2.97
N VAL A 29 -1.66 8.44 -2.39
CA VAL A 29 -2.44 7.27 -2.03
C VAL A 29 -2.79 6.43 -3.25
N GLY A 30 -3.51 7.05 -4.18
CA GLY A 30 -3.95 6.36 -5.38
C GLY A 30 -2.81 6.10 -6.36
N GLN A 31 -1.56 6.36 -5.95
CA GLN A 31 -0.43 6.13 -6.85
C GLN A 31 0.24 4.80 -6.53
N LEU A 32 -0.01 4.28 -5.34
CA LEU A 32 0.59 3.02 -4.92
C LEU A 32 -0.34 1.85 -5.22
N LEU A 33 -1.63 2.13 -5.41
CA LEU A 33 -2.59 1.07 -5.71
C LEU A 33 -2.81 0.93 -7.21
N GLU A 34 -2.90 2.07 -7.90
CA GLU A 34 -3.12 2.06 -9.34
C GLU A 34 -2.05 1.24 -10.05
N ILE A 35 -0.91 1.03 -9.38
CA ILE A 35 0.18 0.26 -9.97
C ILE A 35 -0.34 -1.06 -10.55
N LEU A 36 -1.52 -1.48 -10.13
CA LEU A 36 -2.10 -2.73 -10.62
C LEU A 36 -2.28 -2.67 -12.14
N HIS A 37 -3.45 -2.20 -12.58
CA HIS A 37 -3.74 -2.09 -13.99
C HIS A 37 -5.00 -1.25 -14.22
N GLN A 38 -5.89 -1.73 -15.09
CA GLN A 38 -7.12 -1.01 -15.38
C GLN A 38 -7.78 -0.55 -14.08
N ARG A 39 -8.77 0.32 -14.20
CA ARG A 39 -9.48 0.84 -13.03
C ARG A 39 -10.58 -0.14 -12.60
N ILE A 40 -11.68 -0.16 -13.33
CA ILE A 40 -12.79 -1.04 -12.99
C ILE A 40 -12.28 -2.44 -12.66
N GLU A 41 -12.90 -3.06 -11.65
CA GLU A 41 -12.49 -4.41 -11.23
C GLU A 41 -11.00 -4.45 -10.90
N GLY A 42 -10.69 -4.67 -9.63
CA GLY A 42 -9.30 -4.74 -9.19
C GLY A 42 -9.19 -4.42 -7.70
N PRO A 43 -9.27 -3.17 -7.34
CA PRO A 43 -9.18 -2.72 -5.92
C PRO A 43 -10.42 -3.13 -5.12
N LEU A 44 -10.56 -4.44 -4.90
CA LEU A 44 -11.71 -4.96 -4.15
C LEU A 44 -11.44 -4.90 -2.65
N THR A 45 -11.23 -6.06 -2.03
CA THR A 45 -10.99 -6.13 -0.59
C THR A 45 -9.50 -6.01 -0.28
N GLU A 46 -9.19 -5.85 1.00
CA GLU A 46 -7.80 -5.72 1.43
C GLU A 46 -7.02 -6.99 1.11
N GLU A 47 -7.74 -8.11 1.06
CA GLU A 47 -7.11 -9.40 0.77
C GLU A 47 -6.53 -9.40 -0.65
N SER A 48 -7.26 -8.79 -1.58
CA SER A 48 -6.80 -8.73 -2.97
C SER A 48 -5.46 -8.01 -3.06
N LEU A 49 -5.34 -6.89 -2.34
CA LEU A 49 -4.08 -6.14 -2.35
C LEU A 49 -2.93 -7.01 -1.87
N GLN A 50 -3.23 -7.91 -0.93
CA GLN A 50 -2.19 -8.79 -0.38
C GLN A 50 -1.86 -9.90 -1.37
N GLY A 51 -1.13 -9.54 -2.41
CA GLY A 51 -0.73 -10.51 -3.44
C GLY A 51 0.50 -10.01 -4.19
N VAL A 52 1.16 -9.01 -3.64
CA VAL A 52 2.35 -8.42 -4.26
C VAL A 52 3.53 -8.45 -3.27
N SER A 53 4.71 -8.05 -3.74
CA SER A 53 5.90 -8.01 -2.90
C SER A 53 6.35 -6.56 -2.79
N VAL A 54 7.15 -6.25 -1.76
CA VAL A 54 7.64 -4.88 -1.58
C VAL A 54 8.32 -4.38 -2.87
N THR A 55 9.04 -5.27 -3.53
CA THR A 55 9.75 -4.90 -4.75
C THR A 55 8.80 -4.42 -5.85
N ASP A 56 7.55 -4.83 -5.82
CA ASP A 56 6.60 -4.41 -6.84
C ASP A 56 6.18 -2.96 -6.62
N LEU A 57 6.17 -2.55 -5.37
CA LEU A 57 5.74 -1.20 -5.01
C LEU A 57 6.69 -0.11 -5.54
N LYS A 58 7.91 -0.07 -5.03
CA LYS A 58 8.87 0.96 -5.45
C LYS A 58 9.01 1.03 -6.97
N ILE A 59 8.91 -0.10 -7.64
CA ILE A 59 9.03 -0.13 -9.09
C ILE A 59 7.70 0.25 -9.72
N GLY A 60 6.63 0.18 -8.92
CA GLY A 60 5.29 0.48 -9.38
C GLY A 60 5.13 1.98 -9.67
N LEU A 61 5.68 2.82 -8.81
CA LEU A 61 5.58 4.26 -9.01
C LEU A 61 6.52 4.70 -10.12
N ALA A 62 7.79 4.32 -10.02
CA ALA A 62 8.75 4.67 -11.05
C ALA A 62 8.45 3.88 -12.31
N GLY A 63 8.05 2.61 -12.12
CA GLY A 63 7.72 1.74 -13.25
C GLY A 63 8.66 0.54 -13.34
N SER A 64 9.97 0.80 -13.31
CA SER A 64 10.96 -0.27 -13.41
C SER A 64 12.08 -0.07 -12.40
N GLU A 65 12.54 -1.17 -11.80
CA GLU A 65 13.60 -1.13 -10.82
C GLU A 65 14.87 -0.50 -11.38
N GLU A 66 14.80 -0.08 -12.64
CA GLU A 66 15.96 0.53 -13.28
C GLU A 66 16.17 1.97 -12.80
N ASP A 67 15.13 2.80 -12.90
CA ASP A 67 15.23 4.20 -12.52
C ASP A 67 14.81 4.48 -11.07
N VAL A 68 14.24 3.50 -10.38
CA VAL A 68 13.81 3.74 -9.00
C VAL A 68 14.96 4.36 -8.20
N ASP A 69 16.18 4.13 -8.64
CA ASP A 69 17.34 4.67 -7.96
C ASP A 69 17.23 6.19 -7.81
N MET A 70 16.31 6.78 -8.58
CA MET A 70 16.10 8.23 -8.54
C MET A 70 14.90 8.57 -7.67
N LEU A 71 13.88 7.71 -7.70
CA LEU A 71 12.67 7.93 -6.90
C LEU A 71 13.05 8.21 -5.45
N ASP A 72 12.57 9.35 -4.94
CA ASP A 72 12.87 9.75 -3.57
C ASP A 72 12.33 8.73 -2.57
N THR A 73 11.32 7.97 -2.99
CA THR A 73 10.73 6.95 -2.12
C THR A 73 11.83 6.08 -1.49
N PRO A 74 12.12 6.21 -0.21
CA PRO A 74 13.18 5.38 0.44
C PRO A 74 12.95 3.89 0.19
N MET A 75 13.73 3.07 0.88
CA MET A 75 13.63 1.62 0.76
C MET A 75 12.80 1.07 1.91
N SER A 76 12.73 1.84 2.99
CA SER A 76 11.99 1.45 4.17
C SER A 76 10.54 1.92 4.07
N ALA A 77 10.31 2.98 3.29
CA ALA A 77 8.98 3.51 3.11
C ALA A 77 8.06 2.44 2.55
N LEU A 78 8.60 1.56 1.72
CA LEU A 78 7.79 0.50 1.15
C LEU A 78 7.39 -0.47 2.25
N LYS A 79 8.39 -0.94 2.99
CA LYS A 79 8.15 -1.87 4.07
C LYS A 79 7.33 -1.21 5.18
N ASP A 80 7.16 0.10 5.07
CA ASP A 80 6.36 0.84 6.05
C ASP A 80 4.90 0.82 5.61
N ALA A 81 4.67 1.20 4.36
CA ALA A 81 3.33 1.24 3.79
C ALA A 81 2.77 -0.18 3.58
N VAL A 82 3.49 -0.99 2.79
CA VAL A 82 3.06 -2.36 2.48
C VAL A 82 2.36 -2.99 3.69
N ARG A 83 2.74 -2.53 4.86
CA ARG A 83 2.17 -3.03 6.10
C ARG A 83 0.75 -2.50 6.30
N ILE A 84 0.64 -1.18 6.41
CA ILE A 84 -0.65 -0.52 6.63
C ILE A 84 -1.77 -1.07 5.73
N LEU A 85 -1.49 -1.36 4.45
CA LEU A 85 -2.55 -1.90 3.59
C LEU A 85 -2.70 -3.40 3.83
N TRP A 86 -1.61 -4.04 4.24
CA TRP A 86 -1.66 -5.48 4.50
C TRP A 86 -2.58 -5.76 5.69
N GLY A 87 -3.20 -4.71 6.21
CA GLY A 87 -4.09 -4.85 7.35
C GLY A 87 -3.31 -5.29 8.59
N GLU A 88 -2.01 -5.03 8.57
CA GLU A 88 -1.13 -5.39 9.69
C GLU A 88 -0.74 -4.15 10.47
N ALA A 89 -1.26 -3.00 10.05
CA ALA A 89 -0.94 -1.74 10.70
C ALA A 89 -0.90 -1.90 12.22
N GLU A 90 -2.06 -2.15 12.82
CA GLU A 90 -2.14 -2.32 14.27
C GLU A 90 -1.09 -3.34 14.75
N VAL A 91 -0.84 -4.35 13.93
CA VAL A 91 0.13 -5.37 14.28
C VAL A 91 1.55 -4.87 14.08
N ASP A 92 2.09 -4.17 15.07
CA ASP A 92 3.44 -3.63 15.00
C ASP A 92 4.43 -4.58 15.67
N SER A 93 5.68 -4.58 15.18
CA SER A 93 6.70 -5.45 15.75
C SER A 93 7.06 -5.00 17.17
N LEU A 94 7.85 -5.81 17.85
CA LEU A 94 8.26 -5.50 19.22
C LEU A 94 9.35 -4.42 19.19
N PRO A 95 9.43 -3.58 20.20
CA PRO A 95 10.46 -2.50 20.25
C PRO A 95 11.86 -3.06 20.55
N GLN A 96 11.93 -4.02 21.46
CA GLN A 96 13.20 -4.63 21.83
C GLN A 96 13.72 -5.52 20.69
N PRO A 97 14.95 -5.36 20.25
CA PRO A 97 15.51 -6.20 19.14
C PRO A 97 15.86 -7.61 19.61
N VAL A 98 14.85 -8.47 19.71
CA VAL A 98 15.06 -9.84 20.15
C VAL A 98 15.79 -10.65 19.07
N MET A 3 -25.89 -0.67 -15.46
CA MET A 3 -25.15 -1.22 -14.28
C MET A 3 -26.06 -2.19 -13.53
N VAL A 4 -25.45 -3.10 -12.78
CA VAL A 4 -26.21 -4.08 -12.01
C VAL A 4 -25.34 -4.68 -10.91
N THR A 5 -24.22 -4.01 -10.63
CA THR A 5 -23.28 -4.47 -9.60
C THR A 5 -22.79 -3.28 -8.77
N PRO A 6 -23.66 -2.70 -7.99
CA PRO A 6 -23.31 -1.52 -7.14
C PRO A 6 -22.02 -1.74 -6.35
N VAL A 7 -21.05 -0.87 -6.59
CA VAL A 7 -19.77 -0.98 -5.89
C VAL A 7 -20.00 -0.99 -4.38
N ASN A 8 -19.20 -1.78 -3.67
CA ASN A 8 -19.32 -1.88 -2.22
C ASN A 8 -18.05 -2.46 -1.61
N MET A 9 -17.35 -1.62 -0.84
CA MET A 9 -16.10 -2.04 -0.19
C MET A 9 -16.15 -1.68 1.29
N SER A 10 -15.12 -2.10 2.04
CA SER A 10 -15.04 -1.82 3.47
C SER A 10 -14.36 -0.48 3.71
N ARG A 11 -15.08 0.45 4.34
CA ARG A 11 -14.52 1.74 4.63
C ARG A 11 -13.18 1.61 5.34
N GLU A 12 -13.16 0.91 6.48
CA GLU A 12 -11.94 0.73 7.24
C GLU A 12 -10.70 0.57 6.35
N THR A 13 -10.90 0.07 5.13
CA THR A 13 -9.78 -0.11 4.20
C THR A 13 -9.49 1.18 3.45
N ALA A 14 -10.53 1.94 3.21
CA ALA A 14 -10.42 3.20 2.49
C ALA A 14 -10.00 4.36 3.38
N LEU A 15 -9.71 4.08 4.65
CA LEU A 15 -9.29 5.14 5.60
C LEU A 15 -7.84 4.90 6.05
N ARG A 16 -7.48 3.64 6.23
CA ARG A 16 -6.13 3.29 6.69
C ARG A 16 -5.12 3.23 5.54
N ILE A 17 -5.56 2.75 4.39
CA ILE A 17 -4.68 2.63 3.23
C ILE A 17 -4.23 4.02 2.77
N ALA A 18 -4.84 5.06 3.33
CA ALA A 18 -4.49 6.43 2.95
C ALA A 18 -3.41 6.99 3.87
N LEU A 19 -3.22 6.34 5.00
CA LEU A 19 -2.17 6.76 5.93
C LEU A 19 -0.83 6.37 5.34
N ALA A 20 -0.83 5.28 4.59
CA ALA A 20 0.38 4.79 3.96
C ALA A 20 1.00 5.90 3.11
N ALA A 21 0.16 6.59 2.35
CA ALA A 21 0.65 7.69 1.50
C ALA A 21 1.68 8.51 2.27
N ARG A 22 1.46 8.66 3.57
CA ARG A 22 2.38 9.41 4.41
C ARG A 22 3.72 8.67 4.52
N ALA A 23 3.65 7.34 4.66
CA ALA A 23 4.85 6.52 4.78
C ALA A 23 5.73 6.70 3.57
N LEU A 24 5.22 7.43 2.58
CA LEU A 24 5.95 7.67 1.34
C LEU A 24 6.20 9.19 1.17
N PRO A 25 7.43 9.64 1.09
CA PRO A 25 7.73 11.10 0.93
C PRO A 25 7.54 11.57 -0.51
N GLY A 26 6.29 11.65 -0.96
CA GLY A 26 5.99 12.10 -2.32
C GLY A 26 4.82 11.32 -2.92
N THR A 27 4.96 9.99 -2.93
CA THR A 27 3.92 9.14 -3.48
C THR A 27 2.60 9.34 -2.75
N THR A 28 1.53 9.58 -3.51
CA THR A 28 0.21 9.78 -2.93
C THR A 28 -0.52 8.46 -2.73
N VAL A 29 -1.72 8.55 -2.17
CA VAL A 29 -2.54 7.37 -1.91
C VAL A 29 -2.87 6.64 -3.20
N GLY A 30 -3.53 7.34 -4.12
CA GLY A 30 -3.94 6.74 -5.38
C GLY A 30 -2.75 6.36 -6.26
N GLN A 31 -1.53 6.56 -5.77
CA GLN A 31 -0.34 6.25 -6.55
C GLN A 31 0.26 4.91 -6.13
N LEU A 32 0.10 4.55 -4.86
CA LEU A 32 0.65 3.31 -4.34
C LEU A 32 -0.30 2.13 -4.51
N LEU A 33 -1.61 2.41 -4.54
CA LEU A 33 -2.60 1.34 -4.68
C LEU A 33 -2.84 1.01 -6.15
N GLU A 34 -2.90 2.04 -6.99
CA GLU A 34 -3.11 1.85 -8.42
C GLU A 34 -2.32 0.66 -8.96
N ILE A 35 -1.20 0.35 -8.29
CA ILE A 35 -0.35 -0.76 -8.72
C ILE A 35 -1.19 -2.00 -9.04
N LEU A 36 -2.46 -1.98 -8.64
CA LEU A 36 -3.34 -3.13 -8.90
C LEU A 36 -3.54 -3.31 -10.40
N HIS A 37 -3.41 -2.22 -11.15
CA HIS A 37 -3.58 -2.26 -12.60
C HIS A 37 -4.93 -2.85 -12.97
N GLN A 38 -4.93 -3.80 -13.90
CA GLN A 38 -6.18 -4.44 -14.33
C GLN A 38 -7.09 -4.71 -13.14
N ARG A 39 -8.22 -3.99 -13.11
CA ARG A 39 -9.17 -4.15 -12.02
C ARG A 39 -9.92 -5.46 -12.15
N ILE A 40 -9.30 -6.54 -11.67
CA ILE A 40 -9.91 -7.86 -11.74
C ILE A 40 -11.16 -7.92 -10.87
N GLU A 41 -12.31 -8.12 -11.51
CA GLU A 41 -13.58 -8.17 -10.79
C GLU A 41 -13.78 -6.90 -9.96
N GLY A 42 -15.03 -6.61 -9.62
CA GLY A 42 -15.36 -5.42 -8.86
C GLY A 42 -14.73 -5.44 -7.45
N PRO A 43 -15.36 -6.11 -6.52
CA PRO A 43 -14.86 -6.20 -5.12
C PRO A 43 -13.33 -6.25 -5.03
N LEU A 44 -12.80 -5.66 -3.96
CA LEU A 44 -11.36 -5.63 -3.75
C LEU A 44 -11.06 -5.19 -2.32
N THR A 45 -10.90 -6.17 -1.43
CA THR A 45 -10.60 -5.88 -0.02
C THR A 45 -9.10 -5.88 0.22
N GLU A 46 -8.68 -5.36 1.37
CA GLU A 46 -7.26 -5.31 1.71
C GLU A 46 -6.67 -6.72 1.70
N GLU A 47 -7.52 -7.72 1.89
CA GLU A 47 -7.07 -9.11 1.89
C GLU A 47 -6.44 -9.46 0.54
N SER A 48 -7.15 -9.11 -0.52
CA SER A 48 -6.66 -9.40 -1.87
C SER A 48 -5.32 -8.73 -2.12
N LEU A 49 -5.23 -7.45 -1.77
CA LEU A 49 -3.99 -6.70 -1.97
C LEU A 49 -2.78 -7.53 -1.52
N GLN A 50 -3.03 -8.46 -0.60
CA GLN A 50 -1.94 -9.31 -0.11
C GLN A 50 -1.58 -10.37 -1.14
N GLY A 51 -1.33 -9.93 -2.37
CA GLY A 51 -0.97 -10.83 -3.46
C GLY A 51 0.19 -10.28 -4.27
N VAL A 52 0.89 -9.30 -3.70
CA VAL A 52 2.05 -8.69 -4.37
C VAL A 52 3.25 -8.69 -3.42
N SER A 53 4.40 -8.20 -3.90
CA SER A 53 5.61 -8.14 -3.09
C SER A 53 6.03 -6.68 -2.95
N VAL A 54 6.91 -6.39 -1.99
CA VAL A 54 7.36 -5.01 -1.79
C VAL A 54 7.97 -4.42 -3.08
N THR A 55 8.84 -5.19 -3.72
CA THR A 55 9.50 -4.72 -4.93
C THR A 55 8.50 -4.26 -5.99
N ASP A 56 7.28 -4.77 -5.92
CA ASP A 56 6.27 -4.40 -6.91
C ASP A 56 5.74 -2.99 -6.65
N LEU A 57 5.72 -2.60 -5.39
CA LEU A 57 5.20 -1.29 -4.99
C LEU A 57 6.05 -0.13 -5.54
N LYS A 58 7.30 -0.04 -5.08
CA LYS A 58 8.19 1.05 -5.51
C LYS A 58 8.34 1.15 -7.02
N ILE A 59 8.41 0.01 -7.68
CA ILE A 59 8.57 0.01 -9.14
C ILE A 59 7.28 0.45 -9.81
N GLY A 60 6.17 0.29 -9.10
CA GLY A 60 4.86 0.67 -9.65
C GLY A 60 4.78 2.18 -9.90
N LEU A 61 5.49 2.97 -9.09
CA LEU A 61 5.46 4.42 -9.24
C LEU A 61 6.37 4.88 -10.37
N ALA A 62 7.63 4.46 -10.35
CA ALA A 62 8.57 4.86 -11.39
C ALA A 62 8.40 3.98 -12.63
N GLY A 63 7.99 2.73 -12.42
CA GLY A 63 7.79 1.82 -13.55
C GLY A 63 9.12 1.35 -14.10
N SER A 64 10.23 1.73 -13.45
CA SER A 64 11.57 1.33 -13.92
C SER A 64 12.44 0.89 -12.75
N GLU A 65 12.45 -0.42 -12.50
CA GLU A 65 13.26 -0.97 -11.41
C GLU A 65 14.69 -0.43 -11.48
N GLU A 66 15.02 0.23 -12.58
CA GLU A 66 16.37 0.77 -12.77
C GLU A 66 16.48 2.18 -12.20
N ASP A 67 15.47 3.02 -12.43
CA ASP A 67 15.50 4.41 -11.97
C ASP A 67 14.93 4.56 -10.56
N VAL A 68 14.22 3.55 -10.07
CA VAL A 68 13.63 3.63 -8.75
C VAL A 68 14.67 4.07 -7.72
N ASP A 69 15.93 3.75 -7.98
CA ASP A 69 17.00 4.12 -7.07
C ASP A 69 16.99 5.63 -6.85
N MET A 70 16.50 6.37 -7.84
CA MET A 70 16.43 7.83 -7.76
C MET A 70 15.08 8.27 -7.21
N LEU A 71 14.06 7.43 -7.37
CA LEU A 71 12.73 7.76 -6.87
C LEU A 71 12.79 8.12 -5.38
N ASP A 72 12.31 9.32 -5.07
CA ASP A 72 12.32 9.82 -3.70
C ASP A 72 11.95 8.72 -2.70
N THR A 73 11.00 7.87 -3.08
CA THR A 73 10.55 6.78 -2.21
C THR A 73 11.75 5.93 -1.74
N PRO A 74 12.16 6.01 -0.49
CA PRO A 74 13.30 5.19 0.01
C PRO A 74 13.05 3.69 -0.22
N MET A 75 13.81 2.86 0.49
CA MET A 75 13.67 1.40 0.40
C MET A 75 13.07 0.87 1.69
N SER A 76 12.92 1.77 2.66
CA SER A 76 12.36 1.43 3.96
C SER A 76 10.90 1.87 4.03
N ALA A 77 10.52 2.83 3.17
CA ALA A 77 9.16 3.33 3.14
C ALA A 77 8.19 2.26 2.65
N LEU A 78 8.64 1.41 1.74
CA LEU A 78 7.77 0.36 1.25
C LEU A 78 7.43 -0.58 2.40
N LYS A 79 8.46 -0.95 3.15
CA LYS A 79 8.28 -1.83 4.29
C LYS A 79 7.24 -1.23 5.22
N ASP A 80 7.26 0.09 5.32
CA ASP A 80 6.33 0.80 6.18
C ASP A 80 4.92 0.72 5.58
N ALA A 81 4.77 1.24 4.37
CA ALA A 81 3.48 1.23 3.69
C ALA A 81 2.96 -0.19 3.50
N VAL A 82 3.69 -1.01 2.74
CA VAL A 82 3.27 -2.40 2.47
C VAL A 82 2.59 -3.03 3.68
N ARG A 83 2.91 -2.52 4.86
CA ARG A 83 2.32 -3.03 6.09
C ARG A 83 0.91 -2.49 6.26
N ILE A 84 0.81 -1.18 6.26
CA ILE A 84 -0.46 -0.51 6.43
C ILE A 84 -1.55 -1.09 5.52
N LEU A 85 -1.24 -1.37 4.25
CA LEU A 85 -2.26 -1.94 3.37
C LEU A 85 -2.47 -3.41 3.71
N TRP A 86 -1.40 -4.09 4.06
CA TRP A 86 -1.48 -5.51 4.41
C TRP A 86 -2.64 -5.73 5.38
N GLY A 87 -3.08 -4.65 6.02
CA GLY A 87 -4.17 -4.73 6.99
C GLY A 87 -3.62 -5.16 8.35
N GLU A 88 -2.30 -5.06 8.49
CA GLU A 88 -1.63 -5.42 9.74
C GLU A 88 -1.20 -4.16 10.50
N ALA A 89 -1.49 -3.01 9.90
CA ALA A 89 -1.14 -1.72 10.52
C ALA A 89 -1.30 -1.78 12.04
N GLU A 90 -2.17 -2.66 12.51
CA GLU A 90 -2.41 -2.81 13.95
C GLU A 90 -1.10 -3.03 14.69
N VAL A 91 -0.60 -4.25 14.64
CA VAL A 91 0.65 -4.59 15.32
C VAL A 91 1.85 -3.99 14.59
N ASP A 92 1.85 -2.68 14.44
CA ASP A 92 2.95 -2.00 13.77
C ASP A 92 4.16 -1.89 14.68
N SER A 93 3.91 -1.74 15.98
CA SER A 93 4.99 -1.63 16.96
C SER A 93 5.71 -2.96 17.12
N LEU A 94 6.94 -2.91 17.62
CA LEU A 94 7.73 -4.11 17.82
C LEU A 94 7.28 -4.82 19.10
N PRO A 95 7.39 -6.13 19.17
CA PRO A 95 6.97 -6.90 20.39
C PRO A 95 7.92 -6.68 21.56
N GLN A 96 7.66 -5.64 22.34
CA GLN A 96 8.50 -5.32 23.49
C GLN A 96 8.55 -6.52 24.46
N PRO A 97 9.61 -6.67 25.21
CA PRO A 97 9.75 -7.81 26.17
C PRO A 97 8.84 -7.64 27.39
N VAL A 98 9.04 -8.50 28.38
CA VAL A 98 8.23 -8.43 29.60
C VAL A 98 8.62 -7.22 30.44
#